data_4AGA
# 
_entry.id   4AGA 
# 
_audit_conform.dict_name       mmcif_pdbx.dic 
_audit_conform.dict_version    5.398 
_audit_conform.dict_location   http://mmcif.pdb.org/dictionaries/ascii/mmcif_pdbx.dic 
# 
loop_
_database_2.database_id 
_database_2.database_code 
_database_2.pdbx_database_accession 
_database_2.pdbx_DOI 
PDB   4AGA         pdb_00004aga 10.2210/pdb4aga/pdb 
PDBE  EBI-51066    ?            ?                   
WWPDB D_1290051066 ?            ?                   
# 
loop_
_pdbx_audit_revision_history.ordinal 
_pdbx_audit_revision_history.data_content_type 
_pdbx_audit_revision_history.major_revision 
_pdbx_audit_revision_history.minor_revision 
_pdbx_audit_revision_history.revision_date 
1 'Structure model' 1 0 2012-07-18 
2 'Structure model' 1 1 2019-05-08 
3 'Structure model' 1 2 2023-12-20 
4 'Structure model' 1 3 2024-11-13 
# 
_pdbx_audit_revision_details.ordinal             1 
_pdbx_audit_revision_details.revision_ordinal    1 
_pdbx_audit_revision_details.data_content_type   'Structure model' 
_pdbx_audit_revision_details.provider            repository 
_pdbx_audit_revision_details.type                'Initial release' 
_pdbx_audit_revision_details.description         ? 
_pdbx_audit_revision_details.details             ? 
# 
loop_
_pdbx_audit_revision_group.ordinal 
_pdbx_audit_revision_group.revision_ordinal 
_pdbx_audit_revision_group.data_content_type 
_pdbx_audit_revision_group.group 
1 2 'Structure model' 'Data collection'          
2 2 'Structure model' 'Experimental preparation' 
3 2 'Structure model' Other                      
4 3 'Structure model' 'Data collection'          
5 3 'Structure model' 'Database references'      
6 3 'Structure model' 'Derived calculations'     
7 3 'Structure model' Other                      
8 3 'Structure model' 'Refinement description'   
9 4 'Structure model' 'Structure summary'        
# 
loop_
_pdbx_audit_revision_category.ordinal 
_pdbx_audit_revision_category.revision_ordinal 
_pdbx_audit_revision_category.data_content_type 
_pdbx_audit_revision_category.category 
1  2 'Structure model' exptl_crystal_grow            
2  2 'Structure model' pdbx_database_proc            
3  2 'Structure model' pdbx_database_status          
4  3 'Structure model' chem_comp_atom                
5  3 'Structure model' chem_comp_bond                
6  3 'Structure model' citation                      
7  3 'Structure model' database_2                    
8  3 'Structure model' pdbx_database_status          
9  3 'Structure model' pdbx_initial_refinement_model 
10 3 'Structure model' pdbx_struct_conn_angle        
11 3 'Structure model' struct_conn                   
12 3 'Structure model' struct_site                   
13 4 'Structure model' pdbx_entry_details            
14 4 'Structure model' pdbx_modification_feature     
# 
loop_
_pdbx_audit_revision_item.ordinal 
_pdbx_audit_revision_item.revision_ordinal 
_pdbx_audit_revision_item.data_content_type 
_pdbx_audit_revision_item.item 
1  2 'Structure model' '_exptl_crystal_grow.method'                  
2  2 'Structure model' '_pdbx_database_status.recvd_author_approval' 
3  3 'Structure model' '_citation.country'                           
4  3 'Structure model' '_database_2.pdbx_DOI'                        
5  3 'Structure model' '_database_2.pdbx_database_accession'         
6  3 'Structure model' '_pdbx_database_status.status_code_sf'        
7  3 'Structure model' '_pdbx_struct_conn_angle.ptnr1_auth_comp_id'  
8  3 'Structure model' '_pdbx_struct_conn_angle.ptnr1_auth_seq_id'   
9  3 'Structure model' '_pdbx_struct_conn_angle.ptnr1_label_asym_id' 
10 3 'Structure model' '_pdbx_struct_conn_angle.ptnr1_label_atom_id' 
11 3 'Structure model' '_pdbx_struct_conn_angle.ptnr1_label_comp_id' 
12 3 'Structure model' '_pdbx_struct_conn_angle.ptnr1_label_seq_id'  
13 3 'Structure model' '_pdbx_struct_conn_angle.ptnr3_auth_comp_id'  
14 3 'Structure model' '_pdbx_struct_conn_angle.ptnr3_auth_seq_id'   
15 3 'Structure model' '_pdbx_struct_conn_angle.ptnr3_label_asym_id' 
16 3 'Structure model' '_pdbx_struct_conn_angle.ptnr3_label_atom_id' 
17 3 'Structure model' '_pdbx_struct_conn_angle.ptnr3_label_comp_id' 
18 3 'Structure model' '_pdbx_struct_conn_angle.ptnr3_label_seq_id'  
19 3 'Structure model' '_pdbx_struct_conn_angle.value'               
20 3 'Structure model' '_struct_conn.pdbx_dist_value'                
21 3 'Structure model' '_struct_conn.ptnr1_auth_comp_id'             
22 3 'Structure model' '_struct_conn.ptnr1_auth_seq_id'              
23 3 'Structure model' '_struct_conn.ptnr1_label_asym_id'            
24 3 'Structure model' '_struct_conn.ptnr1_label_atom_id'            
25 3 'Structure model' '_struct_conn.ptnr1_label_comp_id'            
26 3 'Structure model' '_struct_conn.ptnr1_label_seq_id'             
27 3 'Structure model' '_struct_conn.ptnr2_auth_comp_id'             
28 3 'Structure model' '_struct_conn.ptnr2_auth_seq_id'              
29 3 'Structure model' '_struct_conn.ptnr2_label_asym_id'            
30 3 'Structure model' '_struct_conn.ptnr2_label_atom_id'            
31 3 'Structure model' '_struct_conn.ptnr2_label_comp_id'            
32 3 'Structure model' '_struct_conn.ptnr2_label_seq_id'             
33 3 'Structure model' '_struct_site.pdbx_auth_asym_id'              
34 3 'Structure model' '_struct_site.pdbx_auth_comp_id'              
35 3 'Structure model' '_struct_site.pdbx_auth_seq_id'               
# 
_pdbx_database_status.status_code                     REL 
_pdbx_database_status.entry_id                        4AGA 
_pdbx_database_status.deposit_site                    PDBE 
_pdbx_database_status.process_site                    PDBE 
_pdbx_database_status.SG_entry                        . 
_pdbx_database_status.recvd_initial_deposition_date   2012-01-25 
_pdbx_database_status.pdb_format_compatible           Y 
_pdbx_database_status.status_code_sf                  REL 
_pdbx_database_status.status_code_mr                  ? 
_pdbx_database_status.status_code_cs                  ? 
_pdbx_database_status.methods_development_category    ? 
_pdbx_database_status.status_code_nmr_data            ? 
# 
loop_
_pdbx_database_related.db_name 
_pdbx_database_related.db_id 
_pdbx_database_related.content_type 
_pdbx_database_related.details 
PDB 1KXX unspecified 'ANALYSIS OF THE STABILIZATION OF HEN LYSOZYME WITH THE HELIX DIPOLE AND CHARGED SIDE CHAINS' 
PDB 2YBI unspecified 'NITRATE X-RAY INDUCED REDUCTION ON HEWL CRYSTALS (6. 62 MGY)' 
PDB 1T6V unspecified 
'CRYSTAL STRUCTURE ANALYSIS OF THE NURSE SHARK NEW ANTIGENRECEPTOR (NAR) VARIABLE DOMAIN IN COMPLEX WITH LYSOZYME' 
PDB 1VDS unspecified 'THE CRYSTAL STRUCTURE OF THE TETRAGONAL FORM OF HEN EGGWHITE LYSOZYME AT 1.6 ANGSTROMS RESOLUTION IN SPACE' 
PDB 1KIR unspecified 'FV MUTANT Y(A 50)S (VL DOMAIN) OF MOUSE MONOCLONAL ANTIBODY D1.3 COMPLEXED WITH HEN EGG WHITE LYSOZYME' 
PDB 1YIL unspecified 'STRUCTURE OF HEN EGG WHITE LYSOZYME SOAKED WITH CU2- XYLYLBICYCLAM' 
PDB 1HEO unspecified 'LYSOZYME MUTANT WITH ILE 55 REPLACED BY VAL (I55V)' 
PDB 1IOR unspecified 'STABILIZATION OF HEN EGG WHITE LYSOZYME BY A CAVITY- FILLINGMUTATION' 
PDB 1LJG unspecified 'CRYSTAL STRUCTURE OF MONOCLINIC LYSOZYME GROWN IN PRESENCEOF 5% GLYCEROL' 
PDB 1JIS unspecified 'CRYSTAL STRUCTURE OF TETRAGONAL LYSOZYME GROWN AT PH 4 .6' 
PDB 2W1M unspecified 
'THE INTERDEPENDENCE OF WAVELENGTH, REDUNDANCY AND DOSE IN SULFUR SAD EXPERIMENTS: 2.070 A WAVELENGTH WITH 2THETA 30 DEGREES DATA' 
PDB 1UIC unspecified 'ANALYSIS OF THE STABILIZATION OF HEN LYSOZYME WITH THE HELIX DIPOLE AND CHARGED SIDE CHAINS' 
PDB 1YKZ unspecified 'EFFECT OF ALCOHOLS ON PROTEIN HYDRATION' 
PDB 1XGQ unspecified 'STRUCTURE FOR ANTIBODY HYHEL-63 Y33V MUTANT COMPLEXED WITHHEN EGG LYSOZYME' 
PDB 2WAR unspecified 'HEN EGG WHITE LYSOZYME E35Q CHITOPENTAOSE COMPLEX' 
PDB 1LJ3 unspecified 'CRYSTAL STRUCTURE OF MONOCLINIC LYSOZYME GROWN AT PH 4 .6' 
PDB 1DPW unspecified 'STRUCTURE OF HEN EGG-WHITE LYSOZYME IN COMPLEX WITH MPD' 
PDB 8LYZ unspecified 'LYSOZYME IODINE-INACTIVATED' 
PDB 2LYO unspecified 'CROSS-LINKED CHICKEN LYSOZYME CRYSTAL IN 90% ACETONITRILE-WATER' 
PDB 1G7H unspecified 
'CRYSTAL STRUCTURE OF HEN EGG WHITE LYSOZYME (HEL) COMPLEXEDWITH THE MUTANT ANTI-HEL MONOCLONAL ANTIBODY D1 .3(VLW92A)' 
PDB 1LKS unspecified 'HEN EGG WHITE LYSOZYME NITRATE' 
PDB 5LYT unspecified 'LYSOZYME (100 KELVIN)' 
PDB 1SFB unspecified 'BINDING OF PENTA-N-ACETYLCHITOPENTAOSE TO HEW LYSOZYME : APOWDER DIFFRACTION STUDY' 
PDB 1IR7 unspecified 'IM MUTANT OF LYSOZYME' 
PDB 1XEI unspecified 'THE CRYSTAL STRUCTURES OF LYSOZYME AT VERY LOW LEVELS OF HYDRATION' 
PDB 1HEL unspecified 'HEN EGG-WHITE LYSOZYME WILD TYPE' 
PDB 1LJF unspecified 'CRYSTAL STRUCTURE OF MONOCLINIC LYSOZYME GROWN IN PRESENCEOF 10% SUCROSE' 
PDB 1F10 unspecified 'CRYSTAL STRUCTURE OF ORTHORHOMBIC LYSOZYME GROWN AT PH 6.5 AT 88% RELATIVE HUMIDITY' 
PDB 1LJK unspecified 'CRYSTAL STRUCTURE OF MONOCLINIC LYSOZYME GROWN IN PRESENCEOF 15% TREHALOSE' 
PDB 6LYT unspecified 'LYSOZYME (298 KELVIN)' 
PDB 4A8B unspecified 'SYMMETRIZED CRYO-EM RECONSTRUCTION OF E. COLI DEGQ 12 -MER IN COMPLEX WITH LYSOZYMES' 
PDB 1ZMY unspecified 'CABBCII-10 VHH FRAMEWORK WITH CDR LOOPS OF CABLYS3 GRAFTEDON IT AND IN COMPLEX WITH HEN EGG WHITE LYSOZYME' 
PDB 2D91 unspecified 'STRUCTURE OF HYPER-VIL-LYSOZYME' 
PDB 2XTH unspecified 'K2PTBR6 BINDING TO LYSOZYME' 
PDB 1LZE unspecified 'LYSOZYME MUTANT WITH TRP 62 REPLACED BY TYR (W62Y) CO-CRYSTALLIZED WITH TRI-N-ACETYL-CHITOTRIOSE (PH 4.7)' 
PDB 1AKI unspecified 'THE STRUCTURE OF THE ORTHORHOMBIC FORM OF HEN EGG- WHITE LYSOZYME AT 1.5 ANGSTROMS RESOLUTION' 
PDB 1YIK unspecified 'STRUCTURE OF HEN EGG WHITE LYSOZYME SOAKED WITH CU- CYCLAM' 
PDB 2D6B unspecified 'NOVEL BROMATE SPECIES TRAPPED WITHIN A PROTEIN CRYSTAL' 
PDB 1LPI unspecified 'HEW LYSOZYME: TRP...NA CATION-PI INTERACTION' 
PDB 1NDG unspecified 'CRYSTAL STRUCTURE OF FAB FRAGMENT OF ANTIBODY HYHEL- 8COMPLEXED WITH ITS ANTIGEN LYSOZYME' 
PDB 1FLW unspecified 'HEN EGG WHITE LYSOZYME MUTANT WITH ALANINE SUBSTITUTED FORGLYCINE' 
PDB 4LYT unspecified 'LYSOZYME (298 KELVIN)' 
PDB 1JIT unspecified 'CRYSTAL STRUCTURE OF TETRAGONAL LYSOZYME GROWN IN PRESENCE30% TREHALOSE' 
PDB 1LZN unspecified 'NEUTRON STRUCTURE OF HEN EGG-WHITE LYSOZYME' 
PDB 1JA2 unspecified 'BINDING OF N-ACETYLGLUCOSAMINE TO CHICKEN EGG LYSOZYME : APOWDER DIFFRACTION STUDY' 
PDB 1WTN unspecified 'THE STRUCTURE OF HEW LYSOZYME ORTHORHOMBIC CRYSTAL GROWTHUNDER A HIGH MAGNETIC FIELD' 
PDB 2FBB unspecified 'CRYSTAL STRUCTURE ANALYSIS OF HEXAGONAL LYSOZYME' 
PDB 2LYM unspecified 'LYSOZYME (1 ATMOSPHERE, 1.4 M NACL)' 
PDB 1LZ9 unspecified 'ANOMALOUS SIGNAL OF SOLVENT BROMINES USED FOR PHASING OF LYSOZYME' 
PDB 1LSE unspecified 'LYSOZYME (295 K)' 
PDB 1LSM unspecified 
'LYSOZYME MUTANT WITH ILE 55 REPLACED BY LEU, SER 91 REPLACED BY THR, AND ASP 101 REPLACED BY SER (I55L ,S91T,D101S)' 
PDB 3LYM unspecified 'LYSOZYME (1000 ATMOSPHERES, 1.4 M NACL)' 
PDB 7LYZ unspecified 'LYSOZYME TRICLINIC CRYSTAL FORM' 
PDB 1T3P unspecified 'HALF-SANDWICH ARENE RUTHENIUM(II)-ENZYME COMPLEX' 
PDB 2BLY unspecified 
;HEWL AFTER A HIGH DOSE X-RAY "BURN"
;
PDB 1B0D unspecified 'STRUCTURAL EFFECTS OF MONOVALENT ANIONS ON POLYMORPHIC LYSOZYME CRYSTALS' 
PDB 1HER unspecified 'LYSOZYME MUTANT WITH THR 40 REPLACED BY SER (T40S)' 
PDB 1IOQ unspecified 'STABILIZATION OF HEN EGG WHITE LYSOZYME BY A CAVITY- FILLINGMUTATION' 
PDB 1NBY unspecified 'CRYSTAL STRUCTURE OF HYHEL-63 COMPLEXED WITH HEL MUTANT K96A' 
PDB 1QIO unspecified 'SPECIFIC CHEMICAL AND STRUCTURAL DAMAGE CAUSED BY INTENSE SYNCHROTRON RADIATION TO HEN EGG WHITE LYSOZYME' 
PDB 1XGP unspecified 'STRUCTURE FOR ANTIBODY HYHEL-63 Y33A MUTANT COMPLEXED WITHHEN EGG LYSOZYME' 
PDB 1PS5 unspecified 'STRUCTURE OF THE MONOCLINIC C2 FORM OF HEN EGG- WHITELYSOZYME AT 2.0 ANGSTROMS RESOLUTION' 
PDB 1GWD unspecified 'TRI-IODIDE DERIVATIVE OF HEN EGG-WHITE LYSOZYME' 
PDB 1V7T unspecified 'TRICLINIC LYSOZYME WITH LOW SOLVENT CONTENT OBTAINED BYPHASE TRANSITION' 
PDB 1H6M unspecified 'COVALENT GLYCOSYL-ENZYME INTERMEDIATE OF HEN EGG WHITE LYSOZYME' 
PDB 1DQJ unspecified 'CRYSTAL STRUCTURE OF THE ANTI-LYSOZYME ANTIBODY HYHEL- 63 COMPLEXED WITH HEN EGG WHITE LYSOZYME' 
PDB 2A7D unspecified 
'ON THE ROUTINE USE OF SOFT X-RAYS IN MACROMOLECULARCRYSTALLOGRAPHY, PART III- THE OPTIMAL DATA COLLECTIONWAVELENGTH' 
PDB 1Z55 unspecified 'EFFECT OF ALCOHOLS ON PROTEIN HYDRATION' 
PDB 2C8P unspecified 'LYSOZYME (60SEC) AND UV LASER EXCITED FLUORESCENCE' 
PDB 1LSB unspecified 'LYSOZYME (180 K)' 
PDB 1FLQ unspecified 'HEN EGG WHITE LYSOZYME MUTANT WITH ALANINE SUBSTITUTED FORGLYCINE' 
PDB 1JJ1 unspecified 'CRYSTAL STRUCTURE OF ORTHORHOMBIC LYSOZYME GROWN AT PH 4.6IN PRESENCE OF 5% SORBITOL' 
PDB 2YBL unspecified 'NITRATE X-RAY INDUCED REDUCTION ON HEWL CRYSTALS (17. 9 MGY)' 
PDB 1YQV unspecified 'THE CRYSTAL STRUCTURE OF THE ANTIBODY FAB HYHEL5 COMPLEXWITH LYSOZYME AT 1.7A RESOLUTION' 
PDB 1HSX unspecified 'LYSOZYME GROWN AT BASIC PH AND ITS LOW HUMIDITY VARIANT' 
PDB 2CDS unspecified LYSOZYME 
PDB 1HF4 unspecified 'STRUCTURAL EFFECTS OF MONOVALENT ANIONS ON POLYMORPHIC LYSOZYME CRYSTALS' 
PDB 1UIB unspecified 'ANALYSIS OF THE STABILIZATION OF HEN LYSOZYME WITH THE HELIX DIPOLE AND CHARGED SIDE CHAINS' 
PDB 1IR9 unspecified 'IM MUTANT OF LYSOZYME' 
PDB 1RJC unspecified 'CRYSTAL STRUCTURE OF THE CAMELID SINGLE DOMAIN ANTIBODY CAB-LYS2 IN COMPLEX WITH HEN EGG WHITE LYSOZYME' 
PDB 1IC4 unspecified 'CRYSTAL STRUCTURE OF HYHEL-10 FV MUTANT(HD32A)-HEN LYSOZYMECOMPLEX' 
PDB 1LJH unspecified 'CRYSTAL STRUCTURE OF MONOCLINIC LYSOZYME GROWN IN PRESENCEOF 5% GLYCEROL' 
PDB 1XEJ unspecified 'THE CRYSTAL STRUCTURES OF LYSOZYME AT VERY LOW LEVELS OF HYDRATION' 
PDB 1JA7 unspecified 'BINDING OF N-ACETYLGLUCOSAMINE TO CHICKEN EGG LYSOZYME : APOWDER DIFFRACTION STUDY' 
PDB 1MEL unspecified 'CRYSTAL STRUCTURE OF A CAMEL SINGLE-DOMAIN VH ANTIBODY FRAGMENT IN COMPLEX WITH LYSOZYME' 
PDB 1RI8 unspecified 'CRYSTAL STRUCTURE OF THE CAMELID SINGLE DOMAIN ANTIBODY1D2L19 IN COMPLEX WITH HEN EGG WHITE LYSOZYME' 
PDB 1C10 unspecified 'CRYSTAL STRUCTURE OF HEW LYSOZYME UNDER PRESSURE OF XENON (8 BAR)' 
PDB 1LYO unspecified 'CROSS-LINKED LYSOZYME CRYSTAL IN NEAT WATER' 
PDB 2XJW unspecified 'LYSOZYME-CO RELEASING MOLECULE ADDUCT' 
PDB 1N4F unspecified 'PARA-ARSANILATE DERIVATIVE OF HEN EGG-WHITE LYSOZYME' 
PDB 2W1Y unspecified 
'THE INTERDEPENDENCE OF WAVELENGTH, REDUNDANCY AND DOSE IN SULFUR SAD EXPERIMENTS: 1.540 A WAVELENGTH 180 IMAGES DATA' 
PDB 1G7M unspecified 
'CRYSTAL STRUCTURE OF HEN EGG WHITE LYSOZYME (HEL) COMPLEXEDWITH THE MUTANT ANTI-HEL MONOCLONAL ANTIBODY D1 .3 (VLW92V)' 
PDB 1SF7 unspecified 'BINDING OF TETRA-N-ACETYLCHITOTETRAOSE TO HEW LYSOZYME : APOWDER DIFFRACTION STUDY' 
PDB 1LSF unspecified 'LYSOZYME (95 K)' 
PDB 1FN5 unspecified 'HEN EGG WHITE LYSOZYME MUTANT WITH ALANINE SUBSTITUTED FORGLYCINE' 
PDB 2D4J unspecified 'TRANSFORMED MONOCLINIC CRYSTAL OF HEN EGG-WHITE LYSOZYMEFROM A HEAVY WATER SOLUTION' 
PDB 1C08 unspecified 'CRYSTAL STRUCTURE OF HYHEL-10 FV-HEN LYSOZYME COMPLEX' 
PDB 3LYZ unspecified LYSOZYME 
PDB 1BVK unspecified 'HUMANIZED ANTI-LYSOZYME FV COMPLEXED WITH LYSOZYME' 
PDB 1UIF unspecified 'ANALYSIS OF THE STABILIZATION OF HEN LYSOZYME WITH THE HELIX DIPOLE AND CHARGED SIDE CHAINS' 
PDB 1VAU unspecified 'XENON DERIVATIVE OF HEN EGG-WHITE LYSOZYME' 
PDB 1LMA unspecified 'LYSOZYME (88 PERCENT HUMIDITY)' 
PDB 1HC0 unspecified 'STRUCTURE OF LYSOZYME WITH PERIODATE' 
PDB 1A2Y unspecified 'HEN EGG WHITE LYSOZYME, D18A MUTANT, IN COMPLEX WITH MOUSE MONOCLONAL ANTIBODY D1.3' 
PDB 4LZT unspecified 'ATOMIC RESOLUTION REFINEMENT OF TRICLINIC HEW LYSOZYME AT 295K' 
PDB 1GXV unspecified 'SOLUTION STRUCTURE OF LYSOZYME AT LOW AND HIGH PRESSURE' 
PDB 1P2C unspecified 'CRYSTAL STRUCTURE ANALYSIS OF AN ANTI-LYSOZYME ANTIBODY' 
PDB 1IC5 unspecified 'CRYSTAL STRUCTURE OF HYHEL-10 FV MUTANT(HD99A)-HEN LYSOZYMECOMPLEX' 
PDB 1UA6 unspecified 'CRYSTAL STRUCTURE OF HYHEL-10 FV MUTANT SFSF COMPLEXED WITHHEN EGG WHITE LYSOZYME COMPLEX' 
PDB 1AT5 unspecified 'HEN EGG WHITE LYSOZYME WITH A SUCCINIMIDE RESIDUE' 
PDB 1VFB unspecified 'FV FRAGMENT OF MOUSE MONOCLONAL ANTIBODY D1.3 COMPLEXED WITH HEN EGG LYSOZYME' 
PDB 1VAT unspecified 'IODINE DERIVATIVE OF HEN EGG-WHITE LYSOZYME' 
PDB 1LJ4 unspecified 'CRYSTAL STRUCTURE OF MONOCLINIC LYSOZYME GROWN AT PH 4.6' 
PDB 1JA4 unspecified 'BINDING OF N-ACETYLGLUCOSAMINE TO CHICKEN EGG LYSOZYME : APOWDER DIFFRACTION STUDY' 
PDB 4LYM unspecified 'LYSOZYME (MUCOPEPTIDE N-ACETYLMURAMYL HYDROLASE)' 
PDB 1FLU unspecified 'HEN EGG WHITE LYSOZYME MUTANT WITH ALANINE SUBSTITUTED FORGLYCINE' 
PDB 1BWH unspecified 'THE 1.8 A STRUCTURE OF GROUND CONTROL GROWN TETRAGONAL HEN EGG WHITE LYSOZYME' 
PDB 2HFM unspecified 'IGG1 FV FRAGMENT (HYHEL-10) AND LYSOZYME COMPLEX ( THEORETICAL MODEL)' 
PDB 1IO5 unspecified 'HYDROGEN AND HYDRATION OF HEN EGG-WHITE LYSOZYME DETERMINEDBY NEUTRON DIFFRACTION' 
PDB 2BPU unspecified 
'THE KEDGE HOLMIUM DERIVATIVE OF HEN EGG-WHITE LYSOZYME AT HIGH RESOLUTION FROM SINGLE WAVELENGTH ANOMALOUS DIFFRACTION' 
PDB 1LZB unspecified 'LYSOZYME CO-CRYSTALLIZED WITH TRI-N-ACETYL-CHITOTRIOSE (PH 4.7)' 
PDB 1LSC unspecified 'LYSOZYME (250 K)' 
PDB 1W6Z unspecified 'HIGH ENERGY TATRAGONAL LYSOZYME X-RAY STRUCTURE' 
PDB 2YBN unspecified 'NITRATE X-RAY INDUCED REDUCTION ON HEWL CRYSTALS (28. 6 MGY)' 
PDB 3LYO unspecified 'CROSS-LINKED CHICKEN LYSOZYME CRYSTAL IN 95% ACETONITRILE-WATER' 
PDB 4LYO unspecified 'CROSS-LINKED CHICKEN LYSOZYME CRYSTAL IN NEAT ACETONITRILE, THEN BACK-SOAKED IN WATER' 
PDB 1KIP unspecified 'FV MUTANT Y(B 32)A (VH DOMAIN) OF MOUSE MONOCLONAL ANTIBODY D1.3 COMPLEXED WITH HEN EGG WHITE LYSOZYME' 
PDB 1IC7 unspecified 'CRYSTAL STRUCTURE OF HYHEL-10 FV MUTANT(HD32A99A)- HENLYSOZYME COMPLEX' 
PDB 1LZT unspecified 'LYSOZYME , TRICLINIC CRYSTAL FORM' 
PDB 2XBR unspecified 'RAMAN CRYSTALLOGRAPHY OF HEN WHITE EGG LYSOZYME - LOW X-RAY DOSE (0.2 MGY)' 
PDB 1LYS unspecified LYSOZYME 
PDB 1BWJ unspecified 'THE 1.8 A STRUCTURE OF MICROGRAVITY GROWN TETRAGONAL HEN EGG WHITE LYSOZYME' 
PDB 1E8L unspecified 'NMR SOLUTION STRUCTURE OF HEN LYSOZYME' 
PDB 132L unspecified LYSOZYME 
PDB 1SFG unspecified 'BINDING OF HEXA-N-ACETYLCHITOHEXAOSE: A POWDER DIFFRACTIONSTUDY' 
PDB 1KXW unspecified 'ANALYSIS OF THE STABILIZATION OF HEN LYSOZYME WITH THE HELIX DIPOLE AND CHARGED SIDE CHAINS' 
PDB 2X0A unspecified 
'MPD-LYSOZYME STRUCTURE AT 55.5 KEV USING A TRIXXEL CSI-ASI BASED DIGITAL IMAGER AND THE NEW ESRF U22 UNDULATOR SOURCE AT ID15' 
PDB 2C8O unspecified 'LYSOZYME (1SEC) AND UV LASR EXCITED FLUORESCENCE' 
PDB 1G7L unspecified 
'CRYSTAL STRUCTURE OF HEN EGG WHITE LYSOZYME (HEL) COMPLEXEDWITH THE MUTANT ANTI-HEL MONOCLONAL ANTIBODY D1 .3 (VLW92S)' 
PDB 1SF4 unspecified 
;BINDING OF N,N'-DIACETYLCHITOBIOSE TO HEW LYSOZYME: APOWDER DIFFRACTION STUDY
;
PDB 1YL1 unspecified 'EFFECT OF ALCOHOLS ON PROTEIN HYDRATION' 
PDB 1H87 unspecified 'GADOLINIUM DERIVATIVE OF TETRAGONAL HEN EGG-WHITE LYSOZYME AT 1.7 A RESOLUTION' 
PDB 3LYT unspecified 'LYSOZYME (100 KELVIN)' 
PDB 1IOT unspecified 'STABILIZATION OF HEN EGG WHITE LYSOZYME BY A CAVITY- FILLINGMUTATION' 
PDB 1DPX unspecified 'STRUCTURE OF HEN EGG-WHITE LYSOZYME' 
PDB 1V7S unspecified 'TRICLINIC HEN LYSOZYME CRYSTALLIZED AT 313K FROM A D2OSOLUTION' 
PDB 1JA6 unspecified 'BINDING OF N-ACETYLGLUCOSAMINE TO CHICKEN EGG LYSOZYME : APOWDER DIFFRACTION STUDY' 
PDB 1IR8 unspecified 'IM MUTANT OF LYSOZYME' 
PDB 1UIE unspecified 'ANALYSIS OF THE STABILIZATION OF HEN LYSOZYME WITH THE HELIX DIPOLE AND CHARGED SIDE CHAINS' 
PDB 1LJI unspecified 'CRYSTAL STRUCTURE OF MONOCLINIC LYSOZYME GROWN IN PRESENCE10% SORBITOL' 
PDB 1BWI unspecified 'THE 1.8 A STRUCTURE OF MICROBATCH OIL DROP GROWN TETRAGONAL HEN EGG WHITE LYSOZYME' 
PDB 2IFF unspecified 'IGG1 FAB FRAGMENT (HYHEL-5) COMPLEXED WITH LYSOZYME MUTANT WITH ARG 68 REPLACED BY LYS (R68K)' 
PDB 4A8A unspecified 'ASYMMETRIC CRYO-EM RECONSTRUCTION OF E. COLI DEGQ 12- MER IN COMPLEX WITH LYSOZYME' 
PDB 1JJ0 unspecified 'CRYSTAL STRUCTURE OF TETRAGONAL LYSOZYME GROWN IN PRESENCEOF 30% SUCROSE' 
PDB 1RFP unspecified 'ANALYSIS OF THE STABILIZATION OF HEN LYSOZYME WITH THE HELIX DIPOLE AND CHARGED SIDE CHAINS' 
PDB 1JIY unspecified 'CRYSTAL STRUCTURE OF TETRAGONAL LYSOZYME GROWN IN PRESENCE20% SORBITOL' 
PDB 1IEE unspecified 
'STRUCTURE OF TETRAGONAL HEN EGG WHITE LYSOZYME AT 0. 94 AFROM CRYSTALS GROWN BY THE COUNTER-DIFFUSION METHOD' 
PDB 1XEK unspecified 'THE CRYSTAL STRUCTURES OF LYSOZYME AT VERY LOW LEVELS OF HYDRATION' 
PDB 1AT6 unspecified 'HEN EGG WHITE LYSOZYME WITH A ISOASPARTATE RESIDUE' 
PDB 2YDG unspecified 'ASCORBATE CO-CRYSTALLIZED HEWL.' 
PDB 1MLC unspecified 'MONOCLONAL ANTIBODY FAB D44.1 RAISED AGAINST CHICKEN EGG-WHITE LYSOZYME COMPLEXED WITH LYSOZYME' 
PDB 2B5Z unspecified 'HEN LYSOZYME CHEMICALLY GLYCOSYLATED' 
PDB 193L unspecified 'THE 1.33 A STRUCTURE OF TETRAGONAL HEN EGG WHITE LYSOZYME' 
PDB 1LSZ unspecified 'LYSOZYME MUTANT WITH ASP 52 REPLACED BY SER (D52S) COMPLEXED WITH GLCNAC4 (TETRA-N-ACETYL CHITOTETRAOSE)' 
PDB 2YBM unspecified 'NITRATE X-RAY INDUCED REDUCTION ON HEWL CRYSTALS (23. 3 MGY)' 
PDB 1SQ2 unspecified 
'CRYSTAL STRUCTURE ANALYSIS OF THE NURSE SHARK NEW ANTIGENRECEPTOR (NAR) VARIABLE DOMAIN IN COMPLEX WITH LYXOZYME' 
PDB 2YBH unspecified 'NITRATE X-RAY INDUCED REDUCTION ON HEWL CRYSTALS (2. 31 MGY).' 
PDB 1VDQ unspecified 'THE CRYSTAL STRUCTURE OF THE ORTHORHOMBIC FORM OF HEN EGGWHITE LYSOZYME AT 1.5 ANGSTROMS RESOLUTION' 
PDB 1LJE unspecified 'CRYSTAL STRUCTURE OF MONOCLINIC LYSOZYME GROWN IN PRESENCEOF 10% SUCROSE' 
PDB 1B2K unspecified 'STRUCTURAL EFFECTS OF MONOVALENT ANIONS ON POLYMORPHIC LYSOZYME CRYSTALS' 
PDB 2YBJ unspecified 'NITRATE X-RAY INDUCED REDUCTION ON HEWL CRYSTALS (12. 31 MGY).' 
PDB 9LYZ unspecified 'LYSOZYME (NAM-NAG-NAM SUBSTRATE ONLY)' 
PDB 1UIA unspecified 'ANALYSIS OF THE STABILIZATION OF HEN LYSOZYME WITH THE HELIX DIPOLE AND CHARGED SIDE CHAINS' 
PDB 1HEN unspecified 'LYSOZYME MUTANT WITH ILE 55 REPLACED BY VAL AND SER 91 REPLACED BY THR (I55V,S91T)' 
PDB 1XFP unspecified 'CRYSTAL STRUCTURE OF THE CDR2 GERMLINE REVERSION MUTANT OFCAB-LYS3 IN COMPLEX WITH HEN EGG WHITE LYSOZYME' 
PDB 1LSD unspecified 'LYSOZYME (280 K)' 
PDB 2BLX unspecified 
;HEWL BEFORE A HIGH DOSE X-RAY "BURN"
;
PDB 6LYZ unspecified LYSOZYME 
PDB 1NBZ unspecified 'CRYSTAL STRUCTURE OF HYHEL-63 COMPLEXED WITH HEL MUTANT K96A' 
PDB 1LSG unspecified 
;MOL_ID: 1; MOLECULE: LYSOZYME MODIFIED WITH HUMAN FIBRINOGEN GAMMA; CHAIN: NULL; ENGINEERED; THE 14- RESIDUE C-TERMINUS (RESIDUES 398 - 411) OF THE HUMAN FIBRINOGEN GAMMA CHAIN FUSED TO THE C-TERMINUS OF CHICKEN EGG WHITE LYSOZYME; MUTATION: N-TERM MET
;
PDB 3HFM unspecified 'IGG1 FAB FRAGMENT (HYHEL-10) AND LYSOZYME COMPLEX' 
PDB 1VED unspecified 
'THE CRYSTAL STRUCTURE OF THE ORTHORHOMBIC FORM OF HEN EGGWHITE LYSOZYME AT 1.9 ANGSTROMS RESOLUTION IN SPACE' 
PDB 1LYZ unspecified LYSOZYME 
PDB 1UUZ unspecified 'IVY:A NEW FAMILY OF PROTEIN' 
PDB 2XBS unspecified 'RAMAN CRYSTALLOGRAPHY OF HEN WHITE EGG LYSOZYME - HIGH X-RAY DOSE (16 MGY)' 
PDB 2D4I unspecified 'MONOCLINIC HEN EGG-WHITE LYSOZYME CRYSTALLIZED AT PH4. 5FORM HEAVY WATER SOLUTION' 
PDB 1FDL unspecified 'IGG1 FAB FRAGMENT (ANTI-LYSOZYME ANTIBODY D1.3, KAPPA ) - LYSOZYME COMPLEX' 
PDB 1GXX unspecified 'SOLUTION STRUCTURE OF LYSOZYME AT LOW AND HIGH PRESSURE' 
PDB 1LZH unspecified 'LYSOZYME (MONOCLINIC)' 
PDB 1JJ3 unspecified 'CRYSTAL STRUCTURE OF MONOCLINIC LYSOZYME GROWN AT PH 4 .6' 
PDB 1YKY unspecified 'EFFECT OF ALCOHOLS ON PROTEIN HYDRATION' 
PDB 1KIQ unspecified 'FV MUTANT Y(B 101)F (VH DOMAIN) OF MOUSE MONOCLONAL ANTIBODY D1.3 COMPLEXED WITH HEN EGG WHITE LYSOZYME' 
PDB 1HEQ unspecified 'LYSOZYME MUTANT WITH THR 40 REPLACED BY SER AND SER 91 REPLACED BY THR (T40S,S91T)' 
PDB 1UIH unspecified 'ANALYSIS OF THE STABILIZATION OF HEN LYSOZYME WITH THE HELIX DIPOLE AND CHARGED SIDE CHAINS' 
PDB 2LZH unspecified 'LYSOZYME (ORTHORHOMBIC)' 
PDB 1KXY unspecified 'ANALYSIS OF THE STABILIZATION OF HEN LYSOZYME WITH THE HELIX DIPOLE AND CHARGED SIDE CHAINS' 
PDB 2W1L unspecified 
'THE INTERDEPENDENCE OF WAVELENGTH, REDUNDANCY AND DOSE IN SULFUR SAD EXPERIMENTS: 0.979 A WAVELENGTH 991 IMAGES DATA' 
PDB 1G7J unspecified 
'CRYSTAL STRUCTURE OF HEN EGG WHITE LYSOZYME (HEL) COMPLEXEDWITH THE MUTANT ANTI-HEL MONOCLONAL ANTIBODY D1 .3 (VLW92H)' 
PDB 1BHZ unspecified 'LOW TEMPERATURE MIDDLE RESOLUTION STRUCTURE OF HEN EGG WHITE LYSOZYME FROM MASC DATA' 
PDB 1WTM unspecified 
;X-RAY STRUCTURE OF HEW LYSOZYME ORTHORHOMBIC CRYSTAL FORMEDIN THE EARTH'S MAGNETIC FIELD
;
PDB 1HEP unspecified 
'LYSOZYME MUTANT WITH THR 40 REPLACED BY SER, ILE 55 REPLACED BY VAL, AND SER 91 REPLACED BY THR (T40S ,I55V,S91T)' 
PDB 1JTT unspecified 'DEGENERATE INTERFACES IN ANTIGEN-ANTIBODY COMPLEXES' 
PDB 1LZA unspecified LYSOZYME 
PDB 3ZVQ unspecified 'CRYSTAL STRUCTURE OF PROTEOLYZED LYSOZYME' 
PDB 1JPO unspecified 'LOW TEMPERATURE ORTHORHOMBIC LYSOZYME' 
PDB 1J1P unspecified 'CRYSTAL STRUCTURE OF HYHEL-10 FV MUTANT LS91A COMPLEXEDWITH HEN EGG WHITE LYSOZYME' 
PDB 1LJJ unspecified 'CRYSTAL STRUCTURE OF MONOCLINIC LYSOZYME GROWN IN PRESENCEOF 10% TREHALOSE' 
PDB 1F0W unspecified 'CRYSTAL STRUCTURE OF ORTHORHOMBIC LYSOZYME GROWN AT PH 6.5' 
PDB 2W1X unspecified 
'THE INTERDEPENDENCE OF WAVELENGTH, REDUNDANCY AND DOSE IN SULFUR SAD EXPERIMENTS: 1.284 A WAVELENGTH 360 IMAGES DATA' 
PDB 1LZG unspecified 'LYSOZYME MUTANT WITH TRP 62 REPLACED BY PHE (W62F) CO-CRYSTALLIZED WITH TRI-N-ACETYL-CHITOTRIOSE (PH 4. 7)' 
PDB 1LZC unspecified 'LYSOZYME CO-CRYSTALLIZED WITH TETRA-N-ACETYL- CHITOTETRAOSE (PH 4.7)' 
PDB 1RCM unspecified 'LYSOZYME (PARTIALLY REDUCED, CARBOXYMETHYLATED (6,127-RCM ))' 
PDB 1UID unspecified 'ANALYSIS OF THE STABILIZATION OF HEN LYSOZYME WITH THE HELIX DIPOLE AND CHARGED SIDE CHAINS' 
PDB 1BGI unspecified 'ORTHORHOMBIC LYSOZYME CRYSTALLIZED AT HIGH TEMPERATURE ( 310K)' 
PDB 1LZD unspecified 'LYSOZYME MUTANT WITH TRP 62 REPLACED BY TYR (W62Y)' 
PDB 1LCN unspecified 'MONOCLINIC HEN EGG WHITE LYSOZYME, THIOCYANATE COMPLEX' 
PDB 1HEW unspecified 'LYSOZYME COMPLEXED WITH THE INHIBITOR TRI-N- ACETYLCHITOTRIOSE' 
PDB 2VB1 unspecified 'HEWL AT 0.65 ANGSTROM RESOLUTION' 
PDB 2AUB unspecified 'LYSOZYME STRUCTURE DERIVED FROM THIN-FILM-BASED CRYSTALS' 
PDB 1J1X unspecified 'CRYSTAL STRUCTURE OF HYHEL-10 FV MUTANT LS93A COMPLEXEDWITH HEN EGG WHITE LYSOZYME' 
PDB 1IOS unspecified 'STABILIZATION OF HEN EGG WHITE LYSOZYME BY A CAVITY- FILLINGMUTATION' 
PDB 2CGI unspecified 
'SIRAS STRUCTURE OF TETRAGONAL LYSOSYME USING DERIVATIVE DATA COLLECTED AT THE HIGH ENERGY REMOTE HOLMIUM KEDGE' 
PDB 1UC0 unspecified 
;CRYSTAL STRUCTURE OF WILD-TYPE HEN-EGG WHITE LYSOZYMESINGLY LABELED WITH 2',3'-EPOXYPROPYL BETA- GLYCOSIDE OF N-ACETYLLACTOSAMINE
;
PDB 1AZF unspecified 'CHICKEN EGG WHITE LYSOZYME CRYSTAL GROWN IN BROMIDE SOLUTION' 
PDB 4LYZ unspecified LYSOZYME 
PDB 1GPQ unspecified 'STRUCTURE OF IVY COMPLEXED WITH ITS TARGET, HEWL' 
PDB 2A6U unspecified 'PH EVOLUTION OF TETRAGONAL HEWL AT 4 DEGREES CELCIUS.' 
PDB 2D4K unspecified 'MONOCLINIC HEN EGG-WHITE LYSOZYME CRYSTALLIZED AT 313K' 
PDB 1BVX unspecified 'THE 1.8 A STRUCTURE OF GEL GROWN TETRAGONAL HEN EGG WHITE LYSOZYME' 
PDB 1UIG unspecified 'ANALYSIS OF THE STABILIZATION OF HEN LYSOZYME WITH THE HELIX DIPOLE AND CHARGED SIDE CHAINS' 
PDB 4A7D unspecified 'X-RAY CRYSTAL STRUCTURE OF HEWL FLASH-COOLED AT HIGH PRESSURE' 
PDB 1QTK unspecified 'CRYSTAL STRUCTURE OF HEW LYSOZYME UNDER PRESSURE OF KRYPTON (55 BAR)' 
PDB 1LKR unspecified 'MONOCLINIC HEN EGG WHITE LYSOZYME IODIDE' 
PDB 1HSW unspecified 'LYSOZYME (MUCOPEPTIDE N-ACETYLMURAMYL HYDROLASE)' 
PDB 1JTO unspecified 'DEGENERATE INTERFACES IN ANTIGEN-ANTIBODY COMPLEXES' 
PDB 5LYZ unspecified LYSOZYME 
PDB 3LZT unspecified 'REFINEMENT OF TRICLINIC LYSOZYME AT ATOMIC RESOLUTION' 
PDB 1NDM unspecified 'CRYSTAL STRUCTURE OF FAB FRAGMENT OF ANTIBODY HYHEL- 26COMPLEXED WITH LYSOZYME' 
PDB 1SF6 unspecified 
;BINDING OF N,N',N"-TRIACETYLCHITOTRIOSE TO HEW LYSOZYME: APOWDER DIFFRACTION STUDY
;
PDB 2LYZ unspecified LYSOZYME 
PDB 1FLY unspecified 'HEN EGG WHITE LYSOZYME MUTANT WITH ALANINE SUBSTITUTED FORGLYCINE' 
PDB 1YL0 unspecified 'EFFECT OF ALCOHOLS ON PROTEIN HYDRATION' 
PDB 1J1O unspecified 'CRYSTAL STRUCTURE OF HYHEL-10 FV MUTANT LY50F COMPLEXEDWITH HEN EGG WHITE LYSOZYME' 
PDB 2LZT unspecified 'LYSOZYME , TRICLINIC CRYSTAL FORM' 
PDB 1LSY unspecified 'LYSOZYME MUTANT WITH ASP 52 REPLACED BY SER (D52S)' 
PDB 1UCO unspecified 'HEN EGG-WHITE LYSOZYME, LOW HUMIDITY FORM' 
PDB 5LYM unspecified 'MOL_ID: 1; MOLECULE: LYSOZYME; CHAIN: A, B; EC: 3.2 .1.17' 
PDB 1LSA unspecified 'LYSOZYME (120 K)' 
PDB 1HEM unspecified 'LYSOZYME MUTANT WITH SER 91 REPLACED BY THR (S91T)' 
PDB 1F3J unspecified 'HISTOCOMPATIBILITY ANTIGEN I-AG7' 
PDB 2A7F unspecified 
'ON THE ROUTINE USE OF SOFT X-RAYS IN MACROMOLECULARCRYSTALLOGRAPHY, PART III- THE OPTIMAL DATA COLLECTIONWAVELENGTH' 
PDB 194L unspecified 'THE 1.40 A STRUCTURE OF SPACEHAB-01 HEN EGG WHITE LYSOZYME' 
PDB 1LZ8 unspecified 'LYSOZYME PHASED ON ANOMALOUS SIGNAL OF SULFURS AND CHLORINES' 
PDB 1YKX unspecified 'EFFECT OF ALCOHOLS ON PROTEIN HYDRATION' 
PDB 1VDT unspecified 
'THE CRYSTAL STRUCTURE OF THE TETRAGONAL FORM OF HEN EGGWHITE LYSOZYME AT 1.7 ANGSTROMS RESOLUTION UNDER BASICCONDITIONS IN SPACE' 
PDB 1LSN unspecified 'LYSOZYME MUTANT WITH SER 91 REPLACED BY ALA (S91A)' 
PDB 1G7I unspecified 
'CRYSTAL STRUCTURE OF HEN EGG WHITE LYSOZYME (HEL) COMPLEXEDWITH THE MUTANT ANTI-HEL MONOCLONAL ANTIBODY D1 .3 (VLW92F)' 
PDB 1VDP unspecified 'THE CRYSTAL STRUCTURE OF THE MONOCLINIC FORM OF HEN EGGWHITE LYSOZYME AT 1.7 ANGSTROMS RESOLUTION IN SPACE' 
# 
loop_
_audit_author.name 
_audit_author.pdbx_ordinal 
'Mukhopadhyay, A.' 1 
'Carvalho, A.L.'   2 
'Romao, M.J.'      3 
# 
_citation.id                        primary 
_citation.title                     
'Hofmeister Effects of Ionic Liquids in Protein Crystallization: Direct and Water-Mediated Interactions' 
_citation.journal_abbrev            Cryst.Eng.Comm. 
_citation.journal_volume            14 
_citation.page_first                4912 
_citation.page_last                 ? 
_citation.year                      2012 
_citation.journal_id_ASTM           ? 
_citation.country                   UK 
_citation.journal_id_ISSN           1466-8033 
_citation.journal_id_CSD            ? 
_citation.book_publisher            ? 
_citation.pdbx_database_id_PubMed   ? 
_citation.pdbx_database_id_DOI      10.1039/C2CE25129A 
# 
loop_
_citation_author.citation_id 
_citation_author.name 
_citation_author.ordinal 
_citation_author.identifier_ORCID 
primary 'Kowacz, M.'          1 ? 
primary 'Mukhopadhyay, A.'    2 ? 
primary 'Carvalho, A.L.'      3 ? 
primary 'Esperanca, J.M.S.S.' 4 ? 
primary 'Romao, M.J.'         5 ? 
primary 'Rebelo, L.P.N.'      6 ? 
# 
loop_
_entity.id 
_entity.type 
_entity.src_method 
_entity.pdbx_description 
_entity.formula_weight 
_entity.pdbx_number_of_molecules 
_entity.pdbx_ec 
_entity.pdbx_mutation 
_entity.pdbx_fragment 
_entity.details 
1 polymer     nat 'LYSOZYME C'   14331.160 1   3.2.1.17 ? ? ? 
2 non-polymer syn 'CHLORIDE ION' 35.453    1   ?        ? ? ? 
3 non-polymer syn 'SODIUM ION'   22.990    1   ?        ? ? ? 
4 non-polymer syn 'CHOLINE ION'  104.171   1   ?        ? ? ? 
5 non-polymer syn 'ACETATE ION'  59.044    1   ?        ? ? ? 
6 water       nat water          18.015    171 ?        ? ? ? 
# 
_entity_name_com.entity_id   1 
_entity_name_com.name        '1,4-BETA-N-ACETYLMURAMIDASE C, ALLERGEN GAL D IV, GAL D 4' 
# 
_entity_poly.entity_id                      1 
_entity_poly.type                           'polypeptide(L)' 
_entity_poly.nstd_linkage                   no 
_entity_poly.nstd_monomer                   no 
_entity_poly.pdbx_seq_one_letter_code       
;KVFGRCELAAAMKRHGLDNYRGYSLGNWVCAAKFESNFNTQATNRNTDGSTDYGILQINSRWWCNDGRTPGSRNLCNIPC
SALLSSDITASVNCAKKIVSDGNGMNAWVAWRNRCKGTDVQAWIRGCRL
;
_entity_poly.pdbx_seq_one_letter_code_can   
;KVFGRCELAAAMKRHGLDNYRGYSLGNWVCAAKFESNFNTQATNRNTDGSTDYGILQINSRWWCNDGRTPGSRNLCNIPC
SALLSSDITASVNCAKKIVSDGNGMNAWVAWRNRCKGTDVQAWIRGCRL
;
_entity_poly.pdbx_strand_id                 A 
_entity_poly.pdbx_target_identifier         ? 
# 
loop_
_pdbx_entity_nonpoly.entity_id 
_pdbx_entity_nonpoly.name 
_pdbx_entity_nonpoly.comp_id 
2 'CHLORIDE ION' CL  
3 'SODIUM ION'   NA  
4 'CHOLINE ION'  CHT 
5 'ACETATE ION'  ACT 
6 water          HOH 
# 
loop_
_entity_poly_seq.entity_id 
_entity_poly_seq.num 
_entity_poly_seq.mon_id 
_entity_poly_seq.hetero 
1 1   LYS n 
1 2   VAL n 
1 3   PHE n 
1 4   GLY n 
1 5   ARG n 
1 6   CYS n 
1 7   GLU n 
1 8   LEU n 
1 9   ALA n 
1 10  ALA n 
1 11  ALA n 
1 12  MET n 
1 13  LYS n 
1 14  ARG n 
1 15  HIS n 
1 16  GLY n 
1 17  LEU n 
1 18  ASP n 
1 19  ASN n 
1 20  TYR n 
1 21  ARG n 
1 22  GLY n 
1 23  TYR n 
1 24  SER n 
1 25  LEU n 
1 26  GLY n 
1 27  ASN n 
1 28  TRP n 
1 29  VAL n 
1 30  CYS n 
1 31  ALA n 
1 32  ALA n 
1 33  LYS n 
1 34  PHE n 
1 35  GLU n 
1 36  SER n 
1 37  ASN n 
1 38  PHE n 
1 39  ASN n 
1 40  THR n 
1 41  GLN n 
1 42  ALA n 
1 43  THR n 
1 44  ASN n 
1 45  ARG n 
1 46  ASN n 
1 47  THR n 
1 48  ASP n 
1 49  GLY n 
1 50  SER n 
1 51  THR n 
1 52  ASP n 
1 53  TYR n 
1 54  GLY n 
1 55  ILE n 
1 56  LEU n 
1 57  GLN n 
1 58  ILE n 
1 59  ASN n 
1 60  SER n 
1 61  ARG n 
1 62  TRP n 
1 63  TRP n 
1 64  CYS n 
1 65  ASN n 
1 66  ASP n 
1 67  GLY n 
1 68  ARG n 
1 69  THR n 
1 70  PRO n 
1 71  GLY n 
1 72  SER n 
1 73  ARG n 
1 74  ASN n 
1 75  LEU n 
1 76  CYS n 
1 77  ASN n 
1 78  ILE n 
1 79  PRO n 
1 80  CYS n 
1 81  SER n 
1 82  ALA n 
1 83  LEU n 
1 84  LEU n 
1 85  SER n 
1 86  SER n 
1 87  ASP n 
1 88  ILE n 
1 89  THR n 
1 90  ALA n 
1 91  SER n 
1 92  VAL n 
1 93  ASN n 
1 94  CYS n 
1 95  ALA n 
1 96  LYS n 
1 97  LYS n 
1 98  ILE n 
1 99  VAL n 
1 100 SER n 
1 101 ASP n 
1 102 GLY n 
1 103 ASN n 
1 104 GLY n 
1 105 MET n 
1 106 ASN n 
1 107 ALA n 
1 108 TRP n 
1 109 VAL n 
1 110 ALA n 
1 111 TRP n 
1 112 ARG n 
1 113 ASN n 
1 114 ARG n 
1 115 CYS n 
1 116 LYS n 
1 117 GLY n 
1 118 THR n 
1 119 ASP n 
1 120 VAL n 
1 121 GLN n 
1 122 ALA n 
1 123 TRP n 
1 124 ILE n 
1 125 ARG n 
1 126 GLY n 
1 127 CYS n 
1 128 ARG n 
1 129 LEU n 
# 
_entity_src_nat.entity_id                  1 
_entity_src_nat.pdbx_src_id                1 
_entity_src_nat.pdbx_alt_source_flag       sample 
_entity_src_nat.pdbx_beg_seq_num           ? 
_entity_src_nat.pdbx_end_seq_num           ? 
_entity_src_nat.common_name                CHICKEN 
_entity_src_nat.pdbx_organism_scientific   'GALLUS GALLUS' 
_entity_src_nat.pdbx_ncbi_taxonomy_id      9031 
_entity_src_nat.genus                      ? 
_entity_src_nat.species                    ? 
_entity_src_nat.strain                     ? 
_entity_src_nat.tissue                     ? 
_entity_src_nat.tissue_fraction            ? 
_entity_src_nat.pdbx_secretion             ? 
_entity_src_nat.pdbx_fragment              ? 
_entity_src_nat.pdbx_variant               ? 
_entity_src_nat.pdbx_cell_line             ? 
_entity_src_nat.pdbx_atcc                  ? 
_entity_src_nat.pdbx_cellular_location     ? 
_entity_src_nat.pdbx_organ                 EGG 
_entity_src_nat.pdbx_organelle             ? 
_entity_src_nat.pdbx_cell                  ? 
_entity_src_nat.pdbx_plasmid_name          ? 
_entity_src_nat.pdbx_plasmid_details       ? 
_entity_src_nat.details                    ? 
# 
loop_
_chem_comp.id 
_chem_comp.type 
_chem_comp.mon_nstd_flag 
_chem_comp.name 
_chem_comp.pdbx_synonyms 
_chem_comp.formula 
_chem_comp.formula_weight 
ACT non-polymer         . 'ACETATE ION'   ? 'C2 H3 O2 -1'    59.044  
ALA 'L-peptide linking' y ALANINE         ? 'C3 H7 N O2'     89.093  
ARG 'L-peptide linking' y ARGININE        ? 'C6 H15 N4 O2 1' 175.209 
ASN 'L-peptide linking' y ASPARAGINE      ? 'C4 H8 N2 O3'    132.118 
ASP 'L-peptide linking' y 'ASPARTIC ACID' ? 'C4 H7 N O4'     133.103 
CHT non-polymer         . 'CHOLINE ION'   ? 'C5 H14 N O 1'   104.171 
CL  non-polymer         . 'CHLORIDE ION'  ? 'Cl -1'          35.453  
CYS 'L-peptide linking' y CYSTEINE        ? 'C3 H7 N O2 S'   121.158 
GLN 'L-peptide linking' y GLUTAMINE       ? 'C5 H10 N2 O3'   146.144 
GLU 'L-peptide linking' y 'GLUTAMIC ACID' ? 'C5 H9 N O4'     147.129 
GLY 'peptide linking'   y GLYCINE         ? 'C2 H5 N O2'     75.067  
HIS 'L-peptide linking' y HISTIDINE       ? 'C6 H10 N3 O2 1' 156.162 
HOH non-polymer         . WATER           ? 'H2 O'           18.015  
ILE 'L-peptide linking' y ISOLEUCINE      ? 'C6 H13 N O2'    131.173 
LEU 'L-peptide linking' y LEUCINE         ? 'C6 H13 N O2'    131.173 
LYS 'L-peptide linking' y LYSINE          ? 'C6 H15 N2 O2 1' 147.195 
MET 'L-peptide linking' y METHIONINE      ? 'C5 H11 N O2 S'  149.211 
NA  non-polymer         . 'SODIUM ION'    ? 'Na 1'           22.990  
PHE 'L-peptide linking' y PHENYLALANINE   ? 'C9 H11 N O2'    165.189 
PRO 'L-peptide linking' y PROLINE         ? 'C5 H9 N O2'     115.130 
SER 'L-peptide linking' y SERINE          ? 'C3 H7 N O3'     105.093 
THR 'L-peptide linking' y THREONINE       ? 'C4 H9 N O3'     119.119 
TRP 'L-peptide linking' y TRYPTOPHAN      ? 'C11 H12 N2 O2'  204.225 
TYR 'L-peptide linking' y TYROSINE        ? 'C9 H11 N O3'    181.189 
VAL 'L-peptide linking' y VALINE          ? 'C5 H11 N O2'    117.146 
# 
loop_
_pdbx_poly_seq_scheme.asym_id 
_pdbx_poly_seq_scheme.entity_id 
_pdbx_poly_seq_scheme.seq_id 
_pdbx_poly_seq_scheme.mon_id 
_pdbx_poly_seq_scheme.ndb_seq_num 
_pdbx_poly_seq_scheme.pdb_seq_num 
_pdbx_poly_seq_scheme.auth_seq_num 
_pdbx_poly_seq_scheme.pdb_mon_id 
_pdbx_poly_seq_scheme.auth_mon_id 
_pdbx_poly_seq_scheme.pdb_strand_id 
_pdbx_poly_seq_scheme.pdb_ins_code 
_pdbx_poly_seq_scheme.hetero 
A 1 1   LYS 1   1   1   LYS LYS A . n 
A 1 2   VAL 2   2   2   VAL VAL A . n 
A 1 3   PHE 3   3   3   PHE PHE A . n 
A 1 4   GLY 4   4   4   GLY GLY A . n 
A 1 5   ARG 5   5   5   ARG ARG A . n 
A 1 6   CYS 6   6   6   CYS CYS A . n 
A 1 7   GLU 7   7   7   GLU GLU A . n 
A 1 8   LEU 8   8   8   LEU LEU A . n 
A 1 9   ALA 9   9   9   ALA ALA A . n 
A 1 10  ALA 10  10  10  ALA ALA A . n 
A 1 11  ALA 11  11  11  ALA ALA A . n 
A 1 12  MET 12  12  12  MET MET A . n 
A 1 13  LYS 13  13  13  LYS LYS A . n 
A 1 14  ARG 14  14  14  ARG ARG A . n 
A 1 15  HIS 15  15  15  HIS HIS A . n 
A 1 16  GLY 16  16  16  GLY GLY A . n 
A 1 17  LEU 17  17  17  LEU LEU A . n 
A 1 18  ASP 18  18  18  ASP ASP A . n 
A 1 19  ASN 19  19  19  ASN ASN A . n 
A 1 20  TYR 20  20  20  TYR TYR A . n 
A 1 21  ARG 21  21  21  ARG ARG A . n 
A 1 22  GLY 22  22  22  GLY GLY A . n 
A 1 23  TYR 23  23  23  TYR TYR A . n 
A 1 24  SER 24  24  24  SER SER A . n 
A 1 25  LEU 25  25  25  LEU LEU A . n 
A 1 26  GLY 26  26  26  GLY GLY A . n 
A 1 27  ASN 27  27  27  ASN ASN A . n 
A 1 28  TRP 28  28  28  TRP TRP A . n 
A 1 29  VAL 29  29  29  VAL VAL A . n 
A 1 30  CYS 30  30  30  CYS CYS A . n 
A 1 31  ALA 31  31  31  ALA ALA A . n 
A 1 32  ALA 32  32  32  ALA ALA A . n 
A 1 33  LYS 33  33  33  LYS LYS A . n 
A 1 34  PHE 34  34  34  PHE PHE A . n 
A 1 35  GLU 35  35  35  GLU GLU A . n 
A 1 36  SER 36  36  36  SER SER A . n 
A 1 37  ASN 37  37  37  ASN ASN A . n 
A 1 38  PHE 38  38  38  PHE PHE A . n 
A 1 39  ASN 39  39  39  ASN ASN A . n 
A 1 40  THR 40  40  40  THR THR A . n 
A 1 41  GLN 41  41  41  GLN GLN A . n 
A 1 42  ALA 42  42  42  ALA ALA A . n 
A 1 43  THR 43  43  43  THR THR A . n 
A 1 44  ASN 44  44  44  ASN ASN A . n 
A 1 45  ARG 45  45  45  ARG ARG A . n 
A 1 46  ASN 46  46  46  ASN ASN A . n 
A 1 47  THR 47  47  47  THR THR A . n 
A 1 48  ASP 48  48  48  ASP ASP A . n 
A 1 49  GLY 49  49  49  GLY GLY A . n 
A 1 50  SER 50  50  50  SER SER A . n 
A 1 51  THR 51  51  51  THR THR A . n 
A 1 52  ASP 52  52  52  ASP ASP A . n 
A 1 53  TYR 53  53  53  TYR TYR A . n 
A 1 54  GLY 54  54  54  GLY GLY A . n 
A 1 55  ILE 55  55  55  ILE ILE A . n 
A 1 56  LEU 56  56  56  LEU LEU A . n 
A 1 57  GLN 57  57  57  GLN GLN A . n 
A 1 58  ILE 58  58  58  ILE ILE A . n 
A 1 59  ASN 59  59  59  ASN ASN A . n 
A 1 60  SER 60  60  60  SER SER A . n 
A 1 61  ARG 61  61  61  ARG ARG A . n 
A 1 62  TRP 62  62  62  TRP TRP A . n 
A 1 63  TRP 63  63  63  TRP TRP A . n 
A 1 64  CYS 64  64  64  CYS CYS A . n 
A 1 65  ASN 65  65  65  ASN ASN A . n 
A 1 66  ASP 66  66  66  ASP ASP A . n 
A 1 67  GLY 67  67  67  GLY GLY A . n 
A 1 68  ARG 68  68  68  ARG ARG A . n 
A 1 69  THR 69  69  69  THR THR A . n 
A 1 70  PRO 70  70  70  PRO PRO A . n 
A 1 71  GLY 71  71  71  GLY GLY A . n 
A 1 72  SER 72  72  72  SER SER A . n 
A 1 73  ARG 73  73  73  ARG ARG A . n 
A 1 74  ASN 74  74  74  ASN ASN A . n 
A 1 75  LEU 75  75  75  LEU LEU A . n 
A 1 76  CYS 76  76  76  CYS CYS A . n 
A 1 77  ASN 77  77  77  ASN ASN A . n 
A 1 78  ILE 78  78  78  ILE ILE A . n 
A 1 79  PRO 79  79  79  PRO PRO A . n 
A 1 80  CYS 80  80  80  CYS CYS A . n 
A 1 81  SER 81  81  81  SER SER A . n 
A 1 82  ALA 82  82  82  ALA ALA A . n 
A 1 83  LEU 83  83  83  LEU LEU A . n 
A 1 84  LEU 84  84  84  LEU LEU A . n 
A 1 85  SER 85  85  85  SER SER A . n 
A 1 86  SER 86  86  86  SER SER A . n 
A 1 87  ASP 87  87  87  ASP ASP A . n 
A 1 88  ILE 88  88  88  ILE ILE A . n 
A 1 89  THR 89  89  89  THR THR A . n 
A 1 90  ALA 90  90  90  ALA ALA A . n 
A 1 91  SER 91  91  91  SER SER A . n 
A 1 92  VAL 92  92  92  VAL VAL A . n 
A 1 93  ASN 93  93  93  ASN ASN A . n 
A 1 94  CYS 94  94  94  CYS CYS A . n 
A 1 95  ALA 95  95  95  ALA ALA A . n 
A 1 96  LYS 96  96  96  LYS LYS A . n 
A 1 97  LYS 97  97  97  LYS LYS A . n 
A 1 98  ILE 98  98  98  ILE ILE A . n 
A 1 99  VAL 99  99  99  VAL VAL A . n 
A 1 100 SER 100 100 100 SER SER A . n 
A 1 101 ASP 101 101 101 ASP ASP A . n 
A 1 102 GLY 102 102 102 GLY GLY A . n 
A 1 103 ASN 103 103 103 ASN ASN A . n 
A 1 104 GLY 104 104 104 GLY GLY A . n 
A 1 105 MET 105 105 105 MET MET A . n 
A 1 106 ASN 106 106 106 ASN ASN A . n 
A 1 107 ALA 107 107 107 ALA ALA A . n 
A 1 108 TRP 108 108 108 TRP TRP A . n 
A 1 109 VAL 109 109 109 VAL VAL A . n 
A 1 110 ALA 110 110 110 ALA ALA A . n 
A 1 111 TRP 111 111 111 TRP TRP A . n 
A 1 112 ARG 112 112 112 ARG ARG A . n 
A 1 113 ASN 113 113 113 ASN ASN A . n 
A 1 114 ARG 114 114 114 ARG ARG A . n 
A 1 115 CYS 115 115 115 CYS CYS A . n 
A 1 116 LYS 116 116 116 LYS LYS A . n 
A 1 117 GLY 117 117 117 GLY GLY A . n 
A 1 118 THR 118 118 118 THR THR A . n 
A 1 119 ASP 119 119 119 ASP ASP A . n 
A 1 120 VAL 120 120 120 VAL VAL A . n 
A 1 121 GLN 121 121 121 GLN GLN A . n 
A 1 122 ALA 122 122 122 ALA ALA A . n 
A 1 123 TRP 123 123 123 TRP TRP A . n 
A 1 124 ILE 124 124 124 ILE ILE A . n 
A 1 125 ARG 125 125 125 ARG ARG A . n 
A 1 126 GLY 126 126 126 GLY GLY A . n 
A 1 127 CYS 127 127 127 CYS CYS A . n 
A 1 128 ARG 128 128 128 ARG ARG A . n 
A 1 129 LEU 129 129 129 LEU LEU A . n 
# 
loop_
_pdbx_nonpoly_scheme.asym_id 
_pdbx_nonpoly_scheme.entity_id 
_pdbx_nonpoly_scheme.mon_id 
_pdbx_nonpoly_scheme.ndb_seq_num 
_pdbx_nonpoly_scheme.pdb_seq_num 
_pdbx_nonpoly_scheme.auth_seq_num 
_pdbx_nonpoly_scheme.pdb_mon_id 
_pdbx_nonpoly_scheme.auth_mon_id 
_pdbx_nonpoly_scheme.pdb_strand_id 
_pdbx_nonpoly_scheme.pdb_ins_code 
B 2 CL  1   130  130  CL  CL  A . 
C 3 NA  1   131  131  NA  NA  A . 
D 4 CHT 1   1130 1130 CHT CHT A . 
E 5 ACT 1   1131 1131 ACT ACT A . 
F 6 HOH 1   2001 2001 HOH HOH A . 
F 6 HOH 2   2002 2002 HOH HOH A . 
F 6 HOH 3   2003 2003 HOH HOH A . 
F 6 HOH 4   2004 2004 HOH HOH A . 
F 6 HOH 5   2005 2005 HOH HOH A . 
F 6 HOH 6   2006 2006 HOH HOH A . 
F 6 HOH 7   2007 2007 HOH HOH A . 
F 6 HOH 8   2008 2008 HOH HOH A . 
F 6 HOH 9   2009 2009 HOH HOH A . 
F 6 HOH 10  2010 2010 HOH HOH A . 
F 6 HOH 11  2011 2011 HOH HOH A . 
F 6 HOH 12  2012 2012 HOH HOH A . 
F 6 HOH 13  2013 2013 HOH HOH A . 
F 6 HOH 14  2014 2014 HOH HOH A . 
F 6 HOH 15  2015 2015 HOH HOH A . 
F 6 HOH 16  2016 2016 HOH HOH A . 
F 6 HOH 17  2017 2017 HOH HOH A . 
F 6 HOH 18  2018 2018 HOH HOH A . 
F 6 HOH 19  2019 2019 HOH HOH A . 
F 6 HOH 20  2020 2020 HOH HOH A . 
F 6 HOH 21  2021 2021 HOH HOH A . 
F 6 HOH 22  2022 2022 HOH HOH A . 
F 6 HOH 23  2023 2023 HOH HOH A . 
F 6 HOH 24  2024 2024 HOH HOH A . 
F 6 HOH 25  2025 2025 HOH HOH A . 
F 6 HOH 26  2026 2026 HOH HOH A . 
F 6 HOH 27  2027 2027 HOH HOH A . 
F 6 HOH 28  2028 2028 HOH HOH A . 
F 6 HOH 29  2029 2029 HOH HOH A . 
F 6 HOH 30  2030 2030 HOH HOH A . 
F 6 HOH 31  2031 2031 HOH HOH A . 
F 6 HOH 32  2032 2032 HOH HOH A . 
F 6 HOH 33  2033 2033 HOH HOH A . 
F 6 HOH 34  2034 2034 HOH HOH A . 
F 6 HOH 35  2035 2035 HOH HOH A . 
F 6 HOH 36  2036 2036 HOH HOH A . 
F 6 HOH 37  2037 2037 HOH HOH A . 
F 6 HOH 38  2038 2038 HOH HOH A . 
F 6 HOH 39  2039 2039 HOH HOH A . 
F 6 HOH 40  2040 2040 HOH HOH A . 
F 6 HOH 41  2041 2041 HOH HOH A . 
F 6 HOH 42  2042 2042 HOH HOH A . 
F 6 HOH 43  2043 2043 HOH HOH A . 
F 6 HOH 44  2044 2044 HOH HOH A . 
F 6 HOH 45  2045 2045 HOH HOH A . 
F 6 HOH 46  2046 2046 HOH HOH A . 
F 6 HOH 47  2047 2047 HOH HOH A . 
F 6 HOH 48  2048 2048 HOH HOH A . 
F 6 HOH 49  2049 2049 HOH HOH A . 
F 6 HOH 50  2050 2050 HOH HOH A . 
F 6 HOH 51  2051 2051 HOH HOH A . 
F 6 HOH 52  2052 2052 HOH HOH A . 
F 6 HOH 53  2053 2053 HOH HOH A . 
F 6 HOH 54  2054 2054 HOH HOH A . 
F 6 HOH 55  2055 2055 HOH HOH A . 
F 6 HOH 56  2056 2056 HOH HOH A . 
F 6 HOH 57  2057 2057 HOH HOH A . 
F 6 HOH 58  2058 2058 HOH HOH A . 
F 6 HOH 59  2059 2059 HOH HOH A . 
F 6 HOH 60  2060 2060 HOH HOH A . 
F 6 HOH 61  2061 2061 HOH HOH A . 
F 6 HOH 62  2062 2062 HOH HOH A . 
F 6 HOH 63  2063 2063 HOH HOH A . 
F 6 HOH 64  2064 2064 HOH HOH A . 
F 6 HOH 65  2065 2065 HOH HOH A . 
F 6 HOH 66  2066 2066 HOH HOH A . 
F 6 HOH 67  2067 2067 HOH HOH A . 
F 6 HOH 68  2068 2068 HOH HOH A . 
F 6 HOH 69  2069 2069 HOH HOH A . 
F 6 HOH 70  2070 2070 HOH HOH A . 
F 6 HOH 71  2071 2071 HOH HOH A . 
F 6 HOH 72  2072 2072 HOH HOH A . 
F 6 HOH 73  2073 2073 HOH HOH A . 
F 6 HOH 74  2074 2074 HOH HOH A . 
F 6 HOH 75  2075 2075 HOH HOH A . 
F 6 HOH 76  2076 2076 HOH HOH A . 
F 6 HOH 77  2077 2077 HOH HOH A . 
F 6 HOH 78  2078 2078 HOH HOH A . 
F 6 HOH 79  2079 2079 HOH HOH A . 
F 6 HOH 80  2080 2080 HOH HOH A . 
F 6 HOH 81  2081 2081 HOH HOH A . 
F 6 HOH 82  2082 2082 HOH HOH A . 
F 6 HOH 83  2083 2083 HOH HOH A . 
F 6 HOH 84  2084 2084 HOH HOH A . 
F 6 HOH 85  2085 2085 HOH HOH A . 
F 6 HOH 86  2086 2086 HOH HOH A . 
F 6 HOH 87  2087 2087 HOH HOH A . 
F 6 HOH 88  2088 2088 HOH HOH A . 
F 6 HOH 89  2089 2089 HOH HOH A . 
F 6 HOH 90  2090 2090 HOH HOH A . 
F 6 HOH 91  2091 2091 HOH HOH A . 
F 6 HOH 92  2092 2092 HOH HOH A . 
F 6 HOH 93  2093 2093 HOH HOH A . 
F 6 HOH 94  2094 2094 HOH HOH A . 
F 6 HOH 95  2095 2095 HOH HOH A . 
F 6 HOH 96  2096 2096 HOH HOH A . 
F 6 HOH 97  2097 2097 HOH HOH A . 
F 6 HOH 98  2098 2098 HOH HOH A . 
F 6 HOH 99  2099 2099 HOH HOH A . 
F 6 HOH 100 2100 2100 HOH HOH A . 
F 6 HOH 101 2101 2101 HOH HOH A . 
F 6 HOH 102 2102 2102 HOH HOH A . 
F 6 HOH 103 2103 2103 HOH HOH A . 
F 6 HOH 104 2104 2104 HOH HOH A . 
F 6 HOH 105 2105 2105 HOH HOH A . 
F 6 HOH 106 2106 2106 HOH HOH A . 
F 6 HOH 107 2107 2107 HOH HOH A . 
F 6 HOH 108 2108 2108 HOH HOH A . 
F 6 HOH 109 2109 2109 HOH HOH A . 
F 6 HOH 110 2110 2110 HOH HOH A . 
F 6 HOH 111 2111 2111 HOH HOH A . 
F 6 HOH 112 2112 2112 HOH HOH A . 
F 6 HOH 113 2113 2113 HOH HOH A . 
F 6 HOH 114 2114 2114 HOH HOH A . 
F 6 HOH 115 2115 2115 HOH HOH A . 
F 6 HOH 116 2116 2116 HOH HOH A . 
F 6 HOH 117 2117 2117 HOH HOH A . 
F 6 HOH 118 2118 2118 HOH HOH A . 
F 6 HOH 119 2119 2119 HOH HOH A . 
F 6 HOH 120 2120 2120 HOH HOH A . 
F 6 HOH 121 2121 2121 HOH HOH A . 
F 6 HOH 122 2122 2122 HOH HOH A . 
F 6 HOH 123 2123 2123 HOH HOH A . 
F 6 HOH 124 2124 2124 HOH HOH A . 
F 6 HOH 125 2125 2125 HOH HOH A . 
F 6 HOH 126 2126 2126 HOH HOH A . 
F 6 HOH 127 2127 2127 HOH HOH A . 
F 6 HOH 128 2128 2128 HOH HOH A . 
F 6 HOH 129 2129 2129 HOH HOH A . 
F 6 HOH 130 2130 2130 HOH HOH A . 
F 6 HOH 131 2131 2131 HOH HOH A . 
F 6 HOH 132 2132 2132 HOH HOH A . 
F 6 HOH 133 2133 2133 HOH HOH A . 
F 6 HOH 134 2134 2134 HOH HOH A . 
F 6 HOH 135 2135 2135 HOH HOH A . 
F 6 HOH 136 2136 2136 HOH HOH A . 
F 6 HOH 137 2137 2137 HOH HOH A . 
F 6 HOH 138 2138 2138 HOH HOH A . 
F 6 HOH 139 2139 2139 HOH HOH A . 
F 6 HOH 140 2140 2140 HOH HOH A . 
F 6 HOH 141 2141 2141 HOH HOH A . 
F 6 HOH 142 2142 2142 HOH HOH A . 
F 6 HOH 143 2143 2143 HOH HOH A . 
F 6 HOH 144 2144 2144 HOH HOH A . 
F 6 HOH 145 2145 2145 HOH HOH A . 
F 6 HOH 146 2146 2146 HOH HOH A . 
F 6 HOH 147 2147 2147 HOH HOH A . 
F 6 HOH 148 2148 2148 HOH HOH A . 
F 6 HOH 149 2149 2149 HOH HOH A . 
F 6 HOH 150 2150 2150 HOH HOH A . 
F 6 HOH 151 2151 2151 HOH HOH A . 
F 6 HOH 152 2152 2152 HOH HOH A . 
F 6 HOH 153 2153 2153 HOH HOH A . 
F 6 HOH 154 2154 2154 HOH HOH A . 
F 6 HOH 155 2155 2155 HOH HOH A . 
F 6 HOH 156 2156 2156 HOH HOH A . 
F 6 HOH 157 2157 2157 HOH HOH A . 
F 6 HOH 158 2158 2158 HOH HOH A . 
F 6 HOH 159 2159 2159 HOH HOH A . 
F 6 HOH 160 2160 2160 HOH HOH A . 
F 6 HOH 161 2161 2161 HOH HOH A . 
F 6 HOH 162 2162 2162 HOH HOH A . 
F 6 HOH 163 2163 2163 HOH HOH A . 
F 6 HOH 164 2164 2164 HOH HOH A . 
F 6 HOH 165 2165 2165 HOH HOH A . 
F 6 HOH 166 2166 2166 HOH HOH A . 
F 6 HOH 167 2167 2167 HOH HOH A . 
F 6 HOH 168 2168 2168 HOH HOH A . 
F 6 HOH 169 2169 2169 HOH HOH A . 
F 6 HOH 170 2170 2170 HOH HOH A . 
F 6 HOH 171 2171 2171 HOH HOH A . 
# 
loop_
_software.name 
_software.classification 
_software.version 
_software.citation_id 
_software.pdbx_ordinal 
REFMAC refinement       5.5.0109 ? 1 
XDS    'data reduction' .        ? 2 
XDS    'data scaling'   .        ? 3 
REFMAC phasing          .        ? 4 
# 
_cell.entry_id           4AGA 
_cell.length_a           78.350 
_cell.length_b           78.350 
_cell.length_c           36.900 
_cell.angle_alpha        90.00 
_cell.angle_beta         90.00 
_cell.angle_gamma        90.00 
_cell.Z_PDB              8 
_cell.pdbx_unique_axis   ? 
# 
_symmetry.entry_id                         4AGA 
_symmetry.space_group_name_H-M             'P 43 21 2' 
_symmetry.pdbx_full_space_group_name_H-M   ? 
_symmetry.cell_setting                     ? 
_symmetry.Int_Tables_number                96 
# 
_exptl.entry_id          4AGA 
_exptl.method            'X-RAY DIFFRACTION' 
_exptl.crystals_number   1 
# 
_exptl_crystal.id                    1 
_exptl_crystal.density_meas          ? 
_exptl_crystal.density_Matthews      1.98 
_exptl_crystal.density_percent_sol   38.1 
_exptl_crystal.description           ? 
# 
_exptl_crystal_grow.crystal_id      1 
_exptl_crystal_grow.method          'VAPOR DIFFUSION, SITTING DROP' 
_exptl_crystal_grow.temp            ? 
_exptl_crystal_grow.temp_details    ? 
_exptl_crystal_grow.pH              4.5 
_exptl_crystal_grow.pdbx_pH_range   ? 
_exptl_crystal_grow.pdbx_details    
;CHICKEN EGG WHITE LYSOZYME (FLUKA) HAS BEEN DISSOLVED IN 50 MM SODIUM ACETATE BUFFER PH 4.57 AND CRYSTALLIZED BY SITTING DROP DIFFUSION METHOD. EACH DROP CONTAINED 20 MG/ML OF LYSOZYME AND 5.5 PERCENT OF NACL IN 25 MM OF NA[AC] PH 4.57
;
# 
_diffrn.id                     1 
_diffrn.ambient_temp           63 
_diffrn.ambient_temp_details   ? 
_diffrn.crystal_id             1 
# 
_diffrn_detector.diffrn_id              1 
_diffrn_detector.detector               CCD 
_diffrn_detector.type                   'ADSC QUANTUM 315r' 
_diffrn_detector.pdbx_collection_date   2011-11-10 
_diffrn_detector.details                ? 
# 
_diffrn_radiation.diffrn_id                        1 
_diffrn_radiation.wavelength_id                    1 
_diffrn_radiation.pdbx_monochromatic_or_laue_m_l   M 
_diffrn_radiation.monochromator                    ? 
_diffrn_radiation.pdbx_diffrn_protocol             'SINGLE WAVELENGTH' 
_diffrn_radiation.pdbx_scattering_type             x-ray 
# 
_diffrn_radiation_wavelength.id           1 
_diffrn_radiation_wavelength.wavelength   0.8856 
_diffrn_radiation_wavelength.wt           1.0 
# 
_diffrn_source.diffrn_id                   1 
_diffrn_source.source                      SYNCHROTRON 
_diffrn_source.type                        'SOLEIL BEAMLINE PROXIMA 1' 
_diffrn_source.pdbx_synchrotron_site       SOLEIL 
_diffrn_source.pdbx_synchrotron_beamline   'PROXIMA 1' 
_diffrn_source.pdbx_wavelength             0.8856 
_diffrn_source.pdbx_wavelength_list        ? 
# 
_reflns.pdbx_diffrn_id               1 
_reflns.pdbx_ordinal                 1 
_reflns.entry_id                     4AGA 
_reflns.observed_criterion_sigma_I   -3.0 
_reflns.observed_criterion_sigma_F   ? 
_reflns.d_resolution_low             39.17 
_reflns.d_resolution_high            1.50 
_reflns.number_obs                   20915 
_reflns.number_all                   ? 
_reflns.percent_possible_obs         99.6 
_reflns.pdbx_Rmerge_I_obs            0.06 
_reflns.pdbx_Rsym_value              ? 
_reflns.pdbx_netI_over_sigmaI        19.33 
_reflns.B_iso_Wilson_estimate        24.394 
_reflns.pdbx_redundancy              6.35 
_reflns.pdbx_CC_half                 ? 
# 
_reflns_shell.pdbx_diffrn_id         1 
_reflns_shell.pdbx_ordinal           1 
_reflns_shell.d_res_high             1.50 
_reflns_shell.d_res_low              1.51 
_reflns_shell.percent_possible_all   100.0 
_reflns_shell.Rmerge_I_obs           0.60 
_reflns_shell.pdbx_Rsym_value        ? 
_reflns_shell.meanI_over_sigI_obs    3.19 
_reflns_shell.pdbx_redundancy        6.38 
_reflns_shell.number_measured_obs    ? 
_reflns_shell.number_unique_all      ? 
_reflns_shell.pdbx_CC_half           ? 
# 
_refine.pdbx_refine_id                           'X-RAY DIFFRACTION' 
_refine.entry_id                                 4AGA 
_refine.pdbx_diffrn_id                           1 
_refine.pdbx_TLS_residual_ADP_flag               ? 
_refine.ls_number_reflns_obs                     17978 
_refine.ls_number_reflns_all                     ? 
_refine.pdbx_ls_sigma_I                          ? 
_refine.pdbx_ls_sigma_F                          . 
_refine.pdbx_data_cutoff_high_absF               ? 
_refine.pdbx_data_cutoff_low_absF                ? 
_refine.pdbx_data_cutoff_high_rms_absF           ? 
_refine.ls_d_res_low                             39.17 
_refine.ls_d_res_high                            1.50 
_refine.ls_percent_reflns_obs                    100.00 
_refine.ls_R_factor_obs                          0.16971 
_refine.ls_R_factor_all                          ? 
_refine.ls_R_factor_R_work                       0.16755 
_refine.ls_R_factor_R_free                       0.21094 
_refine.ls_R_factor_R_free_error                 ? 
_refine.ls_R_factor_R_free_error_details         ? 
_refine.ls_percent_reflns_R_free                 5.0 
_refine.ls_number_reflns_R_free                  947 
_refine.ls_number_parameters                     ? 
_refine.ls_number_restraints                     ? 
_refine.occupancy_min                            ? 
_refine.occupancy_max                            ? 
_refine.correlation_coeff_Fo_to_Fc               0.967 
_refine.correlation_coeff_Fo_to_Fc_free          0.932 
_refine.B_iso_mean                               19.991 
_refine.aniso_B[1][1]                            0.15 
_refine.aniso_B[2][2]                            0.15 
_refine.aniso_B[3][3]                            -0.30 
_refine.aniso_B[1][2]                            0.00 
_refine.aniso_B[1][3]                            0.00 
_refine.aniso_B[2][3]                            0.00 
_refine.solvent_model_details                    MASK 
_refine.solvent_model_param_ksol                 ? 
_refine.solvent_model_param_bsol                 ? 
_refine.pdbx_solvent_vdw_probe_radii             1.40 
_refine.pdbx_solvent_ion_probe_radii             0.80 
_refine.pdbx_solvent_shrinkage_radii             0.80 
_refine.pdbx_ls_cross_valid_method               THROUGHOUT 
_refine.details                                  'HYDROGENS HAVE BEEN ADDED IN THE RIDING POSITIONS.' 
_refine.pdbx_starting_model                      'PDB ENTRY 193L' 
_refine.pdbx_method_to_determine_struct          'MOLECULAR REPLACEMENT' 
_refine.pdbx_isotropic_thermal_model             ? 
_refine.pdbx_stereochemistry_target_values       'MAXIMUM LIKELIHOOD' 
_refine.pdbx_stereochem_target_val_spec_case     ? 
_refine.pdbx_R_Free_selection_details            RANDOM 
_refine.pdbx_overall_ESU_R                       0.079 
_refine.pdbx_overall_ESU_R_Free                  0.084 
_refine.overall_SU_ML                            0.052 
_refine.pdbx_overall_phase_error                 ? 
_refine.overall_SU_B                             1.384 
_refine.overall_SU_R_Cruickshank_DPI             ? 
_refine.pdbx_overall_SU_R_free_Cruickshank_DPI   ? 
_refine.pdbx_overall_SU_R_Blow_DPI               ? 
_refine.pdbx_overall_SU_R_free_Blow_DPI          ? 
# 
_refine_hist.pdbx_refine_id                   'X-RAY DIFFRACTION' 
_refine_hist.cycle_id                         LAST 
_refine_hist.pdbx_number_atoms_protein        1001 
_refine_hist.pdbx_number_atoms_nucleic_acid   0 
_refine_hist.pdbx_number_atoms_ligand         13 
_refine_hist.number_atoms_solvent             171 
_refine_hist.number_atoms_total               1185 
_refine_hist.d_res_high                       1.50 
_refine_hist.d_res_low                        39.17 
# 
loop_
_refine_ls_restr.type 
_refine_ls_restr.dev_ideal 
_refine_ls_restr.dev_ideal_target 
_refine_ls_restr.weight 
_refine_ls_restr.number 
_refine_ls_restr.pdbx_refine_id 
_refine_ls_restr.pdbx_restraint_function 
r_bond_refined_d             0.024  0.021  ? 1091 'X-RAY DIFFRACTION' ? 
r_bond_other_d               ?      ?      ? ?    'X-RAY DIFFRACTION' ? 
r_angle_refined_deg          2.161  1.916  ? 1484 'X-RAY DIFFRACTION' ? 
r_angle_other_deg            ?      ?      ? ?    'X-RAY DIFFRACTION' ? 
r_dihedral_angle_1_deg       6.210  5.000  ? 140  'X-RAY DIFFRACTION' ? 
r_dihedral_angle_2_deg       35.722 22.545 ? 55   'X-RAY DIFFRACTION' ? 
r_dihedral_angle_3_deg       15.827 15.000 ? 188  'X-RAY DIFFRACTION' ? 
r_dihedral_angle_4_deg       20.255 15.000 ? 14   'X-RAY DIFFRACTION' ? 
r_chiral_restr               0.157  0.200  ? 154  'X-RAY DIFFRACTION' ? 
r_gen_planes_refined         0.013  0.020  ? 845  'X-RAY DIFFRACTION' ? 
r_gen_planes_other           ?      ?      ? ?    'X-RAY DIFFRACTION' ? 
r_nbd_refined                ?      ?      ? ?    'X-RAY DIFFRACTION' ? 
r_nbd_other                  ?      ?      ? ?    'X-RAY DIFFRACTION' ? 
r_nbtor_refined              ?      ?      ? ?    'X-RAY DIFFRACTION' ? 
r_nbtor_other                ?      ?      ? ?    'X-RAY DIFFRACTION' ? 
r_xyhbond_nbd_refined        ?      ?      ? ?    'X-RAY DIFFRACTION' ? 
r_xyhbond_nbd_other          ?      ?      ? ?    'X-RAY DIFFRACTION' ? 
r_metal_ion_refined          ?      ?      ? ?    'X-RAY DIFFRACTION' ? 
r_metal_ion_other            ?      ?      ? ?    'X-RAY DIFFRACTION' ? 
r_symmetry_vdw_refined       ?      ?      ? ?    'X-RAY DIFFRACTION' ? 
r_symmetry_vdw_other         ?      ?      ? ?    'X-RAY DIFFRACTION' ? 
r_symmetry_hbond_refined     ?      ?      ? ?    'X-RAY DIFFRACTION' ? 
r_symmetry_hbond_other       ?      ?      ? ?    'X-RAY DIFFRACTION' ? 
r_symmetry_metal_ion_refined ?      ?      ? ?    'X-RAY DIFFRACTION' ? 
r_symmetry_metal_ion_other   ?      ?      ? ?    'X-RAY DIFFRACTION' ? 
r_mcbond_it                  1.325  1.500  ? 658  'X-RAY DIFFRACTION' ? 
r_mcbond_other               ?      ?      ? ?    'X-RAY DIFFRACTION' ? 
r_mcangle_it                 2.131  2.000  ? 1055 'X-RAY DIFFRACTION' ? 
r_mcangle_other              ?      ?      ? ?    'X-RAY DIFFRACTION' ? 
r_scbond_it                  3.347  3.000  ? 433  'X-RAY DIFFRACTION' ? 
r_scbond_other               ?      ?      ? ?    'X-RAY DIFFRACTION' ? 
r_scangle_it                 5.153  4.500  ? 423  'X-RAY DIFFRACTION' ? 
r_scangle_other              ?      ?      ? ?    'X-RAY DIFFRACTION' ? 
r_long_range_B_refined       ?      ?      ? ?    'X-RAY DIFFRACTION' ? 
r_long_range_B_other         ?      ?      ? ?    'X-RAY DIFFRACTION' ? 
r_rigid_bond_restr           ?      ?      ? ?    'X-RAY DIFFRACTION' ? 
r_sphericity_free            ?      ?      ? ?    'X-RAY DIFFRACTION' ? 
r_sphericity_bonded          ?      ?      ? ?    'X-RAY DIFFRACTION' ? 
# 
_refine_ls_shell.pdbx_refine_id                   'X-RAY DIFFRACTION' 
_refine_ls_shell.pdbx_total_number_of_bins_used   20 
_refine_ls_shell.d_res_high                       1.500 
_refine_ls_shell.d_res_low                        1.539 
_refine_ls_shell.number_reflns_R_work             1314 
_refine_ls_shell.R_factor_R_work                  0.229 
_refine_ls_shell.percent_reflns_obs               100.00 
_refine_ls_shell.R_factor_R_free                  0.301 
_refine_ls_shell.R_factor_R_free_error            ? 
_refine_ls_shell.percent_reflns_R_free            ? 
_refine_ls_shell.number_reflns_R_free             70 
_refine_ls_shell.number_reflns_all                ? 
_refine_ls_shell.R_factor_all                     ? 
_refine_ls_shell.R_factor_obs                     ? 
_refine_ls_shell.number_reflns_obs                ? 
# 
_struct.entry_id                  4AGA 
_struct.title                     
'Hofmeister effects of ionic liquids in protein crystallization: direct and water-mediated interactions' 
_struct.pdbx_model_details        ? 
_struct.pdbx_CASP_flag            ? 
_struct.pdbx_model_type_details   ? 
# 
_struct_keywords.entry_id        4AGA 
_struct_keywords.pdbx_keywords   HYDROLASE 
_struct_keywords.text            HYDROLASE 
# 
loop_
_struct_asym.id 
_struct_asym.pdbx_blank_PDB_chainid_flag 
_struct_asym.pdbx_modified 
_struct_asym.entity_id 
_struct_asym.details 
A N N 1 ? 
B N N 2 ? 
C N N 3 ? 
D N N 4 ? 
E N N 5 ? 
F N N 6 ? 
# 
_struct_ref.id                         1 
_struct_ref.db_name                    UNP 
_struct_ref.db_code                    LYSC_CHICK 
_struct_ref.entity_id                  1 
_struct_ref.pdbx_seq_one_letter_code   ? 
_struct_ref.pdbx_align_begin           ? 
_struct_ref.pdbx_db_accession          P00698 
_struct_ref.pdbx_db_isoform            ? 
# 
_struct_ref_seq.align_id                      1 
_struct_ref_seq.ref_id                        1 
_struct_ref_seq.pdbx_PDB_id_code              4AGA 
_struct_ref_seq.pdbx_strand_id                A 
_struct_ref_seq.seq_align_beg                 1 
_struct_ref_seq.pdbx_seq_align_beg_ins_code   ? 
_struct_ref_seq.seq_align_end                 129 
_struct_ref_seq.pdbx_seq_align_end_ins_code   ? 
_struct_ref_seq.pdbx_db_accession             P00698 
_struct_ref_seq.db_align_beg                  19 
_struct_ref_seq.pdbx_db_align_beg_ins_code    ? 
_struct_ref_seq.db_align_end                  147 
_struct_ref_seq.pdbx_db_align_end_ins_code    ? 
_struct_ref_seq.pdbx_auth_seq_align_beg       1 
_struct_ref_seq.pdbx_auth_seq_align_end       129 
# 
_pdbx_struct_assembly.id                   1 
_pdbx_struct_assembly.details              author_and_software_defined_assembly 
_pdbx_struct_assembly.method_details       PISA 
_pdbx_struct_assembly.oligomeric_details   monomeric 
_pdbx_struct_assembly.oligomeric_count     1 
# 
_pdbx_struct_assembly_gen.assembly_id       1 
_pdbx_struct_assembly_gen.oper_expression   1 
_pdbx_struct_assembly_gen.asym_id_list      A,B,C,D,E,F 
# 
_pdbx_struct_oper_list.id                   1 
_pdbx_struct_oper_list.type                 'identity operation' 
_pdbx_struct_oper_list.name                 1_555 
_pdbx_struct_oper_list.symmetry_operation   x,y,z 
_pdbx_struct_oper_list.matrix[1][1]         1.0000000000 
_pdbx_struct_oper_list.matrix[1][2]         0.0000000000 
_pdbx_struct_oper_list.matrix[1][3]         0.0000000000 
_pdbx_struct_oper_list.vector[1]            0.0000000000 
_pdbx_struct_oper_list.matrix[2][1]         0.0000000000 
_pdbx_struct_oper_list.matrix[2][2]         1.0000000000 
_pdbx_struct_oper_list.matrix[2][3]         0.0000000000 
_pdbx_struct_oper_list.vector[2]            0.0000000000 
_pdbx_struct_oper_list.matrix[3][1]         0.0000000000 
_pdbx_struct_oper_list.matrix[3][2]         0.0000000000 
_pdbx_struct_oper_list.matrix[3][3]         1.0000000000 
_pdbx_struct_oper_list.vector[3]            0.0000000000 
# 
loop_
_struct_conf.conf_type_id 
_struct_conf.id 
_struct_conf.pdbx_PDB_helix_id 
_struct_conf.beg_label_comp_id 
_struct_conf.beg_label_asym_id 
_struct_conf.beg_label_seq_id 
_struct_conf.pdbx_beg_PDB_ins_code 
_struct_conf.end_label_comp_id 
_struct_conf.end_label_asym_id 
_struct_conf.end_label_seq_id 
_struct_conf.pdbx_end_PDB_ins_code 
_struct_conf.beg_auth_comp_id 
_struct_conf.beg_auth_asym_id 
_struct_conf.beg_auth_seq_id 
_struct_conf.end_auth_comp_id 
_struct_conf.end_auth_asym_id 
_struct_conf.end_auth_seq_id 
_struct_conf.pdbx_PDB_helix_class 
_struct_conf.details 
_struct_conf.pdbx_PDB_helix_length 
HELX_P HELX_P1 1 GLY A 4   ? HIS A 15  ? GLY A 4   HIS A 15  1 ? 12 
HELX_P HELX_P2 2 SER A 24  ? ASN A 37  ? SER A 24  ASN A 37  1 ? 14 
HELX_P HELX_P3 3 CYS A 80  ? SER A 85  ? CYS A 80  SER A 85  5 ? 6  
HELX_P HELX_P4 4 ILE A 88  ? SER A 100 ? ILE A 88  SER A 100 1 ? 13 
HELX_P HELX_P5 5 ASN A 103 ? ALA A 107 ? ASN A 103 ALA A 107 5 ? 5  
HELX_P HELX_P6 6 TRP A 108 ? CYS A 115 ? TRP A 108 CYS A 115 1 ? 8  
HELX_P HELX_P7 7 ASP A 119 ? ARG A 125 ? ASP A 119 ARG A 125 5 ? 7  
# 
_struct_conf_type.id          HELX_P 
_struct_conf_type.criteria    ? 
_struct_conf_type.reference   ? 
# 
loop_
_struct_conn.id 
_struct_conn.conn_type_id 
_struct_conn.pdbx_leaving_atom_flag 
_struct_conn.pdbx_PDB_id 
_struct_conn.ptnr1_label_asym_id 
_struct_conn.ptnr1_label_comp_id 
_struct_conn.ptnr1_label_seq_id 
_struct_conn.ptnr1_label_atom_id 
_struct_conn.pdbx_ptnr1_label_alt_id 
_struct_conn.pdbx_ptnr1_PDB_ins_code 
_struct_conn.pdbx_ptnr1_standard_comp_id 
_struct_conn.ptnr1_symmetry 
_struct_conn.ptnr2_label_asym_id 
_struct_conn.ptnr2_label_comp_id 
_struct_conn.ptnr2_label_seq_id 
_struct_conn.ptnr2_label_atom_id 
_struct_conn.pdbx_ptnr2_label_alt_id 
_struct_conn.pdbx_ptnr2_PDB_ins_code 
_struct_conn.ptnr1_auth_asym_id 
_struct_conn.ptnr1_auth_comp_id 
_struct_conn.ptnr1_auth_seq_id 
_struct_conn.ptnr2_auth_asym_id 
_struct_conn.ptnr2_auth_comp_id 
_struct_conn.ptnr2_auth_seq_id 
_struct_conn.ptnr2_symmetry 
_struct_conn.pdbx_ptnr3_label_atom_id 
_struct_conn.pdbx_ptnr3_label_seq_id 
_struct_conn.pdbx_ptnr3_label_comp_id 
_struct_conn.pdbx_ptnr3_label_asym_id 
_struct_conn.pdbx_ptnr3_label_alt_id 
_struct_conn.pdbx_ptnr3_PDB_ins_code 
_struct_conn.details 
_struct_conn.pdbx_dist_value 
_struct_conn.pdbx_value_order 
_struct_conn.pdbx_role 
disulf1 disulf ? ? A CYS 6  SG ? ? ? 1_555 A CYS 127 SG ? ? A CYS 6   A CYS 127  1_555 ? ? ? ? ? ? ? 2.020 ? ? 
disulf2 disulf ? ? A CYS 30 SG ? ? ? 1_555 A CYS 115 SG ? ? A CYS 30  A CYS 115  1_555 ? ? ? ? ? ? ? 2.024 ? ? 
disulf3 disulf ? ? A CYS 64 SG ? ? ? 1_555 A CYS 80  SG ? ? A CYS 64  A CYS 80   1_555 ? ? ? ? ? ? ? 2.063 ? ? 
disulf4 disulf ? ? A CYS 76 SG ? ? ? 1_555 A CYS 94  SG ? ? A CYS 76  A CYS 94   1_555 ? ? ? ? ? ? ? 2.014 ? ? 
metalc1 metalc ? ? A SER 60 O  ? ? ? 1_555 C NA  .   NA ? ? A SER 60  A NA  131  1_555 ? ? ? ? ? ? ? 2.311 ? ? 
metalc2 metalc ? ? A CYS 64 O  ? ? ? 1_555 C NA  .   NA ? ? A CYS 64  A NA  131  1_555 ? ? ? ? ? ? ? 2.394 ? ? 
metalc3 metalc ? ? A SER 72 OG ? ? ? 1_555 C NA  .   NA ? ? A SER 72  A NA  131  1_555 ? ? ? ? ? ? ? 2.603 ? ? 
metalc4 metalc ? ? A ARG 73 O  ? ? ? 1_555 C NA  .   NA ? ? A ARG 73  A NA  131  1_555 ? ? ? ? ? ? ? 2.395 ? ? 
metalc5 metalc ? ? C NA  .  NA ? ? ? 1_555 F HOH .   O  ? ? A NA  131 A HOH 2096 1_555 ? ? ? ? ? ? ? 2.459 ? ? 
metalc6 metalc ? ? C NA  .  NA ? ? ? 1_555 F HOH .   O  ? ? A NA  131 A HOH 2098 1_555 ? ? ? ? ? ? ? 2.421 ? ? 
# 
loop_
_struct_conn_type.id 
_struct_conn_type.criteria 
_struct_conn_type.reference 
disulf ? ? 
metalc ? ? 
# 
loop_
_pdbx_struct_conn_angle.id 
_pdbx_struct_conn_angle.ptnr1_label_atom_id 
_pdbx_struct_conn_angle.ptnr1_label_alt_id 
_pdbx_struct_conn_angle.ptnr1_label_asym_id 
_pdbx_struct_conn_angle.ptnr1_label_comp_id 
_pdbx_struct_conn_angle.ptnr1_label_seq_id 
_pdbx_struct_conn_angle.ptnr1_auth_atom_id 
_pdbx_struct_conn_angle.ptnr1_auth_asym_id 
_pdbx_struct_conn_angle.ptnr1_auth_comp_id 
_pdbx_struct_conn_angle.ptnr1_auth_seq_id 
_pdbx_struct_conn_angle.ptnr1_PDB_ins_code 
_pdbx_struct_conn_angle.ptnr1_symmetry 
_pdbx_struct_conn_angle.ptnr2_label_atom_id 
_pdbx_struct_conn_angle.ptnr2_label_alt_id 
_pdbx_struct_conn_angle.ptnr2_label_asym_id 
_pdbx_struct_conn_angle.ptnr2_label_comp_id 
_pdbx_struct_conn_angle.ptnr2_label_seq_id 
_pdbx_struct_conn_angle.ptnr2_auth_atom_id 
_pdbx_struct_conn_angle.ptnr2_auth_asym_id 
_pdbx_struct_conn_angle.ptnr2_auth_comp_id 
_pdbx_struct_conn_angle.ptnr2_auth_seq_id 
_pdbx_struct_conn_angle.ptnr2_PDB_ins_code 
_pdbx_struct_conn_angle.ptnr2_symmetry 
_pdbx_struct_conn_angle.ptnr3_label_atom_id 
_pdbx_struct_conn_angle.ptnr3_label_alt_id 
_pdbx_struct_conn_angle.ptnr3_label_asym_id 
_pdbx_struct_conn_angle.ptnr3_label_comp_id 
_pdbx_struct_conn_angle.ptnr3_label_seq_id 
_pdbx_struct_conn_angle.ptnr3_auth_atom_id 
_pdbx_struct_conn_angle.ptnr3_auth_asym_id 
_pdbx_struct_conn_angle.ptnr3_auth_comp_id 
_pdbx_struct_conn_angle.ptnr3_auth_seq_id 
_pdbx_struct_conn_angle.ptnr3_PDB_ins_code 
_pdbx_struct_conn_angle.ptnr3_symmetry 
_pdbx_struct_conn_angle.value 
_pdbx_struct_conn_angle.value_esd 
1  O  ? A SER 60 ? A SER 60   ? 1_555 NA ? C NA . ? A NA 131 ? 1_555 O  ? A CYS 64 ? A CYS 64   ? 1_555 88.7  ? 
2  O  ? A SER 60 ? A SER 60   ? 1_555 NA ? C NA . ? A NA 131 ? 1_555 OG ? A SER 72 ? A SER 72   ? 1_555 90.3  ? 
3  O  ? A CYS 64 ? A CYS 64   ? 1_555 NA ? C NA . ? A NA 131 ? 1_555 OG ? A SER 72 ? A SER 72   ? 1_555 165.2 ? 
4  O  ? A SER 60 ? A SER 60   ? 1_555 NA ? C NA . ? A NA 131 ? 1_555 O  ? A ARG 73 ? A ARG 73   ? 1_555 93.9  ? 
5  O  ? A CYS 64 ? A CYS 64   ? 1_555 NA ? C NA . ? A NA 131 ? 1_555 O  ? A ARG 73 ? A ARG 73   ? 1_555 94.2  ? 
6  OG ? A SER 72 ? A SER 72   ? 1_555 NA ? C NA . ? A NA 131 ? 1_555 O  ? A ARG 73 ? A ARG 73   ? 1_555 100.5 ? 
7  O  ? A SER 60 ? A SER 60   ? 1_555 NA ? C NA . ? A NA 131 ? 1_555 O  ? F HOH .  ? A HOH 2096 ? 1_555 98.7  ? 
8  O  ? A CYS 64 ? A CYS 64   ? 1_555 NA ? C NA . ? A NA 131 ? 1_555 O  ? F HOH .  ? A HOH 2096 ? 1_555 86.4  ? 
9  OG ? A SER 72 ? A SER 72   ? 1_555 NA ? C NA . ? A NA 131 ? 1_555 O  ? F HOH .  ? A HOH 2096 ? 1_555 79.2  ? 
10 O  ? A ARG 73 ? A ARG 73   ? 1_555 NA ? C NA . ? A NA 131 ? 1_555 O  ? F HOH .  ? A HOH 2096 ? 1_555 167.4 ? 
11 O  ? A SER 60 ? A SER 60   ? 1_555 NA ? C NA . ? A NA 131 ? 1_555 O  ? F HOH .  ? A HOH 2098 ? 1_555 170.2 ? 
12 O  ? A CYS 64 ? A CYS 64   ? 1_555 NA ? C NA . ? A NA 131 ? 1_555 O  ? F HOH .  ? A HOH 2098 ? 1_555 100.5 ? 
13 OG ? A SER 72 ? A SER 72   ? 1_555 NA ? C NA . ? A NA 131 ? 1_555 O  ? F HOH .  ? A HOH 2098 ? 1_555 80.0  ? 
14 O  ? A ARG 73 ? A ARG 73   ? 1_555 NA ? C NA . ? A NA 131 ? 1_555 O  ? F HOH .  ? A HOH 2098 ? 1_555 88.9  ? 
15 O  ? F HOH .  ? A HOH 2096 ? 1_555 NA ? C NA . ? A NA 131 ? 1_555 O  ? F HOH .  ? A HOH 2098 ? 1_555 78.6  ? 
# 
loop_
_pdbx_modification_feature.ordinal 
_pdbx_modification_feature.label_comp_id 
_pdbx_modification_feature.label_asym_id 
_pdbx_modification_feature.label_seq_id 
_pdbx_modification_feature.label_alt_id 
_pdbx_modification_feature.modified_residue_label_comp_id 
_pdbx_modification_feature.modified_residue_label_asym_id 
_pdbx_modification_feature.modified_residue_label_seq_id 
_pdbx_modification_feature.modified_residue_label_alt_id 
_pdbx_modification_feature.auth_comp_id 
_pdbx_modification_feature.auth_asym_id 
_pdbx_modification_feature.auth_seq_id 
_pdbx_modification_feature.PDB_ins_code 
_pdbx_modification_feature.symmetry 
_pdbx_modification_feature.modified_residue_auth_comp_id 
_pdbx_modification_feature.modified_residue_auth_asym_id 
_pdbx_modification_feature.modified_residue_auth_seq_id 
_pdbx_modification_feature.modified_residue_PDB_ins_code 
_pdbx_modification_feature.modified_residue_symmetry 
_pdbx_modification_feature.comp_id_linking_atom 
_pdbx_modification_feature.modified_residue_id_linking_atom 
_pdbx_modification_feature.modified_residue_id 
_pdbx_modification_feature.ref_pcm_id 
_pdbx_modification_feature.ref_comp_id 
_pdbx_modification_feature.type 
_pdbx_modification_feature.category 
1 CYS A 6  ? CYS A 127 ? CYS A 6  ? 1_555 CYS A 127 ? 1_555 SG SG . . . None 'Disulfide bridge' 
2 CYS A 30 ? CYS A 115 ? CYS A 30 ? 1_555 CYS A 115 ? 1_555 SG SG . . . None 'Disulfide bridge' 
3 CYS A 64 ? CYS A 80  ? CYS A 64 ? 1_555 CYS A 80  ? 1_555 SG SG . . . None 'Disulfide bridge' 
4 CYS A 76 ? CYS A 94  ? CYS A 76 ? 1_555 CYS A 94  ? 1_555 SG SG . . . None 'Disulfide bridge' 
# 
_struct_sheet.id               AA 
_struct_sheet.type             ? 
_struct_sheet.number_strands   3 
_struct_sheet.details          ? 
# 
loop_
_struct_sheet_order.sheet_id 
_struct_sheet_order.range_id_1 
_struct_sheet_order.range_id_2 
_struct_sheet_order.offset 
_struct_sheet_order.sense 
AA 1 2 ? anti-parallel 
AA 2 3 ? anti-parallel 
# 
loop_
_struct_sheet_range.sheet_id 
_struct_sheet_range.id 
_struct_sheet_range.beg_label_comp_id 
_struct_sheet_range.beg_label_asym_id 
_struct_sheet_range.beg_label_seq_id 
_struct_sheet_range.pdbx_beg_PDB_ins_code 
_struct_sheet_range.end_label_comp_id 
_struct_sheet_range.end_label_asym_id 
_struct_sheet_range.end_label_seq_id 
_struct_sheet_range.pdbx_end_PDB_ins_code 
_struct_sheet_range.beg_auth_comp_id 
_struct_sheet_range.beg_auth_asym_id 
_struct_sheet_range.beg_auth_seq_id 
_struct_sheet_range.end_auth_comp_id 
_struct_sheet_range.end_auth_asym_id 
_struct_sheet_range.end_auth_seq_id 
AA 1 THR A 43 ? ARG A 45 ? THR A 43 ARG A 45 
AA 2 THR A 51 ? TYR A 53 ? THR A 51 TYR A 53 
AA 3 ILE A 58 ? ASN A 59 ? ILE A 58 ASN A 59 
# 
loop_
_pdbx_struct_sheet_hbond.sheet_id 
_pdbx_struct_sheet_hbond.range_id_1 
_pdbx_struct_sheet_hbond.range_id_2 
_pdbx_struct_sheet_hbond.range_1_label_atom_id 
_pdbx_struct_sheet_hbond.range_1_label_comp_id 
_pdbx_struct_sheet_hbond.range_1_label_asym_id 
_pdbx_struct_sheet_hbond.range_1_label_seq_id 
_pdbx_struct_sheet_hbond.range_1_PDB_ins_code 
_pdbx_struct_sheet_hbond.range_1_auth_atom_id 
_pdbx_struct_sheet_hbond.range_1_auth_comp_id 
_pdbx_struct_sheet_hbond.range_1_auth_asym_id 
_pdbx_struct_sheet_hbond.range_1_auth_seq_id 
_pdbx_struct_sheet_hbond.range_2_label_atom_id 
_pdbx_struct_sheet_hbond.range_2_label_comp_id 
_pdbx_struct_sheet_hbond.range_2_label_asym_id 
_pdbx_struct_sheet_hbond.range_2_label_seq_id 
_pdbx_struct_sheet_hbond.range_2_PDB_ins_code 
_pdbx_struct_sheet_hbond.range_2_auth_atom_id 
_pdbx_struct_sheet_hbond.range_2_auth_comp_id 
_pdbx_struct_sheet_hbond.range_2_auth_asym_id 
_pdbx_struct_sheet_hbond.range_2_auth_seq_id 
AA 1 2 N ASN A 44 ? N ASN A 44 O ASP A 52 ? O ASP A 52 
AA 2 3 N TYR A 53 ? N TYR A 53 O ILE A 58 ? O ILE A 58 
# 
loop_
_struct_site.id 
_struct_site.pdbx_evidence_code 
_struct_site.pdbx_auth_asym_id 
_struct_site.pdbx_auth_comp_id 
_struct_site.pdbx_auth_seq_id 
_struct_site.pdbx_auth_ins_code 
_struct_site.pdbx_num_residues 
_struct_site.details 
AC1 Software A CL  130  ? 3  'BINDING SITE FOR RESIDUE CL A 130'   
AC2 Software A NA  131  ? 6  'BINDING SITE FOR RESIDUE NA A 131'   
AC3 Software A CHT 1130 ? 10 'BINDING SITE FOR RESIDUE CHT A 1130' 
AC4 Software A ACT 1131 ? 3  'BINDING SITE FOR RESIDUE ACT A 1131' 
# 
loop_
_struct_site_gen.id 
_struct_site_gen.site_id 
_struct_site_gen.pdbx_num_res 
_struct_site_gen.label_comp_id 
_struct_site_gen.label_asym_id 
_struct_site_gen.label_seq_id 
_struct_site_gen.pdbx_auth_ins_code 
_struct_site_gen.auth_comp_id 
_struct_site_gen.auth_asym_id 
_struct_site_gen.auth_seq_id 
_struct_site_gen.label_atom_id 
_struct_site_gen.label_alt_id 
_struct_site_gen.symmetry 
_struct_site_gen.details 
1  AC1 3  TYR A 23  ? TYR A 23   . ? 1_555 ? 
2  AC1 3  ALA A 110 ? ALA A 110  . ? 4_455 ? 
3  AC1 3  ASN A 113 ? ASN A 113  . ? 4_455 ? 
4  AC2 6  SER A 60  ? SER A 60   . ? 1_555 ? 
5  AC2 6  CYS A 64  ? CYS A 64   . ? 1_555 ? 
6  AC2 6  SER A 72  ? SER A 72   . ? 1_555 ? 
7  AC2 6  ARG A 73  ? ARG A 73   . ? 1_555 ? 
8  AC2 6  HOH F .   ? HOH A 2096 . ? 1_555 ? 
9  AC2 6  HOH F .   ? HOH A 2098 . ? 1_555 ? 
10 AC3 10 ASP A 52  ? ASP A 52   . ? 1_555 ? 
11 AC3 10 GLN A 57  ? GLN A 57   . ? 1_555 ? 
12 AC3 10 ILE A 58  ? ILE A 58   . ? 1_555 ? 
13 AC3 10 ASN A 59  ? ASN A 59   . ? 1_555 ? 
14 AC3 10 TRP A 63  ? TRP A 63   . ? 1_555 ? 
15 AC3 10 ALA A 107 ? ALA A 107  . ? 1_555 ? 
16 AC3 10 TRP A 108 ? TRP A 108  . ? 1_555 ? 
17 AC3 10 ACT E .   ? ACT A 1131 . ? 1_555 ? 
18 AC3 10 HOH F .   ? HOH A 2066 . ? 1_555 ? 
19 AC3 10 HOH F .   ? HOH A 2146 . ? 1_555 ? 
20 AC4 3  ASP A 52  ? ASP A 52   . ? 1_555 ? 
21 AC4 3  ASN A 59  ? ASN A 59   . ? 1_555 ? 
22 AC4 3  CHT D .   ? CHT A 1130 . ? 1_555 ? 
# 
_pdbx_entry_details.entry_id                   4AGA 
_pdbx_entry_details.compound_details           ? 
_pdbx_entry_details.source_details             ? 
_pdbx_entry_details.nonpolymer_details         ? 
_pdbx_entry_details.sequence_details           ? 
_pdbx_entry_details.has_ligand_of_interest     ? 
_pdbx_entry_details.has_protein_modification   Y 
# 
loop_
_pdbx_validate_close_contact.id 
_pdbx_validate_close_contact.PDB_model_num 
_pdbx_validate_close_contact.auth_atom_id_1 
_pdbx_validate_close_contact.auth_asym_id_1 
_pdbx_validate_close_contact.auth_comp_id_1 
_pdbx_validate_close_contact.auth_seq_id_1 
_pdbx_validate_close_contact.PDB_ins_code_1 
_pdbx_validate_close_contact.label_alt_id_1 
_pdbx_validate_close_contact.auth_atom_id_2 
_pdbx_validate_close_contact.auth_asym_id_2 
_pdbx_validate_close_contact.auth_comp_id_2 
_pdbx_validate_close_contact.auth_seq_id_2 
_pdbx_validate_close_contact.PDB_ins_code_2 
_pdbx_validate_close_contact.label_alt_id_2 
_pdbx_validate_close_contact.dist 
1 1 O A HOH 2034 ? ? O A HOH 2089 ? ? 2.10 
2 1 O A HOH 2143 ? ? O A HOH 2144 ? ? 2.15 
3 1 O A HOH 2019 ? ? O A HOH 2136 ? ? 2.16 
# 
_pdbx_validate_symm_contact.id                1 
_pdbx_validate_symm_contact.PDB_model_num     1 
_pdbx_validate_symm_contact.auth_atom_id_1    O 
_pdbx_validate_symm_contact.auth_asym_id_1    A 
_pdbx_validate_symm_contact.auth_comp_id_1    HOH 
_pdbx_validate_symm_contact.auth_seq_id_1     2016 
_pdbx_validate_symm_contact.PDB_ins_code_1    ? 
_pdbx_validate_symm_contact.label_alt_id_1    ? 
_pdbx_validate_symm_contact.site_symmetry_1   1_555 
_pdbx_validate_symm_contact.auth_atom_id_2    O 
_pdbx_validate_symm_contact.auth_asym_id_2    A 
_pdbx_validate_symm_contact.auth_comp_id_2    HOH 
_pdbx_validate_symm_contact.auth_seq_id_2     2016 
_pdbx_validate_symm_contact.PDB_ins_code_2    ? 
_pdbx_validate_symm_contact.label_alt_id_2    ? 
_pdbx_validate_symm_contact.site_symmetry_2   8_555 
_pdbx_validate_symm_contact.dist              1.87 
# 
loop_
_pdbx_validate_torsion.id 
_pdbx_validate_torsion.PDB_model_num 
_pdbx_validate_torsion.auth_comp_id 
_pdbx_validate_torsion.auth_asym_id 
_pdbx_validate_torsion.auth_seq_id 
_pdbx_validate_torsion.PDB_ins_code 
_pdbx_validate_torsion.label_alt_id 
_pdbx_validate_torsion.phi 
_pdbx_validate_torsion.psi 
1 1 ARG A 21 ? ? 47.87   28.38 
2 1 ARG A 68 ? ? -140.89 28.43 
# 
_pdbx_struct_special_symmetry.id              1 
_pdbx_struct_special_symmetry.PDB_model_num   1 
_pdbx_struct_special_symmetry.auth_asym_id    A 
_pdbx_struct_special_symmetry.auth_comp_id    HOH 
_pdbx_struct_special_symmetry.auth_seq_id     2078 
_pdbx_struct_special_symmetry.PDB_ins_code    ? 
_pdbx_struct_special_symmetry.label_asym_id   F 
_pdbx_struct_special_symmetry.label_comp_id   HOH 
_pdbx_struct_special_symmetry.label_seq_id    . 
# 
loop_
_chem_comp_atom.comp_id 
_chem_comp_atom.atom_id 
_chem_comp_atom.type_symbol 
_chem_comp_atom.pdbx_aromatic_flag 
_chem_comp_atom.pdbx_stereo_config 
_chem_comp_atom.pdbx_ordinal 
ACT C    C  N N 1   
ACT O    O  N N 2   
ACT OXT  O  N N 3   
ACT CH3  C  N N 4   
ACT H1   H  N N 5   
ACT H2   H  N N 6   
ACT H3   H  N N 7   
ALA N    N  N N 8   
ALA CA   C  N S 9   
ALA C    C  N N 10  
ALA O    O  N N 11  
ALA CB   C  N N 12  
ALA OXT  O  N N 13  
ALA H    H  N N 14  
ALA H2   H  N N 15  
ALA HA   H  N N 16  
ALA HB1  H  N N 17  
ALA HB2  H  N N 18  
ALA HB3  H  N N 19  
ALA HXT  H  N N 20  
ARG N    N  N N 21  
ARG CA   C  N S 22  
ARG C    C  N N 23  
ARG O    O  N N 24  
ARG CB   C  N N 25  
ARG CG   C  N N 26  
ARG CD   C  N N 27  
ARG NE   N  N N 28  
ARG CZ   C  N N 29  
ARG NH1  N  N N 30  
ARG NH2  N  N N 31  
ARG OXT  O  N N 32  
ARG H    H  N N 33  
ARG H2   H  N N 34  
ARG HA   H  N N 35  
ARG HB2  H  N N 36  
ARG HB3  H  N N 37  
ARG HG2  H  N N 38  
ARG HG3  H  N N 39  
ARG HD2  H  N N 40  
ARG HD3  H  N N 41  
ARG HE   H  N N 42  
ARG HH11 H  N N 43  
ARG HH12 H  N N 44  
ARG HH21 H  N N 45  
ARG HH22 H  N N 46  
ARG HXT  H  N N 47  
ASN N    N  N N 48  
ASN CA   C  N S 49  
ASN C    C  N N 50  
ASN O    O  N N 51  
ASN CB   C  N N 52  
ASN CG   C  N N 53  
ASN OD1  O  N N 54  
ASN ND2  N  N N 55  
ASN OXT  O  N N 56  
ASN H    H  N N 57  
ASN H2   H  N N 58  
ASN HA   H  N N 59  
ASN HB2  H  N N 60  
ASN HB3  H  N N 61  
ASN HD21 H  N N 62  
ASN HD22 H  N N 63  
ASN HXT  H  N N 64  
ASP N    N  N N 65  
ASP CA   C  N S 66  
ASP C    C  N N 67  
ASP O    O  N N 68  
ASP CB   C  N N 69  
ASP CG   C  N N 70  
ASP OD1  O  N N 71  
ASP OD2  O  N N 72  
ASP OXT  O  N N 73  
ASP H    H  N N 74  
ASP H2   H  N N 75  
ASP HA   H  N N 76  
ASP HB2  H  N N 77  
ASP HB3  H  N N 78  
ASP HD2  H  N N 79  
ASP HXT  H  N N 80  
CHT C4   C  N N 81  
CHT C5   C  N N 82  
CHT C6   C  N N 83  
CHT C7   C  N N 84  
CHT C8   C  N N 85  
CHT O6   O  N N 86  
CHT N1   N  N N 87  
CHT HC41 H  N N 88  
CHT HC42 H  N N 89  
CHT HC51 H  N N 90  
CHT HC52 H  N N 91  
CHT H61  H  N N 92  
CHT H62  H  N N 93  
CHT H63  H  N N 94  
CHT H71  H  N N 95  
CHT H72  H  N N 96  
CHT H73  H  N N 97  
CHT H81  H  N N 98  
CHT H82  H  N N 99  
CHT H83  H  N N 100 
CHT HO6  H  N N 101 
CL  CL   CL N N 102 
CYS N    N  N N 103 
CYS CA   C  N R 104 
CYS C    C  N N 105 
CYS O    O  N N 106 
CYS CB   C  N N 107 
CYS SG   S  N N 108 
CYS OXT  O  N N 109 
CYS H    H  N N 110 
CYS H2   H  N N 111 
CYS HA   H  N N 112 
CYS HB2  H  N N 113 
CYS HB3  H  N N 114 
CYS HG   H  N N 115 
CYS HXT  H  N N 116 
GLN N    N  N N 117 
GLN CA   C  N S 118 
GLN C    C  N N 119 
GLN O    O  N N 120 
GLN CB   C  N N 121 
GLN CG   C  N N 122 
GLN CD   C  N N 123 
GLN OE1  O  N N 124 
GLN NE2  N  N N 125 
GLN OXT  O  N N 126 
GLN H    H  N N 127 
GLN H2   H  N N 128 
GLN HA   H  N N 129 
GLN HB2  H  N N 130 
GLN HB3  H  N N 131 
GLN HG2  H  N N 132 
GLN HG3  H  N N 133 
GLN HE21 H  N N 134 
GLN HE22 H  N N 135 
GLN HXT  H  N N 136 
GLU N    N  N N 137 
GLU CA   C  N S 138 
GLU C    C  N N 139 
GLU O    O  N N 140 
GLU CB   C  N N 141 
GLU CG   C  N N 142 
GLU CD   C  N N 143 
GLU OE1  O  N N 144 
GLU OE2  O  N N 145 
GLU OXT  O  N N 146 
GLU H    H  N N 147 
GLU H2   H  N N 148 
GLU HA   H  N N 149 
GLU HB2  H  N N 150 
GLU HB3  H  N N 151 
GLU HG2  H  N N 152 
GLU HG3  H  N N 153 
GLU HE2  H  N N 154 
GLU HXT  H  N N 155 
GLY N    N  N N 156 
GLY CA   C  N N 157 
GLY C    C  N N 158 
GLY O    O  N N 159 
GLY OXT  O  N N 160 
GLY H    H  N N 161 
GLY H2   H  N N 162 
GLY HA2  H  N N 163 
GLY HA3  H  N N 164 
GLY HXT  H  N N 165 
HIS N    N  N N 166 
HIS CA   C  N S 167 
HIS C    C  N N 168 
HIS O    O  N N 169 
HIS CB   C  N N 170 
HIS CG   C  Y N 171 
HIS ND1  N  Y N 172 
HIS CD2  C  Y N 173 
HIS CE1  C  Y N 174 
HIS NE2  N  Y N 175 
HIS OXT  O  N N 176 
HIS H    H  N N 177 
HIS H2   H  N N 178 
HIS HA   H  N N 179 
HIS HB2  H  N N 180 
HIS HB3  H  N N 181 
HIS HD1  H  N N 182 
HIS HD2  H  N N 183 
HIS HE1  H  N N 184 
HIS HE2  H  N N 185 
HIS HXT  H  N N 186 
HOH O    O  N N 187 
HOH H1   H  N N 188 
HOH H2   H  N N 189 
ILE N    N  N N 190 
ILE CA   C  N S 191 
ILE C    C  N N 192 
ILE O    O  N N 193 
ILE CB   C  N S 194 
ILE CG1  C  N N 195 
ILE CG2  C  N N 196 
ILE CD1  C  N N 197 
ILE OXT  O  N N 198 
ILE H    H  N N 199 
ILE H2   H  N N 200 
ILE HA   H  N N 201 
ILE HB   H  N N 202 
ILE HG12 H  N N 203 
ILE HG13 H  N N 204 
ILE HG21 H  N N 205 
ILE HG22 H  N N 206 
ILE HG23 H  N N 207 
ILE HD11 H  N N 208 
ILE HD12 H  N N 209 
ILE HD13 H  N N 210 
ILE HXT  H  N N 211 
LEU N    N  N N 212 
LEU CA   C  N S 213 
LEU C    C  N N 214 
LEU O    O  N N 215 
LEU CB   C  N N 216 
LEU CG   C  N N 217 
LEU CD1  C  N N 218 
LEU CD2  C  N N 219 
LEU OXT  O  N N 220 
LEU H    H  N N 221 
LEU H2   H  N N 222 
LEU HA   H  N N 223 
LEU HB2  H  N N 224 
LEU HB3  H  N N 225 
LEU HG   H  N N 226 
LEU HD11 H  N N 227 
LEU HD12 H  N N 228 
LEU HD13 H  N N 229 
LEU HD21 H  N N 230 
LEU HD22 H  N N 231 
LEU HD23 H  N N 232 
LEU HXT  H  N N 233 
LYS N    N  N N 234 
LYS CA   C  N S 235 
LYS C    C  N N 236 
LYS O    O  N N 237 
LYS CB   C  N N 238 
LYS CG   C  N N 239 
LYS CD   C  N N 240 
LYS CE   C  N N 241 
LYS NZ   N  N N 242 
LYS OXT  O  N N 243 
LYS H    H  N N 244 
LYS H2   H  N N 245 
LYS HA   H  N N 246 
LYS HB2  H  N N 247 
LYS HB3  H  N N 248 
LYS HG2  H  N N 249 
LYS HG3  H  N N 250 
LYS HD2  H  N N 251 
LYS HD3  H  N N 252 
LYS HE2  H  N N 253 
LYS HE3  H  N N 254 
LYS HZ1  H  N N 255 
LYS HZ2  H  N N 256 
LYS HZ3  H  N N 257 
LYS HXT  H  N N 258 
MET N    N  N N 259 
MET CA   C  N S 260 
MET C    C  N N 261 
MET O    O  N N 262 
MET CB   C  N N 263 
MET CG   C  N N 264 
MET SD   S  N N 265 
MET CE   C  N N 266 
MET OXT  O  N N 267 
MET H    H  N N 268 
MET H2   H  N N 269 
MET HA   H  N N 270 
MET HB2  H  N N 271 
MET HB3  H  N N 272 
MET HG2  H  N N 273 
MET HG3  H  N N 274 
MET HE1  H  N N 275 
MET HE2  H  N N 276 
MET HE3  H  N N 277 
MET HXT  H  N N 278 
NA  NA   NA N N 279 
PHE N    N  N N 280 
PHE CA   C  N S 281 
PHE C    C  N N 282 
PHE O    O  N N 283 
PHE CB   C  N N 284 
PHE CG   C  Y N 285 
PHE CD1  C  Y N 286 
PHE CD2  C  Y N 287 
PHE CE1  C  Y N 288 
PHE CE2  C  Y N 289 
PHE CZ   C  Y N 290 
PHE OXT  O  N N 291 
PHE H    H  N N 292 
PHE H2   H  N N 293 
PHE HA   H  N N 294 
PHE HB2  H  N N 295 
PHE HB3  H  N N 296 
PHE HD1  H  N N 297 
PHE HD2  H  N N 298 
PHE HE1  H  N N 299 
PHE HE2  H  N N 300 
PHE HZ   H  N N 301 
PHE HXT  H  N N 302 
PRO N    N  N N 303 
PRO CA   C  N S 304 
PRO C    C  N N 305 
PRO O    O  N N 306 
PRO CB   C  N N 307 
PRO CG   C  N N 308 
PRO CD   C  N N 309 
PRO OXT  O  N N 310 
PRO H    H  N N 311 
PRO HA   H  N N 312 
PRO HB2  H  N N 313 
PRO HB3  H  N N 314 
PRO HG2  H  N N 315 
PRO HG3  H  N N 316 
PRO HD2  H  N N 317 
PRO HD3  H  N N 318 
PRO HXT  H  N N 319 
SER N    N  N N 320 
SER CA   C  N S 321 
SER C    C  N N 322 
SER O    O  N N 323 
SER CB   C  N N 324 
SER OG   O  N N 325 
SER OXT  O  N N 326 
SER H    H  N N 327 
SER H2   H  N N 328 
SER HA   H  N N 329 
SER HB2  H  N N 330 
SER HB3  H  N N 331 
SER HG   H  N N 332 
SER HXT  H  N N 333 
THR N    N  N N 334 
THR CA   C  N S 335 
THR C    C  N N 336 
THR O    O  N N 337 
THR CB   C  N R 338 
THR OG1  O  N N 339 
THR CG2  C  N N 340 
THR OXT  O  N N 341 
THR H    H  N N 342 
THR H2   H  N N 343 
THR HA   H  N N 344 
THR HB   H  N N 345 
THR HG1  H  N N 346 
THR HG21 H  N N 347 
THR HG22 H  N N 348 
THR HG23 H  N N 349 
THR HXT  H  N N 350 
TRP N    N  N N 351 
TRP CA   C  N S 352 
TRP C    C  N N 353 
TRP O    O  N N 354 
TRP CB   C  N N 355 
TRP CG   C  Y N 356 
TRP CD1  C  Y N 357 
TRP CD2  C  Y N 358 
TRP NE1  N  Y N 359 
TRP CE2  C  Y N 360 
TRP CE3  C  Y N 361 
TRP CZ2  C  Y N 362 
TRP CZ3  C  Y N 363 
TRP CH2  C  Y N 364 
TRP OXT  O  N N 365 
TRP H    H  N N 366 
TRP H2   H  N N 367 
TRP HA   H  N N 368 
TRP HB2  H  N N 369 
TRP HB3  H  N N 370 
TRP HD1  H  N N 371 
TRP HE1  H  N N 372 
TRP HE3  H  N N 373 
TRP HZ2  H  N N 374 
TRP HZ3  H  N N 375 
TRP HH2  H  N N 376 
TRP HXT  H  N N 377 
TYR N    N  N N 378 
TYR CA   C  N S 379 
TYR C    C  N N 380 
TYR O    O  N N 381 
TYR CB   C  N N 382 
TYR CG   C  Y N 383 
TYR CD1  C  Y N 384 
TYR CD2  C  Y N 385 
TYR CE1  C  Y N 386 
TYR CE2  C  Y N 387 
TYR CZ   C  Y N 388 
TYR OH   O  N N 389 
TYR OXT  O  N N 390 
TYR H    H  N N 391 
TYR H2   H  N N 392 
TYR HA   H  N N 393 
TYR HB2  H  N N 394 
TYR HB3  H  N N 395 
TYR HD1  H  N N 396 
TYR HD2  H  N N 397 
TYR HE1  H  N N 398 
TYR HE2  H  N N 399 
TYR HH   H  N N 400 
TYR HXT  H  N N 401 
VAL N    N  N N 402 
VAL CA   C  N S 403 
VAL C    C  N N 404 
VAL O    O  N N 405 
VAL CB   C  N N 406 
VAL CG1  C  N N 407 
VAL CG2  C  N N 408 
VAL OXT  O  N N 409 
VAL H    H  N N 410 
VAL H2   H  N N 411 
VAL HA   H  N N 412 
VAL HB   H  N N 413 
VAL HG11 H  N N 414 
VAL HG12 H  N N 415 
VAL HG13 H  N N 416 
VAL HG21 H  N N 417 
VAL HG22 H  N N 418 
VAL HG23 H  N N 419 
VAL HXT  H  N N 420 
# 
loop_
_chem_comp_bond.comp_id 
_chem_comp_bond.atom_id_1 
_chem_comp_bond.atom_id_2 
_chem_comp_bond.value_order 
_chem_comp_bond.pdbx_aromatic_flag 
_chem_comp_bond.pdbx_stereo_config 
_chem_comp_bond.pdbx_ordinal 
ACT C   O    doub N N 1   
ACT C   OXT  sing N N 2   
ACT C   CH3  sing N N 3   
ACT CH3 H1   sing N N 4   
ACT CH3 H2   sing N N 5   
ACT CH3 H3   sing N N 6   
ALA N   CA   sing N N 7   
ALA N   H    sing N N 8   
ALA N   H2   sing N N 9   
ALA CA  C    sing N N 10  
ALA CA  CB   sing N N 11  
ALA CA  HA   sing N N 12  
ALA C   O    doub N N 13  
ALA C   OXT  sing N N 14  
ALA CB  HB1  sing N N 15  
ALA CB  HB2  sing N N 16  
ALA CB  HB3  sing N N 17  
ALA OXT HXT  sing N N 18  
ARG N   CA   sing N N 19  
ARG N   H    sing N N 20  
ARG N   H2   sing N N 21  
ARG CA  C    sing N N 22  
ARG CA  CB   sing N N 23  
ARG CA  HA   sing N N 24  
ARG C   O    doub N N 25  
ARG C   OXT  sing N N 26  
ARG CB  CG   sing N N 27  
ARG CB  HB2  sing N N 28  
ARG CB  HB3  sing N N 29  
ARG CG  CD   sing N N 30  
ARG CG  HG2  sing N N 31  
ARG CG  HG3  sing N N 32  
ARG CD  NE   sing N N 33  
ARG CD  HD2  sing N N 34  
ARG CD  HD3  sing N N 35  
ARG NE  CZ   sing N N 36  
ARG NE  HE   sing N N 37  
ARG CZ  NH1  sing N N 38  
ARG CZ  NH2  doub N N 39  
ARG NH1 HH11 sing N N 40  
ARG NH1 HH12 sing N N 41  
ARG NH2 HH21 sing N N 42  
ARG NH2 HH22 sing N N 43  
ARG OXT HXT  sing N N 44  
ASN N   CA   sing N N 45  
ASN N   H    sing N N 46  
ASN N   H2   sing N N 47  
ASN CA  C    sing N N 48  
ASN CA  CB   sing N N 49  
ASN CA  HA   sing N N 50  
ASN C   O    doub N N 51  
ASN C   OXT  sing N N 52  
ASN CB  CG   sing N N 53  
ASN CB  HB2  sing N N 54  
ASN CB  HB3  sing N N 55  
ASN CG  OD1  doub N N 56  
ASN CG  ND2  sing N N 57  
ASN ND2 HD21 sing N N 58  
ASN ND2 HD22 sing N N 59  
ASN OXT HXT  sing N N 60  
ASP N   CA   sing N N 61  
ASP N   H    sing N N 62  
ASP N   H2   sing N N 63  
ASP CA  C    sing N N 64  
ASP CA  CB   sing N N 65  
ASP CA  HA   sing N N 66  
ASP C   O    doub N N 67  
ASP C   OXT  sing N N 68  
ASP CB  CG   sing N N 69  
ASP CB  HB2  sing N N 70  
ASP CB  HB3  sing N N 71  
ASP CG  OD1  doub N N 72  
ASP CG  OD2  sing N N 73  
ASP OD2 HD2  sing N N 74  
ASP OXT HXT  sing N N 75  
CHT C4  C5   sing N N 76  
CHT C4  O6   sing N N 77  
CHT C4  HC41 sing N N 78  
CHT C4  HC42 sing N N 79  
CHT C5  N1   sing N N 80  
CHT C5  HC51 sing N N 81  
CHT C5  HC52 sing N N 82  
CHT C6  N1   sing N N 83  
CHT C6  H61  sing N N 84  
CHT C6  H62  sing N N 85  
CHT C6  H63  sing N N 86  
CHT C7  N1   sing N N 87  
CHT C7  H71  sing N N 88  
CHT C7  H72  sing N N 89  
CHT C7  H73  sing N N 90  
CHT C8  N1   sing N N 91  
CHT C8  H81  sing N N 92  
CHT C8  H82  sing N N 93  
CHT C8  H83  sing N N 94  
CHT O6  HO6  sing N N 95  
CYS N   CA   sing N N 96  
CYS N   H    sing N N 97  
CYS N   H2   sing N N 98  
CYS CA  C    sing N N 99  
CYS CA  CB   sing N N 100 
CYS CA  HA   sing N N 101 
CYS C   O    doub N N 102 
CYS C   OXT  sing N N 103 
CYS CB  SG   sing N N 104 
CYS CB  HB2  sing N N 105 
CYS CB  HB3  sing N N 106 
CYS SG  HG   sing N N 107 
CYS OXT HXT  sing N N 108 
GLN N   CA   sing N N 109 
GLN N   H    sing N N 110 
GLN N   H2   sing N N 111 
GLN CA  C    sing N N 112 
GLN CA  CB   sing N N 113 
GLN CA  HA   sing N N 114 
GLN C   O    doub N N 115 
GLN C   OXT  sing N N 116 
GLN CB  CG   sing N N 117 
GLN CB  HB2  sing N N 118 
GLN CB  HB3  sing N N 119 
GLN CG  CD   sing N N 120 
GLN CG  HG2  sing N N 121 
GLN CG  HG3  sing N N 122 
GLN CD  OE1  doub N N 123 
GLN CD  NE2  sing N N 124 
GLN NE2 HE21 sing N N 125 
GLN NE2 HE22 sing N N 126 
GLN OXT HXT  sing N N 127 
GLU N   CA   sing N N 128 
GLU N   H    sing N N 129 
GLU N   H2   sing N N 130 
GLU CA  C    sing N N 131 
GLU CA  CB   sing N N 132 
GLU CA  HA   sing N N 133 
GLU C   O    doub N N 134 
GLU C   OXT  sing N N 135 
GLU CB  CG   sing N N 136 
GLU CB  HB2  sing N N 137 
GLU CB  HB3  sing N N 138 
GLU CG  CD   sing N N 139 
GLU CG  HG2  sing N N 140 
GLU CG  HG3  sing N N 141 
GLU CD  OE1  doub N N 142 
GLU CD  OE2  sing N N 143 
GLU OE2 HE2  sing N N 144 
GLU OXT HXT  sing N N 145 
GLY N   CA   sing N N 146 
GLY N   H    sing N N 147 
GLY N   H2   sing N N 148 
GLY CA  C    sing N N 149 
GLY CA  HA2  sing N N 150 
GLY CA  HA3  sing N N 151 
GLY C   O    doub N N 152 
GLY C   OXT  sing N N 153 
GLY OXT HXT  sing N N 154 
HIS N   CA   sing N N 155 
HIS N   H    sing N N 156 
HIS N   H2   sing N N 157 
HIS CA  C    sing N N 158 
HIS CA  CB   sing N N 159 
HIS CA  HA   sing N N 160 
HIS C   O    doub N N 161 
HIS C   OXT  sing N N 162 
HIS CB  CG   sing N N 163 
HIS CB  HB2  sing N N 164 
HIS CB  HB3  sing N N 165 
HIS CG  ND1  sing Y N 166 
HIS CG  CD2  doub Y N 167 
HIS ND1 CE1  doub Y N 168 
HIS ND1 HD1  sing N N 169 
HIS CD2 NE2  sing Y N 170 
HIS CD2 HD2  sing N N 171 
HIS CE1 NE2  sing Y N 172 
HIS CE1 HE1  sing N N 173 
HIS NE2 HE2  sing N N 174 
HIS OXT HXT  sing N N 175 
HOH O   H1   sing N N 176 
HOH O   H2   sing N N 177 
ILE N   CA   sing N N 178 
ILE N   H    sing N N 179 
ILE N   H2   sing N N 180 
ILE CA  C    sing N N 181 
ILE CA  CB   sing N N 182 
ILE CA  HA   sing N N 183 
ILE C   O    doub N N 184 
ILE C   OXT  sing N N 185 
ILE CB  CG1  sing N N 186 
ILE CB  CG2  sing N N 187 
ILE CB  HB   sing N N 188 
ILE CG1 CD1  sing N N 189 
ILE CG1 HG12 sing N N 190 
ILE CG1 HG13 sing N N 191 
ILE CG2 HG21 sing N N 192 
ILE CG2 HG22 sing N N 193 
ILE CG2 HG23 sing N N 194 
ILE CD1 HD11 sing N N 195 
ILE CD1 HD12 sing N N 196 
ILE CD1 HD13 sing N N 197 
ILE OXT HXT  sing N N 198 
LEU N   CA   sing N N 199 
LEU N   H    sing N N 200 
LEU N   H2   sing N N 201 
LEU CA  C    sing N N 202 
LEU CA  CB   sing N N 203 
LEU CA  HA   sing N N 204 
LEU C   O    doub N N 205 
LEU C   OXT  sing N N 206 
LEU CB  CG   sing N N 207 
LEU CB  HB2  sing N N 208 
LEU CB  HB3  sing N N 209 
LEU CG  CD1  sing N N 210 
LEU CG  CD2  sing N N 211 
LEU CG  HG   sing N N 212 
LEU CD1 HD11 sing N N 213 
LEU CD1 HD12 sing N N 214 
LEU CD1 HD13 sing N N 215 
LEU CD2 HD21 sing N N 216 
LEU CD2 HD22 sing N N 217 
LEU CD2 HD23 sing N N 218 
LEU OXT HXT  sing N N 219 
LYS N   CA   sing N N 220 
LYS N   H    sing N N 221 
LYS N   H2   sing N N 222 
LYS CA  C    sing N N 223 
LYS CA  CB   sing N N 224 
LYS CA  HA   sing N N 225 
LYS C   O    doub N N 226 
LYS C   OXT  sing N N 227 
LYS CB  CG   sing N N 228 
LYS CB  HB2  sing N N 229 
LYS CB  HB3  sing N N 230 
LYS CG  CD   sing N N 231 
LYS CG  HG2  sing N N 232 
LYS CG  HG3  sing N N 233 
LYS CD  CE   sing N N 234 
LYS CD  HD2  sing N N 235 
LYS CD  HD3  sing N N 236 
LYS CE  NZ   sing N N 237 
LYS CE  HE2  sing N N 238 
LYS CE  HE3  sing N N 239 
LYS NZ  HZ1  sing N N 240 
LYS NZ  HZ2  sing N N 241 
LYS NZ  HZ3  sing N N 242 
LYS OXT HXT  sing N N 243 
MET N   CA   sing N N 244 
MET N   H    sing N N 245 
MET N   H2   sing N N 246 
MET CA  C    sing N N 247 
MET CA  CB   sing N N 248 
MET CA  HA   sing N N 249 
MET C   O    doub N N 250 
MET C   OXT  sing N N 251 
MET CB  CG   sing N N 252 
MET CB  HB2  sing N N 253 
MET CB  HB3  sing N N 254 
MET CG  SD   sing N N 255 
MET CG  HG2  sing N N 256 
MET CG  HG3  sing N N 257 
MET SD  CE   sing N N 258 
MET CE  HE1  sing N N 259 
MET CE  HE2  sing N N 260 
MET CE  HE3  sing N N 261 
MET OXT HXT  sing N N 262 
PHE N   CA   sing N N 263 
PHE N   H    sing N N 264 
PHE N   H2   sing N N 265 
PHE CA  C    sing N N 266 
PHE CA  CB   sing N N 267 
PHE CA  HA   sing N N 268 
PHE C   O    doub N N 269 
PHE C   OXT  sing N N 270 
PHE CB  CG   sing N N 271 
PHE CB  HB2  sing N N 272 
PHE CB  HB3  sing N N 273 
PHE CG  CD1  doub Y N 274 
PHE CG  CD2  sing Y N 275 
PHE CD1 CE1  sing Y N 276 
PHE CD1 HD1  sing N N 277 
PHE CD2 CE2  doub Y N 278 
PHE CD2 HD2  sing N N 279 
PHE CE1 CZ   doub Y N 280 
PHE CE1 HE1  sing N N 281 
PHE CE2 CZ   sing Y N 282 
PHE CE2 HE2  sing N N 283 
PHE CZ  HZ   sing N N 284 
PHE OXT HXT  sing N N 285 
PRO N   CA   sing N N 286 
PRO N   CD   sing N N 287 
PRO N   H    sing N N 288 
PRO CA  C    sing N N 289 
PRO CA  CB   sing N N 290 
PRO CA  HA   sing N N 291 
PRO C   O    doub N N 292 
PRO C   OXT  sing N N 293 
PRO CB  CG   sing N N 294 
PRO CB  HB2  sing N N 295 
PRO CB  HB3  sing N N 296 
PRO CG  CD   sing N N 297 
PRO CG  HG2  sing N N 298 
PRO CG  HG3  sing N N 299 
PRO CD  HD2  sing N N 300 
PRO CD  HD3  sing N N 301 
PRO OXT HXT  sing N N 302 
SER N   CA   sing N N 303 
SER N   H    sing N N 304 
SER N   H2   sing N N 305 
SER CA  C    sing N N 306 
SER CA  CB   sing N N 307 
SER CA  HA   sing N N 308 
SER C   O    doub N N 309 
SER C   OXT  sing N N 310 
SER CB  OG   sing N N 311 
SER CB  HB2  sing N N 312 
SER CB  HB3  sing N N 313 
SER OG  HG   sing N N 314 
SER OXT HXT  sing N N 315 
THR N   CA   sing N N 316 
THR N   H    sing N N 317 
THR N   H2   sing N N 318 
THR CA  C    sing N N 319 
THR CA  CB   sing N N 320 
THR CA  HA   sing N N 321 
THR C   O    doub N N 322 
THR C   OXT  sing N N 323 
THR CB  OG1  sing N N 324 
THR CB  CG2  sing N N 325 
THR CB  HB   sing N N 326 
THR OG1 HG1  sing N N 327 
THR CG2 HG21 sing N N 328 
THR CG2 HG22 sing N N 329 
THR CG2 HG23 sing N N 330 
THR OXT HXT  sing N N 331 
TRP N   CA   sing N N 332 
TRP N   H    sing N N 333 
TRP N   H2   sing N N 334 
TRP CA  C    sing N N 335 
TRP CA  CB   sing N N 336 
TRP CA  HA   sing N N 337 
TRP C   O    doub N N 338 
TRP C   OXT  sing N N 339 
TRP CB  CG   sing N N 340 
TRP CB  HB2  sing N N 341 
TRP CB  HB3  sing N N 342 
TRP CG  CD1  doub Y N 343 
TRP CG  CD2  sing Y N 344 
TRP CD1 NE1  sing Y N 345 
TRP CD1 HD1  sing N N 346 
TRP CD2 CE2  doub Y N 347 
TRP CD2 CE3  sing Y N 348 
TRP NE1 CE2  sing Y N 349 
TRP NE1 HE1  sing N N 350 
TRP CE2 CZ2  sing Y N 351 
TRP CE3 CZ3  doub Y N 352 
TRP CE3 HE3  sing N N 353 
TRP CZ2 CH2  doub Y N 354 
TRP CZ2 HZ2  sing N N 355 
TRP CZ3 CH2  sing Y N 356 
TRP CZ3 HZ3  sing N N 357 
TRP CH2 HH2  sing N N 358 
TRP OXT HXT  sing N N 359 
TYR N   CA   sing N N 360 
TYR N   H    sing N N 361 
TYR N   H2   sing N N 362 
TYR CA  C    sing N N 363 
TYR CA  CB   sing N N 364 
TYR CA  HA   sing N N 365 
TYR C   O    doub N N 366 
TYR C   OXT  sing N N 367 
TYR CB  CG   sing N N 368 
TYR CB  HB2  sing N N 369 
TYR CB  HB3  sing N N 370 
TYR CG  CD1  doub Y N 371 
TYR CG  CD2  sing Y N 372 
TYR CD1 CE1  sing Y N 373 
TYR CD1 HD1  sing N N 374 
TYR CD2 CE2  doub Y N 375 
TYR CD2 HD2  sing N N 376 
TYR CE1 CZ   doub Y N 377 
TYR CE1 HE1  sing N N 378 
TYR CE2 CZ   sing Y N 379 
TYR CE2 HE2  sing N N 380 
TYR CZ  OH   sing N N 381 
TYR OH  HH   sing N N 382 
TYR OXT HXT  sing N N 383 
VAL N   CA   sing N N 384 
VAL N   H    sing N N 385 
VAL N   H2   sing N N 386 
VAL CA  C    sing N N 387 
VAL CA  CB   sing N N 388 
VAL CA  HA   sing N N 389 
VAL C   O    doub N N 390 
VAL C   OXT  sing N N 391 
VAL CB  CG1  sing N N 392 
VAL CB  CG2  sing N N 393 
VAL CB  HB   sing N N 394 
VAL CG1 HG11 sing N N 395 
VAL CG1 HG12 sing N N 396 
VAL CG1 HG13 sing N N 397 
VAL CG2 HG21 sing N N 398 
VAL CG2 HG22 sing N N 399 
VAL CG2 HG23 sing N N 400 
VAL OXT HXT  sing N N 401 
# 
_pdbx_initial_refinement_model.id               1 
_pdbx_initial_refinement_model.entity_id_list   ? 
_pdbx_initial_refinement_model.type             'experimental model' 
_pdbx_initial_refinement_model.source_name      PDB 
_pdbx_initial_refinement_model.accession_code   193L 
_pdbx_initial_refinement_model.details          'PDB ENTRY 193L' 
# 
_atom_sites.entry_id                    4AGA 
_atom_sites.fract_transf_matrix[1][1]   -0.01010124 
_atom_sites.fract_transf_matrix[1][2]   -0.00687966 
_atom_sites.fract_transf_matrix[1][3]   0.00367825 
_atom_sites.fract_transf_matrix[2][1]   -0.00673089 
_atom_sites.fract_transf_matrix[2][2]   0.00464353 
_atom_sites.fract_transf_matrix[2][3]   -0.00979933 
_atom_sites.fract_transf_matrix[3][1]   0.00837418 
_atom_sites.fract_transf_matrix[3][2]   -0.02058663 
_atom_sites.fract_transf_matrix[3][3]   -0.01550721 
_atom_sites.fract_transf_vector[1]      -0.012081 
_atom_sites.fract_transf_vector[2]      0.254122 
_atom_sites.fract_transf_vector[3]      0.511605 
# 
loop_
_atom_type.symbol 
C  
CL 
N  
NA 
O  
S  
# 
loop_
_atom_site.group_PDB 
_atom_site.id 
_atom_site.type_symbol 
_atom_site.label_atom_id 
_atom_site.label_alt_id 
_atom_site.label_comp_id 
_atom_site.label_asym_id 
_atom_site.label_entity_id 
_atom_site.label_seq_id 
_atom_site.pdbx_PDB_ins_code 
_atom_site.Cartn_x 
_atom_site.Cartn_y 
_atom_site.Cartn_z 
_atom_site.occupancy 
_atom_site.B_iso_or_equiv 
_atom_site.pdbx_formal_charge 
_atom_site.auth_seq_id 
_atom_site.auth_comp_id 
_atom_site.auth_asym_id 
_atom_site.auth_atom_id 
_atom_site.pdbx_PDB_model_num 
ATOM   1    N  N   . LYS A 1 1   ? -0.429  1.136   14.029  1.00 16.46 ? 1    LYS A N   1 
ATOM   2    C  CA  . LYS A 1 1   ? -0.261  2.631   14.084  1.00 16.18 ? 1    LYS A CA  1 
ATOM   3    C  C   . LYS A 1 1   ? -1.187  3.266   13.063  1.00 15.94 ? 1    LYS A C   1 
ATOM   4    O  O   . LYS A 1 1   ? -1.231  2.813   11.889  1.00 15.50 ? 1    LYS A O   1 
ATOM   5    C  CB  . LYS A 1 1   ? 1.197   2.968   13.727  1.00 16.05 ? 1    LYS A CB  1 
ATOM   6    C  CG  . LYS A 1 1   ? 1.531   4.446   13.580  1.00 15.70 ? 1    LYS A CG  1 
ATOM   7    C  CD  A LYS A 1 1   ? 3.021   4.657   13.780  0.45 14.15 ? 1    LYS A CD  1 
ATOM   8    C  CD  B LYS A 1 1   ? 2.877   4.632   13.144  0.55 17.88 ? 1    LYS A CD  1 
ATOM   9    C  CE  A LYS A 1 1   ? 3.467   5.928   13.069  0.45 17.06 ? 1    LYS A CE  1 
ATOM   10   C  CE  B LYS A 1 1   ? 2.947   6.093   12.767  0.55 18.60 ? 1    LYS A CE  1 
ATOM   11   N  NZ  A LYS A 1 1   ? 4.917   6.228   13.118  0.45 15.95 ? 1    LYS A NZ  1 
ATOM   12   N  NZ  B LYS A 1 1   ? 3.119   6.907   14.015  0.55 23.74 ? 1    LYS A NZ  1 
ATOM   13   N  N   . VAL A 1 2   ? -1.845  4.361   13.446  1.00 15.61 ? 2    VAL A N   1 
ATOM   14   C  CA  . VAL A 1 2   ? -2.607  5.171   12.509  1.00 15.82 ? 2    VAL A CA  1 
ATOM   15   C  C   . VAL A 1 2   ? -1.703  6.372   12.225  1.00 17.62 ? 2    VAL A C   1 
ATOM   16   O  O   . VAL A 1 2   ? -1.448  7.202   13.129  1.00 18.37 ? 2    VAL A O   1 
ATOM   17   C  CB  . VAL A 1 2   ? -3.970  5.599   13.110  1.00 16.64 ? 2    VAL A CB  1 
ATOM   18   C  CG1 . VAL A 1 2   ? -4.689  6.404   12.089  1.00 16.52 ? 2    VAL A CG1 1 
ATOM   19   C  CG2 . VAL A 1 2   ? -4.851  4.320   13.444  1.00 17.25 ? 2    VAL A CG2 1 
ATOM   20   N  N   . PHE A 1 3   ? -1.259  6.475   10.993  1.00 16.71 ? 3    PHE A N   1 
ATOM   21   C  CA  . PHE A 1 3   ? -0.433  7.627   10.594  1.00 16.76 ? 3    PHE A CA  1 
ATOM   22   C  C   . PHE A 1 3   ? -1.258  8.833   10.418  1.00 18.21 ? 3    PHE A C   1 
ATOM   23   O  O   . PHE A 1 3   ? -2.396  8.789   9.958   1.00 17.20 ? 3    PHE A O   1 
ATOM   24   C  CB  . PHE A 1 3   ? 0.255   7.346   9.201   1.00 15.34 ? 3    PHE A CB  1 
ATOM   25   C  CG  . PHE A 1 3   ? 1.496   6.618   9.324   1.00 14.08 ? 3    PHE A CG  1 
ATOM   26   C  CD1 . PHE A 1 3   ? 1.489   5.191   9.487   1.00 18.93 ? 3    PHE A CD1 1 
ATOM   27   C  CD2 . PHE A 1 3   ? 2.724   7.277   9.281   1.00 13.87 ? 3    PHE A CD2 1 
ATOM   28   C  CE1 . PHE A 1 3   ? 2.679   4.456   9.654   1.00 16.87 ? 3    PHE A CE1 1 
ATOM   29   C  CE2 . PHE A 1 3   ? 3.915   6.544   9.453   1.00 15.51 ? 3    PHE A CE2 1 
ATOM   30   C  CZ  . PHE A 1 3   ? 3.928   5.147   9.597   1.00 15.95 ? 3    PHE A CZ  1 
ATOM   31   N  N   . GLY A 1 4   ? -0.633  10.005  10.696  1.00 18.92 ? 4    GLY A N   1 
ATOM   32   C  CA  . GLY A 1 4   ? -1.205  11.197  10.105  1.00 18.15 ? 4    GLY A CA  1 
ATOM   33   C  C   . GLY A 1 4   ? -0.915  11.285  8.595   1.00 18.50 ? 4    GLY A C   1 
ATOM   34   O  O   . GLY A 1 4   ? 0.018   10.631  8.061   1.00 17.99 ? 4    GLY A O   1 
ATOM   35   N  N   . ARG A 1 5   ? -1.749  12.060  7.905   1.00 19.75 ? 5    ARG A N   1 
ATOM   36   C  CA  . ARG A 1 5   ? -1.615  12.290  6.506   1.00 18.31 ? 5    ARG A CA  1 
ATOM   37   C  C   . ARG A 1 5   ? -0.153  12.671  6.070   1.00 19.28 ? 5    ARG A C   1 
ATOM   38   O  O   . ARG A 1 5   ? 0.535   11.963  5.248   1.00 19.51 ? 5    ARG A O   1 
ATOM   39   C  CB  . ARG A 1 5   ? -2.675  13.324  6.017   1.00 18.76 ? 5    ARG A CB  1 
ATOM   40   C  CG  . ARG A 1 5   ? -2.557  13.524  4.558   1.00 19.82 ? 5    ARG A CG  1 
ATOM   41   C  CD  . ARG A 1 5   ? -3.520  14.552  3.981   1.00 20.98 ? 5    ARG A CD  1 
ATOM   42   N  NE  . ARG A 1 5   ? -3.500  15.860  4.680   1.00 26.61 ? 5    ARG A NE  1 
ATOM   43   C  CZ  . ARG A 1 5   ? -2.794  16.907  4.238   1.00 23.26 ? 5    ARG A CZ  1 
ATOM   44   N  NH1 . ARG A 1 5   ? -2.090  16.825  3.112   1.00 22.84 ? 5    ARG A NH1 1 
ATOM   45   N  NH2 . ARG A 1 5   ? -2.856  18.075  4.884   1.00 27.03 ? 5    ARG A NH2 1 
ATOM   46   N  N   . CYS A 1 6   ? 0.315   13.833  6.552   1.00 17.25 ? 6    CYS A N   1 
ATOM   47   C  CA  . CYS A 1 6   ? 1.636   14.312  6.146   1.00 19.71 ? 6    CYS A CA  1 
ATOM   48   C  C   . CYS A 1 6   ? 2.735   13.403  6.761   1.00 18.17 ? 6    CYS A C   1 
ATOM   49   O  O   . CYS A 1 6   ? 3.782   13.200  6.200   1.00 17.61 ? 6    CYS A O   1 
ATOM   50   C  CB  . CYS A 1 6   ? 1.846   15.786  6.635   1.00 20.17 ? 6    CYS A CB  1 
ATOM   51   S  SG  . CYS A 1 6   ? 0.805   16.916  5.763   1.00 21.39 ? 6    CYS A SG  1 
ATOM   52   N  N   . GLU A 1 7   ? 2.459   12.817  7.924   1.00 17.99 ? 7    GLU A N   1 
ATOM   53   C  CA  . GLU A 1 7   ? 3.399   11.859  8.490   1.00 16.56 ? 7    GLU A CA  1 
ATOM   54   C  C   . GLU A 1 7   ? 3.656   10.658  7.565   1.00 15.84 ? 7    GLU A C   1 
ATOM   55   O  O   . GLU A 1 7   ? 4.778   10.217  7.355   1.00 17.49 ? 7    GLU A O   1 
ATOM   56   C  CB  . GLU A 1 7   ? 2.878   11.324  9.807   1.00 17.89 ? 7    GLU A CB  1 
ATOM   57   C  CG  . GLU A 1 7   ? 3.858   10.456  10.571  1.00 19.26 ? 7    GLU A CG  1 
ATOM   58   C  CD  . GLU A 1 7   ? 3.188   9.753   11.795  1.00 18.55 ? 7    GLU A CD  1 
ATOM   59   O  OE1 . GLU A 1 7   ? 1.934   9.752   11.921  1.00 20.38 ? 7    GLU A OE1 1 
ATOM   60   O  OE2 . GLU A 1 7   ? 3.976   9.268   12.641  1.00 23.63 ? 7    GLU A OE2 1 
ATOM   61   N  N   . LEU A 1 8   ? 2.536   10.121  7.077   1.00 14.83 ? 8    LEU A N   1 
ATOM   62   C  CA  . LEU A 1 8   ? 2.680   9.028   6.110   1.00 14.03 ? 8    LEU A CA  1 
ATOM   63   C  C   . LEU A 1 8   ? 3.329   9.474   4.813   1.00 14.95 ? 8    LEU A C   1 
ATOM   64   O  O   . LEU A 1 8   ? 4.113   8.683   4.225   1.00 14.21 ? 8    LEU A O   1 
ATOM   65   C  CB  . LEU A 1 8   ? 1.286   8.411   5.802   1.00 15.41 ? 8    LEU A CB  1 
ATOM   66   C  CG  . LEU A 1 8   ? 1.313   7.187   4.827   1.00 14.56 ? 8    LEU A CG  1 
ATOM   67   C  CD1 . LEU A 1 8   ? 2.175   6.071   5.414   1.00 13.87 ? 8    LEU A CD1 1 
ATOM   68   C  CD2 . LEU A 1 8   ? -0.060  6.707   4.526   1.00 17.84 ? 8    LEU A CD2 1 
ATOM   69   N  N   . ALA A 1 9   ? 3.010   10.659  4.301   1.00 15.70 ? 9    ALA A N   1 
ATOM   70   C  CA  . ALA A 1 9   ? 3.635   11.114  3.060   1.00 15.99 ? 9    ALA A CA  1 
ATOM   71   C  C   . ALA A 1 9   ? 5.162   11.153  3.232   1.00 15.24 ? 9    ALA A C   1 
ATOM   72   O  O   . ALA A 1 9   ? 5.934   10.630  2.415   1.00 17.42 ? 9    ALA A O   1 
ATOM   73   C  CB  . ALA A 1 9   ? 3.077   12.490  2.685   1.00 18.17 ? 9    ALA A CB  1 
ATOM   74   N  N   . ALA A 1 10  ? 5.586   11.670  4.381   1.00 17.35 ? 10   ALA A N   1 
ATOM   75   C  CA  . ALA A 1 10  ? 7.021   11.712  4.726   1.00 16.76 ? 10   ALA A CA  1 
ATOM   76   C  C   . ALA A 1 10  ? 7.661   10.335  4.799   1.00 17.24 ? 10   ALA A C   1 
ATOM   77   O  O   . ALA A 1 10  ? 8.764   10.145  4.303   1.00 16.68 ? 10   ALA A O   1 
ATOM   78   C  CB  . ALA A 1 10  ? 7.253   12.492  6.053   1.00 17.71 ? 10   ALA A CB  1 
ATOM   79   N  N   . ALA A 1 11  ? 7.012   9.377   5.470   1.00 16.56 ? 11   ALA A N   1 
ATOM   80   C  CA  . ALA A 1 11  ? 7.565   8.036   5.505   1.00 16.99 ? 11   ALA A CA  1 
ATOM   81   C  C   . ALA A 1 11  ? 7.647   7.416   4.137   1.00 15.69 ? 11   ALA A C   1 
ATOM   82   O  O   . ALA A 1 11  ? 8.604   6.730   3.851   1.00 16.98 ? 11   ALA A O   1 
ATOM   83   C  CB  . ALA A 1 11  ? 6.760   7.156   6.418   1.00 17.69 ? 11   ALA A CB  1 
ATOM   84   N  N   . MET A 1 12  ? 6.605   7.614   3.336   1.00 15.41 ? 12   MET A N   1 
ATOM   85   C  CA  . MET A 1 12  ? 6.589   7.046   1.962   1.00 14.91 ? 12   MET A CA  1 
ATOM   86   C  C   . MET A 1 12  ? 7.735   7.617   1.122   1.00 17.36 ? 12   MET A C   1 
ATOM   87   O  O   . MET A 1 12  ? 8.413   6.857   0.424   1.00 17.93 ? 12   MET A O   1 
ATOM   88   C  CB  . MET A 1 12  ? 5.222   7.271   1.342   1.00 13.58 ? 12   MET A CB  1 
ATOM   89   C  CG  . MET A 1 12  ? 4.175   6.281   1.872   1.00 15.12 ? 12   MET A CG  1 
ATOM   90   S  SD  . MET A 1 12  ? 2.600   6.730   1.106   1.00 14.88 ? 12   MET A SD  1 
ATOM   91   C  CE  . MET A 1 12  ? 1.690   5.176   1.397   1.00 15.18 ? 12   MET A CE  1 
ATOM   92   N  N   . LYS A 1 13  ? 7.971   8.918   1.297   1.00 17.76 ? 13   LYS A N   1 
ATOM   93   C  CA  . LYS A 1 13  ? 9.037   9.566   0.502   1.00 19.73 ? 13   LYS A CA  1 
ATOM   94   C  C   . LYS A 1 13  ? 10.402  9.057   0.945   1.00 21.25 ? 13   LYS A C   1 
ATOM   95   O  O   . LYS A 1 13  ? 11.301  8.784   0.118   1.00 21.41 ? 13   LYS A O   1 
ATOM   96   C  CB  . LYS A 1 13  ? 8.936   11.074  0.662   1.00 19.54 ? 13   LYS A CB  1 
ATOM   97   C  CG  . LYS A 1 13  ? 10.057  11.801  -0.159  1.00 22.13 ? 13   LYS A CG  1 
ATOM   98   C  CD  . LYS A 1 13  ? 9.905   13.260  0.021   1.00 27.09 ? 13   LYS A CD  1 
ATOM   99   C  CE  . LYS A 1 13  ? 10.991  14.008  -0.805  1.00 29.55 ? 13   LYS A CE  1 
ATOM   100  N  NZ  . LYS A 1 13  ? 10.569  15.425  -0.879  1.00 29.43 ? 13   LYS A NZ  1 
ATOM   101  N  N   . ARG A 1 14  ? 10.558  8.912   2.246   1.00 22.42 ? 14   ARG A N   1 
ATOM   102  C  CA  A ARG A 1 14  ? 11.841  8.464   2.781   0.50 23.29 ? 14   ARG A CA  1 
ATOM   103  C  CA  B ARG A 1 14  ? 11.773  8.431   2.888   0.50 23.04 ? 14   ARG A CA  1 
ATOM   104  C  C   . ARG A 1 14  ? 12.138  7.065   2.300   1.00 22.85 ? 14   ARG A C   1 
ATOM   105  O  O   . ARG A 1 14  ? 13.295  6.766   2.044   1.00 24.83 ? 14   ARG A O   1 
ATOM   106  C  CB  A ARG A 1 14  ? 11.896  8.488   4.303   0.50 23.90 ? 14   ARG A CB  1 
ATOM   107  C  CB  B ARG A 1 14  ? 11.483  8.395   4.400   0.50 24.12 ? 14   ARG A CB  1 
ATOM   108  C  CG  A ARG A 1 14  ? 13.258  8.934   4.866   0.50 27.38 ? 14   ARG A CG  1 
ATOM   109  C  CG  B ARG A 1 14  ? 12.200  7.397   5.288   0.50 24.36 ? 14   ARG A CG  1 
ATOM   110  C  CD  A ARG A 1 14  ? 13.788  8.055   5.992   0.50 26.40 ? 14   ARG A CD  1 
ATOM   111  C  CD  B ARG A 1 14  ? 13.445  7.980   5.960   0.50 28.74 ? 14   ARG A CD  1 
ATOM   112  N  NE  A ARG A 1 14  ? 12.773  7.469   6.874   0.50 25.14 ? 14   ARG A NE  1 
ATOM   113  N  NE  B ARG A 1 14  ? 14.494  6.964   6.038   0.50 29.45 ? 14   ARG A NE  1 
ATOM   114  C  CZ  A ARG A 1 14  ? 12.865  6.234   7.370   0.50 18.57 ? 14   ARG A CZ  1 
ATOM   115  C  CZ  B ARG A 1 14  ? 15.652  7.043   5.392   0.50 28.49 ? 14   ARG A CZ  1 
ATOM   116  N  NH1 A ARG A 1 14  ? 13.903  5.448   7.051   0.50 18.10 ? 14   ARG A NH1 1 
ATOM   117  N  NH1 B ARG A 1 14  ? 15.932  8.101   4.650   0.50 31.95 ? 14   ARG A NH1 1 
ATOM   118  N  NH2 A ARG A 1 14  ? 11.918  5.779   8.162   0.50 20.85 ? 14   ARG A NH2 1 
ATOM   119  N  NH2 B ARG A 1 14  ? 16.539  6.067   5.500   0.50 29.04 ? 14   ARG A NH2 1 
ATOM   120  N  N   . HIS A 1 15  ? 11.100  6.224   2.112   1.00 20.45 ? 15   HIS A N   1 
ATOM   121  C  CA  . HIS A 1 15  ? 11.313  4.866   1.567   1.00 19.16 ? 15   HIS A CA  1 
ATOM   122  C  C   . HIS A 1 15  ? 11.235  4.759   0.026   1.00 19.83 ? 15   HIS A C   1 
ATOM   123  O  O   . HIS A 1 15  ? 11.174  3.630   -0.525  1.00 20.42 ? 15   HIS A O   1 
ATOM   124  C  CB  . HIS A 1 15  ? 10.300  3.897   2.196   1.00 19.08 ? 15   HIS A CB  1 
ATOM   125  C  CG  . HIS A 1 15  ? 10.534  3.627   3.649   1.00 19.20 ? 15   HIS A CG  1 
ATOM   126  N  ND1 . HIS A 1 15  ? 9.932   4.370   4.651   1.00 20.65 ? 15   HIS A ND1 1 
ATOM   127  C  CD2 . HIS A 1 15  ? 11.311  2.718   4.279   1.00 26.24 ? 15   HIS A CD2 1 
ATOM   128  C  CE1 . HIS A 1 15  ? 10.272  3.878   5.828   1.00 24.98 ? 15   HIS A CE1 1 
ATOM   129  N  NE2 . HIS A 1 15  ? 11.128  2.904   5.634   1.00 22.36 ? 15   HIS A NE2 1 
ATOM   130  N  N   . GLY A 1 16  ? 11.258  5.903   -0.651  1.00 18.90 ? 16   GLY A N   1 
ATOM   131  C  CA  . GLY A 1 16  ? 11.510  5.985   -2.087  1.00 19.63 ? 16   GLY A CA  1 
ATOM   132  C  C   . GLY A 1 16  ? 10.255  5.738   -2.900  1.00 20.76 ? 16   GLY A C   1 
ATOM   133  O  O   . GLY A 1 16  ? 10.378  5.313   -4.017  1.00 21.21 ? 16   GLY A O   1 
ATOM   134  N  N   . LEU A 1 17  ? 9.077   5.990   -2.351  1.00 20.96 ? 17   LEU A N   1 
ATOM   135  C  CA  . LEU A 1 17  ? 7.860   5.833   -3.143  1.00 19.94 ? 17   LEU A CA  1 
ATOM   136  C  C   . LEU A 1 17  ? 7.473   7.008   -4.033  1.00 21.50 ? 17   LEU A C   1 
ATOM   137  O  O   . LEU A 1 17  ? 6.659   6.829   -4.945  1.00 19.45 ? 17   LEU A O   1 
ATOM   138  C  CB  . LEU A 1 17  ? 6.625   5.578   -2.279  1.00 21.97 ? 17   LEU A CB  1 
ATOM   139  C  CG  . LEU A 1 17  ? 6.261   4.153   -1.980  1.00 22.38 ? 17   LEU A CG  1 
ATOM   140  C  CD1 . LEU A 1 17  ? 4.900   4.157   -1.238  1.00 17.34 ? 17   LEU A CD1 1 
ATOM   141  C  CD2 . LEU A 1 17  ? 6.164   3.085   -3.147  1.00 15.49 ? 17   LEU A CD2 1 
ATOM   142  N  N   . ASP A 1 18  ? 8.044   8.180   -3.775  1.00 21.35 ? 18   ASP A N   1 
ATOM   143  C  CA  A ASP A 1 18  ? 7.545   9.399   -4.399  0.50 21.52 ? 18   ASP A CA  1 
ATOM   144  C  CA  B ASP A 1 18  ? 7.534   9.324   -4.521  0.50 22.15 ? 18   ASP A CA  1 
ATOM   145  C  C   . ASP A 1 18  ? 8.151   9.391   -5.914  1.00 22.44 ? 18   ASP A C   1 
ATOM   146  O  O   . ASP A 1 18  ? 9.329   9.146   -6.172  1.00 23.56 ? 18   ASP A O   1 
ATOM   147  C  CB  A ASP A 1 18  ? 8.030   10.609  -3.582  0.50 22.18 ? 18   ASP A CB  1 
ATOM   148  C  CB  B ASP A 1 18  ? 7.807   10.624  -3.761  0.50 22.97 ? 18   ASP A CB  1 
ATOM   149  C  CG  A ASP A 1 18  ? 9.492   10.553  -3.242  0.50 19.25 ? 18   ASP A CG  1 
ATOM   150  C  CG  B ASP A 1 18  ? 7.479   11.857  -4.580  0.50 21.27 ? 18   ASP A CG  1 
ATOM   151  O  OD1 A ASP A 1 18  ? 10.056  9.513   -2.762  0.50 15.36 ? 18   ASP A OD1 1 
ATOM   152  O  OD1 B ASP A 1 18  ? 6.549   11.791  -5.411  0.50 16.44 ? 18   ASP A OD1 1 
ATOM   153  O  OD2 A ASP A 1 18  ? 10.093  11.618  -3.489  0.50 20.83 ? 18   ASP A OD2 1 
ATOM   154  O  OD2 B ASP A 1 18  ? 8.152   12.892  -4.393  0.50 26.57 ? 18   ASP A OD2 1 
ATOM   155  N  N   . ASN A 1 19  ? 7.187   9.354   -6.827  1.00 21.62 ? 19   ASN A N   1 
ATOM   156  C  CA  . ASN A 1 19  ? 7.464   9.070   -8.197  1.00 21.86 ? 19   ASN A CA  1 
ATOM   157  C  C   . ASN A 1 19  ? 7.941   7.687   -8.606  1.00 18.60 ? 19   ASN A C   1 
ATOM   158  O  O   . ASN A 1 19  ? 8.424   7.472   -9.725  1.00 19.27 ? 19   ASN A O   1 
ATOM   159  C  CB  . ASN A 1 19  ? 8.161   10.221  -8.906  1.00 23.42 ? 19   ASN A CB  1 
ATOM   160  C  CG  . ASN A 1 19  ? 7.110   11.060  -9.588  1.00 31.82 ? 19   ASN A CG  1 
ATOM   161  O  OD1 . ASN A 1 19  ? 6.561   10.649  -10.616 1.00 36.32 ? 19   ASN A OD1 1 
ATOM   162  N  ND2 . ASN A 1 19  ? 6.675   12.131  -8.902  1.00 37.95 ? 19   ASN A ND2 1 
ATOM   163  N  N   . TYR A 1 20  ? 7.730   6.710   -7.721  1.00 17.79 ? 20   TYR A N   1 
ATOM   164  C  CA  . TYR A 1 20  ? 8.163   5.361   -8.061  1.00 16.36 ? 20   TYR A CA  1 
ATOM   165  C  C   . TYR A 1 20  ? 7.262   4.844   -9.203  1.00 17.81 ? 20   TYR A C   1 
ATOM   166  O  O   . TYR A 1 20  ? 6.020   4.921   -9.080  1.00 15.39 ? 20   TYR A O   1 
ATOM   167  C  CB  . TYR A 1 20  ? 8.074   4.457   -6.792  1.00 17.59 ? 20   TYR A CB  1 
ATOM   168  C  CG  . TYR A 1 20  ? 8.713   3.102   -7.037  1.00 15.78 ? 20   TYR A CG  1 
ATOM   169  C  CD1 . TYR A 1 20  ? 8.000   2.027   -7.594  1.00 14.07 ? 20   TYR A CD1 1 
ATOM   170  C  CD2 . TYR A 1 20  ? 10.065  2.911   -6.770  1.00 18.52 ? 20   TYR A CD2 1 
ATOM   171  C  CE1 . TYR A 1 20  ? 8.601   0.788   -7.856  1.00 15.86 ? 20   TYR A CE1 1 
ATOM   172  C  CE2 . TYR A 1 20  ? 10.667  1.679   -7.057  1.00 18.90 ? 20   TYR A CE2 1 
ATOM   173  C  CZ  . TYR A 1 20  ? 9.952   0.634   -7.613  1.00 18.95 ? 20   TYR A CZ  1 
ATOM   174  O  OH  . TYR A 1 20  ? 10.474  -0.596  -7.901  1.00 21.34 ? 20   TYR A OH  1 
ATOM   175  N  N   . ARG A 1 21  ? 7.873   4.231   -10.249 1.00 15.78 ? 21   ARG A N   1 
ATOM   176  C  CA  . ARG A 1 21  ? 7.133   3.877   -11.454 1.00 17.85 ? 21   ARG A CA  1 
ATOM   177  C  C   . ARG A 1 21  ? 6.266   5.025   -11.987 1.00 16.05 ? 21   ARG A C   1 
ATOM   178  O  O   . ARG A 1 21  ? 5.248   4.773   -12.641 1.00 17.11 ? 21   ARG A O   1 
ATOM   179  C  CB  . ARG A 1 21  ? 6.341   2.609   -11.214 1.00 18.10 ? 21   ARG A CB  1 
ATOM   180  C  CG  . ARG A 1 21  ? 7.241   1.388   -11.063 1.00 23.29 ? 21   ARG A CG  1 
ATOM   181  C  CD  . ARG A 1 21  ? 7.423   0.675   -12.428 1.00 26.23 ? 21   ARG A CD  1 
ATOM   182  N  NE  . ARG A 1 21  ? 8.577   -0.252  -12.339 1.00 33.07 ? 21   ARG A NE  1 
ATOM   183  C  CZ  . ARG A 1 21  ? 8.881   -1.172  -13.263 1.00 34.25 ? 21   ARG A CZ  1 
ATOM   184  N  NH1 . ARG A 1 21  ? 8.117   -1.301  -14.340 1.00 35.70 ? 21   ARG A NH1 1 
ATOM   185  N  NH2 . ARG A 1 21  ? 9.938   -1.973  -13.101 1.00 34.23 ? 21   ARG A NH2 1 
ATOM   186  N  N   . GLY A 1 22  ? 6.671   6.255   -11.736 1.00 15.41 ? 22   GLY A N   1 
ATOM   187  C  CA  . GLY A 1 22  ? 5.949   7.417   -12.257 1.00 16.53 ? 22   GLY A CA  1 
ATOM   188  C  C   . GLY A 1 22  ? 4.768   7.910   -11.435 1.00 17.24 ? 22   GLY A C   1 
ATOM   189  O  O   . GLY A 1 22  ? 4.071   8.815   -11.839 1.00 16.61 ? 22   GLY A O   1 
ATOM   190  N  N   . TYR A 1 23  ? 4.516   7.283   -10.275 1.00 13.29 ? 23   TYR A N   1 
ATOM   191  C  CA  . TYR A 1 23  ? 3.360   7.673   -9.459  1.00 13.03 ? 23   TYR A CA  1 
ATOM   192  C  C   . TYR A 1 23  ? 3.794   8.630   -8.388  1.00 13.62 ? 23   TYR A C   1 
ATOM   193  O  O   . TYR A 1 23  ? 4.531   8.248   -7.454  1.00 14.72 ? 23   TYR A O   1 
ATOM   194  C  CB  . TYR A 1 23  ? 2.731   6.392   -8.828  1.00 14.56 ? 23   TYR A CB  1 
ATOM   195  C  CG  . TYR A 1 23  ? 2.055   5.559   -9.859  1.00 11.25 ? 23   TYR A CG  1 
ATOM   196  C  CD1 . TYR A 1 23  ? 0.705   5.886   -10.223 1.00 12.86 ? 23   TYR A CD1 1 
ATOM   197  C  CD2 . TYR A 1 23  ? 2.706   4.497   -10.490 1.00 13.77 ? 23   TYR A CD2 1 
ATOM   198  C  CE1 . TYR A 1 23  ? 0.028   5.138   -11.197 1.00 13.10 ? 23   TYR A CE1 1 
ATOM   199  C  CE2 . TYR A 1 23  ? 2.057   3.829   -11.469 1.00 12.16 ? 23   TYR A CE2 1 
ATOM   200  C  CZ  . TYR A 1 23  ? 0.718   4.146   -11.842 1.00 12.85 ? 23   TYR A CZ  1 
ATOM   201  O  OH  . TYR A 1 23  ? 0.053   3.387   -12.808 1.00 15.19 ? 23   TYR A OH  1 
ATOM   202  N  N   . SER A 1 24  ? 3.300   9.880   -8.488  1.00 15.02 ? 24   SER A N   1 
ATOM   203  C  CA  . SER A 1 24  ? 3.667   10.885  -7.497  1.00 15.94 ? 24   SER A CA  1 
ATOM   204  C  C   . SER A 1 24  ? 3.212   10.489  -6.127  1.00 15.35 ? 24   SER A C   1 
ATOM   205  O  O   . SER A 1 24  ? 2.246   9.702   -5.909  1.00 16.15 ? 24   SER A O   1 
ATOM   206  C  CB  . SER A 1 24  ? 3.036   12.204  -7.846  1.00 17.86 ? 24   SER A CB  1 
ATOM   207  O  OG  . SER A 1 24  ? 1.613   12.074  -7.863  1.00 18.61 ? 24   SER A OG  1 
ATOM   208  N  N   . LEU A 1 25  ? 3.808   11.116  -5.131  1.00 14.63 ? 25   LEU A N   1 
ATOM   209  C  CA  . LEU A 1 25  ? 3.470   10.819  -3.761  1.00 14.35 ? 25   LEU A CA  1 
ATOM   210  C  C   . LEU A 1 25  ? 2.005   10.926  -3.388  1.00 13.99 ? 25   LEU A C   1 
ATOM   211  O  O   . LEU A 1 25  ? 1.538   10.091  -2.583  1.00 15.13 ? 25   LEU A O   1 
ATOM   212  C  CB  . LEU A 1 25  ? 4.311   11.707  -2.870  1.00 16.26 ? 25   LEU A CB  1 
ATOM   213  C  CG  . LEU A 1 25  ? 4.342   11.449  -1.398  1.00 14.59 ? 25   LEU A CG  1 
ATOM   214  C  CD1 . LEU A 1 25  ? 4.829   9.992   -1.066  1.00 20.76 ? 25   LEU A CD1 1 
ATOM   215  C  CD2 . LEU A 1 25  ? 5.355   12.454  -0.737  1.00 18.82 ? 25   LEU A CD2 1 
ATOM   216  N  N   . GLY A 1 26  ? 1.238   11.895  -3.874  1.00 14.03 ? 26   GLY A N   1 
ATOM   217  C  CA  . GLY A 1 26  ? -0.188  12.007  -3.603  1.00 13.37 ? 26   GLY A CA  1 
ATOM   218  C  C   . GLY A 1 26  ? -0.971  10.768  -4.010  1.00 12.79 ? 26   GLY A C   1 
ATOM   219  O  O   . GLY A 1 26  ? -1.966  10.426  -3.413  1.00 14.01 ? 26   GLY A O   1 
ATOM   220  N  N   . ASN A 1 27  ? -0.541  10.113  -5.105  1.00 12.74 ? 27   ASN A N   1 
ATOM   221  C  CA  . ASN A 1 27  ? -1.187  8.832   -5.509  1.00 12.56 ? 27   ASN A CA  1 
ATOM   222  C  C   . ASN A 1 27  ? -1.083  7.774   -4.429  1.00 11.53 ? 27   ASN A C   1 
ATOM   223  O  O   . ASN A 1 27  ? -2.100  7.103   -4.158  1.00 11.58 ? 27   ASN A O   1 
ATOM   224  C  CB  . ASN A 1 27  ? -0.602  8.239   -6.797  1.00 12.51 ? 27   ASN A CB  1 
ATOM   225  C  CG  . ASN A 1 27  ? -1.098  8.970   -8.026  1.00 11.03 ? 27   ASN A CG  1 
ATOM   226  O  OD1 . ASN A 1 27  ? -2.266  8.792   -8.440  1.00 12.94 ? 27   ASN A OD1 1 
ATOM   227  N  ND2 . ASN A 1 27  ? -0.250  9.897   -8.546  1.00 14.14 ? 27   ASN A ND2 1 
ATOM   228  N  N   . TRP A 1 28  ? 0.100   7.629   -3.833  1.00 12.20 ? 28   TRP A N   1 
ATOM   229  C  CA  . TRP A 1 28  ? 0.301   6.623   -2.759  1.00 10.43 ? 28   TRP A CA  1 
ATOM   230  C  C   . TRP A 1 28  ? -0.465  6.962   -1.504  1.00 11.90 ? 28   TRP A C   1 
ATOM   231  O  O   . TRP A 1 28  ? -1.037  6.071   -0.880  1.00 12.50 ? 28   TRP A O   1 
ATOM   232  C  CB  . TRP A 1 28  ? 1.801   6.573   -2.461  1.00 11.95 ? 28   TRP A CB  1 
ATOM   233  C  CG  . TRP A 1 28  ? 2.585   6.004   -3.687  1.00 13.64 ? 28   TRP A CG  1 
ATOM   234  C  CD1 . TRP A 1 28  ? 3.330   6.729   -4.573  1.00 14.04 ? 28   TRP A CD1 1 
ATOM   235  C  CD2 . TRP A 1 28  ? 2.548   4.661   -4.177  1.00 13.57 ? 28   TRP A CD2 1 
ATOM   236  N  NE1 . TRP A 1 28  ? 3.814   5.892   -5.564  1.00 14.20 ? 28   TRP A NE1 1 
ATOM   237  C  CE2 . TRP A 1 28  ? 3.344   4.617   -5.327  1.00 12.27 ? 28   TRP A CE2 1 
ATOM   238  C  CE3 . TRP A 1 28  ? 1.951   3.483   -3.687  1.00 14.49 ? 28   TRP A CE3 1 
ATOM   239  C  CZ2 . TRP A 1 28  ? 3.590   3.419   -6.036  1.00 13.00 ? 28   TRP A CZ2 1 
ATOM   240  C  CZ3 . TRP A 1 28  ? 2.166   2.279   -4.395  1.00 13.36 ? 28   TRP A CZ3 1 
ATOM   241  C  CH2 . TRP A 1 28  ? 2.997   2.264   -5.551  1.00 14.68 ? 28   TRP A CH2 1 
ATOM   242  N  N   . VAL A 1 29  ? -0.440  8.255   -1.146  1.00 12.41 ? 29   VAL A N   1 
ATOM   243  C  CA  . VAL A 1 29  ? -1.192  8.728   0.040   1.00 12.54 ? 29   VAL A CA  1 
ATOM   244  C  C   . VAL A 1 29  ? -2.703  8.531   -0.142  1.00 12.91 ? 29   VAL A C   1 
ATOM   245  O  O   . VAL A 1 29  ? -3.406  8.028   0.761   1.00 12.57 ? 29   VAL A O   1 
ATOM   246  C  CB  . VAL A 1 29  ? -0.808  10.193  0.428   1.00 14.05 ? 29   VAL A CB  1 
ATOM   247  C  CG1 . VAL A 1 29  ? -1.713  10.703  1.558   1.00 14.16 ? 29   VAL A CG1 1 
ATOM   248  C  CG2 . VAL A 1 29  ? 0.732   10.288  0.818   1.00 14.19 ? 29   VAL A CG2 1 
ATOM   249  N  N   . CYS A 1 30  ? -3.232  8.883   -1.310  1.00 12.03 ? 30   CYS A N   1 
ATOM   250  C  CA  . CYS A 1 30  ? -4.636  8.712   -1.608  1.00 12.68 ? 30   CYS A CA  1 
ATOM   251  C  C   . CYS A 1 30  ? -4.959  7.171   -1.550  1.00 11.57 ? 30   CYS A C   1 
ATOM   252  O  O   . CYS A 1 30  ? -6.001  6.779   -0.983  1.00 11.80 ? 30   CYS A O   1 
ATOM   253  C  CB  . CYS A 1 30  ? -4.915  9.272   -3.023  1.00 11.53 ? 30   CYS A CB  1 
ATOM   254  S  SG  . CYS A 1 30  ? -6.675  9.152   -3.477  1.00 13.50 ? 30   CYS A SG  1 
ATOM   255  N  N   . ALA A 1 31  ? -4.107  6.332   -2.155  1.00 12.25 ? 31   ALA A N   1 
ATOM   256  C  CA  . ALA A 1 31  ? -4.423  4.908   -2.108  1.00 12.88 ? 31   ALA A CA  1 
ATOM   257  C  C   . ALA A 1 31  ? -4.442  4.420   -0.675  1.00 11.56 ? 31   ALA A C   1 
ATOM   258  O  O   . ALA A 1 31  ? -5.360  3.671   -0.264  1.00 12.61 ? 31   ALA A O   1 
ATOM   259  C  CB  . ALA A 1 31  ? -3.304  4.163   -2.885  1.00 13.60 ? 31   ALA A CB  1 
ATOM   260  N  N   . ALA A 1 32  ? -3.475  4.839   0.135   1.00 12.29 ? 32   ALA A N   1 
ATOM   261  C  CA  . ALA A 1 32  ? -3.474  4.323   1.520   1.00 9.76  ? 32   ALA A CA  1 
ATOM   262  C  C   . ALA A 1 32  ? -4.670  4.861   2.285   1.00 12.23 ? 32   ALA A C   1 
ATOM   263  O  O   . ALA A 1 32  ? -5.243  4.206   3.158   1.00 11.87 ? 32   ALA A O   1 
ATOM   264  C  CB  . ALA A 1 32  ? -2.173  4.779   2.208   1.00 10.46 ? 32   ALA A CB  1 
ATOM   265  N  N   . LYS A 1 33  ? -5.088  6.085   1.986   1.00 11.19 ? 33   LYS A N   1 
ATOM   266  C  CA  . LYS A 1 33  ? -6.233  6.665   2.707   1.00 12.58 ? 33   LYS A CA  1 
ATOM   267  C  C   . LYS A 1 33  ? -7.514  5.776   2.523   1.00 12.41 ? 33   LYS A C   1 
ATOM   268  O  O   . LYS A 1 33  ? -8.186  5.344   3.517   1.00 12.60 ? 33   LYS A O   1 
ATOM   269  C  CB  . LYS A 1 33  ? -6.563  8.067   2.197   1.00 13.37 ? 33   LYS A CB  1 
ATOM   270  C  CG  . LYS A 1 33  ? -7.916  8.587   2.732   1.00 16.86 ? 33   LYS A CG  1 
ATOM   271  C  CD  . LYS A 1 33  ? -7.857  8.825   4.230   1.00 17.34 ? 33   LYS A CD  1 
ATOM   272  C  CE  . LYS A 1 33  ? -9.120  9.579   4.538   1.00 26.41 ? 33   LYS A CE  1 
ATOM   273  N  NZ  . LYS A 1 33  ? -9.131  9.729   5.983   1.00 26.83 ? 33   LYS A NZ  1 
ATOM   274  N  N   . PHE A 1 34  ? -7.753  5.374   1.245   1.00 12.73 ? 34   PHE A N   1 
ATOM   275  C  CA  . PHE A 1 34  ? -8.973  4.620   0.951   1.00 12.39 ? 34   PHE A CA  1 
ATOM   276  C  C   . PHE A 1 34  ? -8.779  3.118   1.211   1.00 13.25 ? 34   PHE A C   1 
ATOM   277  O  O   . PHE A 1 34  ? -9.798  2.408   1.488   1.00 14.59 ? 34   PHE A O   1 
ATOM   278  C  CB  . PHE A 1 34  ? -9.493  4.987   -0.420  1.00 14.55 ? 34   PHE A CB  1 
ATOM   279  C  CG  . PHE A 1 34  ? -9.936  6.429   -0.479  1.00 14.48 ? 34   PHE A CG  1 
ATOM   280  C  CD1 . PHE A 1 34  ? -10.833 6.910   0.450   1.00 15.05 ? 34   PHE A CD1 1 
ATOM   281  C  CD2 . PHE A 1 34  ? -9.398  7.294   -1.439  1.00 16.47 ? 34   PHE A CD2 1 
ATOM   282  C  CE1 . PHE A 1 34  ? -11.285 8.228   0.400   1.00 17.65 ? 34   PHE A CE1 1 
ATOM   283  C  CE2 . PHE A 1 34  ? -9.848  8.636   -1.515  1.00 20.39 ? 34   PHE A CE2 1 
ATOM   284  C  CZ  . PHE A 1 34  ? -10.768 9.080   -0.574  1.00 16.24 ? 34   PHE A CZ  1 
ATOM   285  N  N   . GLU A 1 35  ? -7.558  2.602   1.122   1.00 13.27 ? 35   GLU A N   1 
ATOM   286  C  CA  . GLU A 1 35  ? -7.359  1.186   1.482   1.00 13.03 ? 35   GLU A CA  1 
ATOM   287  C  C   . GLU A 1 35  ? -7.439  0.930   2.969   1.00 13.81 ? 35   GLU A C   1 
ATOM   288  O  O   . GLU A 1 35  ? -8.101  -0.051  3.404   1.00 13.50 ? 35   GLU A O   1 
ATOM   289  C  CB  . GLU A 1 35  ? -5.945  0.726   0.985   1.00 13.24 ? 35   GLU A CB  1 
ATOM   290  C  CG  . GLU A 1 35  ? -5.845  0.642   -0.569  1.00 12.68 ? 35   GLU A CG  1 
ATOM   291  C  CD  . GLU A 1 35  ? -6.751  -0.402  -1.214  1.00 12.73 ? 35   GLU A CD  1 
ATOM   292  O  OE1 . GLU A 1 35  ? -7.425  -1.174  -0.485  1.00 14.70 ? 35   GLU A OE1 1 
ATOM   293  O  OE2 . GLU A 1 35  ? -6.774  -0.413  -2.472  1.00 14.52 ? 35   GLU A OE2 1 
ATOM   294  N  N   . SER A 1 36  ? -6.848  1.828   3.776   1.00 13.07 ? 36   SER A N   1 
ATOM   295  C  CA  . SER A 1 36  ? -6.667  1.509   5.212   1.00 12.62 ? 36   SER A CA  1 
ATOM   296  C  C   . SER A 1 36  ? -6.954  2.610   6.192   1.00 13.06 ? 36   SER A C   1 
ATOM   297  O  O   . SER A 1 36  ? -6.861  2.408   7.417   1.00 14.44 ? 36   SER A O   1 
ATOM   298  C  CB  . SER A 1 36  ? -5.243  1.100   5.469   1.00 12.17 ? 36   SER A CB  1 
ATOM   299  O  OG  . SER A 1 36  ? -4.398  2.219   5.293   1.00 12.88 ? 36   SER A OG  1 
ATOM   300  N  N   . ASN A 1 37  ? -7.358  3.762   5.648   1.00 14.07 ? 37   ASN A N   1 
ATOM   301  C  CA  . ASN A 1 37  ? -7.542  4.962   6.526   1.00 15.42 ? 37   ASN A CA  1 
ATOM   302  C  C   . ASN A 1 37  ? -6.241  5.241   7.256   1.00 14.24 ? 37   ASN A C   1 
ATOM   303  O  O   . ASN A 1 37  ? -6.277  5.780   8.387   1.00 15.28 ? 37   ASN A O   1 
ATOM   304  C  CB  . ASN A 1 37  ? -8.725  4.896   7.496   1.00 16.14 ? 37   ASN A CB  1 
ATOM   305  C  CG  . ASN A 1 37  ? -9.262  6.301   7.815   1.00 16.83 ? 37   ASN A CG  1 
ATOM   306  O  OD1 . ASN A 1 37  ? -8.914  7.295   7.161   1.00 18.65 ? 37   ASN A OD1 1 
ATOM   307  N  ND2 . ASN A 1 37  ? -10.011 6.375   8.837   1.00 21.10 ? 37   ASN A ND2 1 
ATOM   308  N  N   . PHE A 1 38  ? -5.110  4.915   6.654   1.00 13.50 ? 38   PHE A N   1 
ATOM   309  C  CA  . PHE A 1 38  ? -3.774  5.177   7.206   1.00 12.33 ? 38   PHE A CA  1 
ATOM   310  C  C   . PHE A 1 38  ? -3.466  4.327   8.462   1.00 12.41 ? 38   PHE A C   1 
ATOM   311  O  O   . PHE A 1 38  ? -2.475  4.572   9.179   1.00 13.83 ? 38   PHE A O   1 
ATOM   312  C  CB  . PHE A 1 38  ? -3.578  6.672   7.576   1.00 12.28 ? 38   PHE A CB  1 
ATOM   313  C  CG  . PHE A 1 38  ? -3.814  7.661   6.467   1.00 12.40 ? 38   PHE A CG  1 
ATOM   314  C  CD1 . PHE A 1 38  ? -3.401  7.435   5.143   1.00 15.69 ? 38   PHE A CD1 1 
ATOM   315  C  CD2 . PHE A 1 38  ? -4.275  8.933   6.797   1.00 15.99 ? 38   PHE A CD2 1 
ATOM   316  C  CE1 . PHE A 1 38  ? -3.560  8.475   4.149   1.00 12.38 ? 38   PHE A CE1 1 
ATOM   317  C  CE2 . PHE A 1 38  ? -4.406  9.913   5.834   1.00 14.72 ? 38   PHE A CE2 1 
ATOM   318  C  CZ  . PHE A 1 38  ? -4.059  9.702   4.533   1.00 15.25 ? 38   PHE A CZ  1 
ATOM   319  N  N   . ASN A 1 39  ? -4.237  3.229   8.611   1.00 11.62 ? 39   ASN A N   1 
ATOM   320  C  CA  . ASN A 1 39  ? -3.991  2.294   9.762   1.00 11.35 ? 39   ASN A CA  1 
ATOM   321  C  C   . ASN A 1 39  ? -3.140  1.127   9.315   1.00 10.92 ? 39   ASN A C   1 
ATOM   322  O  O   . ASN A 1 39  ? -3.585  0.284   8.495   1.00 12.50 ? 39   ASN A O   1 
ATOM   323  C  CB  . ASN A 1 39  ? -5.351  1.865   10.279  1.00 11.56 ? 39   ASN A CB  1 
ATOM   324  C  CG  . ASN A 1 39  ? -5.257  1.075   11.510  1.00 11.15 ? 39   ASN A CG  1 
ATOM   325  O  OD1 . ASN A 1 39  ? -4.205  0.655   11.943  1.00 13.00 ? 39   ASN A OD1 1 
ATOM   326  N  ND2 . ASN A 1 39  ? -6.441  0.874   12.127  1.00 17.06 ? 39   ASN A ND2 1 
ATOM   327  N  N   . THR A 1 40  ? -1.932  1.010   9.853   1.00 11.42 ? 40   THR A N   1 
ATOM   328  C  CA  . THR A 1 40  ? -1.072  -0.133  9.531   1.00 11.35 ? 40   THR A CA  1 
ATOM   329  C  C   . THR A 1 40  ? -1.695  -1.488  9.967   1.00 10.65 ? 40   THR A C   1 
ATOM   330  O  O   . THR A 1 40  ? -1.293  -2.485  9.300   1.00 10.75 ? 40   THR A O   1 
ATOM   331  C  CB  . THR A 1 40  ? 0.355   -0.084  10.127  1.00 13.26 ? 40   THR A CB  1 
ATOM   332  O  OG1 . THR A 1 40  ? 0.288   -0.316  11.533  1.00 13.74 ? 40   THR A OG1 1 
ATOM   333  C  CG2 . THR A 1 40  ? 1.041   1.223   9.827   1.00 13.92 ? 40   THR A CG2 1 
ATOM   334  N  N   . GLN A 1 41  ? -2.600  -1.534  10.893  1.00 11.67 ? 41   GLN A N   1 
ATOM   335  C  CA  . GLN A 1 41  ? -3.214  -2.821  11.335  1.00 11.48 ? 41   GLN A CA  1 
ATOM   336  C  C   . GLN A 1 41  ? -4.432  -3.231  10.569  1.00 13.48 ? 41   GLN A C   1 
ATOM   337  O  O   . GLN A 1 41  ? -5.040  -4.194  10.952  1.00 13.89 ? 41   GLN A O   1 
ATOM   338  C  CB  . GLN A 1 41  ? -3.440  -2.797  12.871  1.00 11.39 ? 41   GLN A CB  1 
ATOM   339  C  CG  . GLN A 1 41  ? -2.131  -2.516  13.646  1.00 11.90 ? 41   GLN A CG  1 
ATOM   340  C  CD  . GLN A 1 41  ? -2.317  -2.833  15.112  1.00 13.21 ? 41   GLN A CD  1 
ATOM   341  O  OE1 . GLN A 1 41  ? -2.311  -4.009  15.486  1.00 15.11 ? 41   GLN A OE1 1 
ATOM   342  N  NE2 . GLN A 1 41  ? -2.560  -1.809  15.946  1.00 12.36 ? 41   GLN A NE2 1 
ATOM   343  N  N   . ALA A 1 42  ? -4.801  -2.519  9.518   1.00 11.69 ? 42   ALA A N   1 
ATOM   344  C  CA  . ALA A 1 42  ? -6.028  -2.836  8.783   1.00 11.69 ? 42   ALA A CA  1 
ATOM   345  C  C   . ALA A 1 42  ? -5.909  -4.223  8.137   1.00 13.01 ? 42   ALA A C   1 
ATOM   346  O  O   . ALA A 1 42  ? -4.895  -4.513  7.542   1.00 13.03 ? 42   ALA A O   1 
ATOM   347  C  CB  . ALA A 1 42  ? -6.231  -1.797  7.694   1.00 12.53 ? 42   ALA A CB  1 
ATOM   348  N  N   . THR A 1 43  ? -6.968  -5.044  8.254   1.00 13.17 ? 43   THR A N   1 
ATOM   349  C  CA  . THR A 1 43  ? -7.039  -6.302  7.521   1.00 14.47 ? 43   THR A CA  1 
ATOM   350  C  C   . THR A 1 43  ? -8.470  -6.333  6.961   1.00 16.23 ? 43   THR A C   1 
ATOM   351  O  O   . THR A 1 43  ? -9.437  -5.768  7.534   1.00 17.56 ? 43   THR A O   1 
ATOM   352  C  CB  . THR A 1 43  ? -6.787  -7.509  8.445   1.00 14.62 ? 43   THR A CB  1 
ATOM   353  O  OG1 . THR A 1 43  ? -7.807  -7.514  9.476   1.00 17.70 ? 43   THR A OG1 1 
ATOM   354  C  CG2 . THR A 1 43  ? -5.335  -7.570  9.044   1.00 13.95 ? 43   THR A CG2 1 
ATOM   355  N  N   . ASN A 1 44  ? -8.620  -7.054  5.841   1.00 14.10 ? 44   ASN A N   1 
ATOM   356  C  CA  . ASN A 1 44  ? -9.944  -7.271  5.250   1.00 14.60 ? 44   ASN A CA  1 
ATOM   357  C  C   . ASN A 1 44  ? -9.923  -8.597  4.507   1.00 14.16 ? 44   ASN A C   1 
ATOM   358  O  O   . ASN A 1 44  ? -9.042  -8.859  3.730   1.00 15.36 ? 44   ASN A O   1 
ATOM   359  C  CB  . ASN A 1 44  ? -10.231 -6.076  4.331   1.00 17.64 ? 44   ASN A CB  1 
ATOM   360  C  CG  . ASN A 1 44  ? -10.570 -4.785  5.172   1.00 22.56 ? 44   ASN A CG  1 
ATOM   361  O  OD1 . ASN A 1 44  ? -9.764  -3.849  5.224   1.00 29.50 ? 44   ASN A OD1 1 
ATOM   362  N  ND2 . ASN A 1 44  ? -11.761 -4.788  5.908   1.00 22.26 ? 44   ASN A ND2 1 
ATOM   363  N  N   . ARG A 1 45  ? -10.880 -9.448  4.854   1.00 14.91 ? 45   ARG A N   1 
ATOM   364  C  CA  . ARG A 1 45  ? -11.003 -10.755 4.184   1.00 15.94 ? 45   ARG A CA  1 
ATOM   365  C  C   . ARG A 1 45  ? -11.737 -10.554 2.855   1.00 18.89 ? 45   ARG A C   1 
ATOM   366  O  O   . ARG A 1 45  ? -12.796 -9.899  2.818   1.00 21.56 ? 45   ARG A O   1 
ATOM   367  C  CB  . ARG A 1 45  ? -11.848 -11.679 5.065   1.00 18.43 ? 45   ARG A CB  1 
ATOM   368  C  CG  . ARG A 1 45  ? -11.740 -13.234 4.623   1.00 21.19 ? 45   ARG A CG  1 
ATOM   369  C  CD  . ARG A 1 45  ? -10.435 -13.785 5.017   1.00 26.71 ? 45   ARG A CD  1 
ATOM   370  N  NE  . ARG A 1 45  ? -10.473 -13.723 6.463   1.00 41.05 ? 45   ARG A NE  1 
ATOM   371  C  CZ  . ARG A 1 45  ? -10.870 -14.729 7.229   1.00 39.16 ? 45   ARG A CZ  1 
ATOM   372  N  NH1 . ARG A 1 45  ? -11.121 -15.922 6.703   1.00 42.56 ? 45   ARG A NH1 1 
ATOM   373  N  NH2 . ARG A 1 45  ? -10.933 -14.554 8.524   1.00 46.86 ? 45   ARG A NH2 1 
ATOM   374  N  N   . ASN A 1 46  ? -11.223 -11.222 1.830   1.00 17.76 ? 46   ASN A N   1 
ATOM   375  C  CA  . ASN A 1 46  ? -11.815 -11.252 0.470   1.00 19.76 ? 46   ASN A CA  1 
ATOM   376  C  C   . ASN A 1 46  ? -12.681 -12.436 0.281   1.00 21.41 ? 46   ASN A C   1 
ATOM   377  O  O   . ASN A 1 46  ? -12.574 -13.438 1.004   1.00 22.14 ? 46   ASN A O   1 
ATOM   378  C  CB  . ASN A 1 46  ? -10.702 -11.267 -0.588  1.00 19.91 ? 46   ASN A CB  1 
ATOM   379  C  CG  . ASN A 1 46  ? -9.750  -10.084 -0.442  1.00 18.74 ? 46   ASN A CG  1 
ATOM   380  O  OD1 . ASN A 1 46  ? -8.510  -10.245 -0.490  1.00 23.13 ? 46   ASN A OD1 1 
ATOM   381  N  ND2 . ASN A 1 46  ? -10.303 -8.926  -0.203  1.00 21.59 ? 46   ASN A ND2 1 
ATOM   382  N  N   . THR A 1 47  ? -13.586 -12.341 -0.695  1.00 23.13 ? 47   THR A N   1 
ATOM   383  C  CA  . THR A 1 47  ? -14.566 -13.438 -0.892  1.00 25.56 ? 47   THR A CA  1 
ATOM   384  C  C   . THR A 1 47  ? -13.915 -14.797 -1.196  1.00 24.71 ? 47   THR A C   1 
ATOM   385  O  O   . THR A 1 47  ? -14.486 -15.880 -0.838  1.00 26.25 ? 47   THR A O   1 
ATOM   386  C  CB  . THR A 1 47  ? -15.598 -13.102 -2.015  1.00 25.50 ? 47   THR A CB  1 
ATOM   387  O  OG1 . THR A 1 47  ? -14.906 -12.738 -3.214  1.00 33.11 ? 47   THR A OG1 1 
ATOM   388  C  CG2 . THR A 1 47  ? -16.371 -11.896 -1.587  1.00 23.38 ? 47   THR A CG2 1 
ATOM   389  N  N   . ASP A 1 48  ? -12.747 -14.727 -1.822  1.00 23.61 ? 48   ASP A N   1 
ATOM   390  C  CA  . ASP A 1 48  ? -11.991 -15.900 -2.304  1.00 22.95 ? 48   ASP A CA  1 
ATOM   391  C  C   . ASP A 1 48  ? -11.233 -16.556 -1.127  1.00 23.26 ? 48   ASP A C   1 
ATOM   392  O  O   . ASP A 1 48  ? -10.579 -17.585 -1.321  1.00 25.00 ? 48   ASP A O   1 
ATOM   393  C  CB  . ASP A 1 48  ? -11.084 -15.551 -3.498  1.00 23.68 ? 48   ASP A CB  1 
ATOM   394  C  CG  . ASP A 1 48  ? -9.834  -14.779 -3.102  1.00 25.46 ? 48   ASP A CG  1 
ATOM   395  O  OD1 . ASP A 1 48  ? -9.795  -14.224 -1.985  1.00 24.48 ? 48   ASP A OD1 1 
ATOM   396  O  OD2 . ASP A 1 48  ? -8.899  -14.693 -3.909  1.00 30.10 ? 48   ASP A OD2 1 
ATOM   397  N  N   . GLY A 1 49  ? -11.299 -15.955 0.056   1.00 20.52 ? 49   GLY A N   1 
ATOM   398  C  CA  . GLY A 1 49  ? -10.628 -16.489 1.277   1.00 20.44 ? 49   GLY A CA  1 
ATOM   399  C  C   . GLY A 1 49  ? -9.209  -15.898 1.488   1.00 16.45 ? 49   GLY A C   1 
ATOM   400  O  O   . GLY A 1 49  ? -8.557  -16.190 2.513   1.00 17.65 ? 49   GLY A O   1 
ATOM   401  N  N   . SER A 1 50  ? -8.752  -15.066 0.547   1.00 14.22 ? 50   SER A N   1 
ATOM   402  C  CA  . SER A 1 50  ? -7.444  -14.380 0.732   1.00 13.91 ? 50   SER A CA  1 
ATOM   403  C  C   . SER A 1 50  ? -7.763  -13.214 1.688   1.00 13.99 ? 50   SER A C   1 
ATOM   404  O  O   . SER A 1 50  ? -8.930  -12.944 1.964   1.00 14.31 ? 50   SER A O   1 
ATOM   405  C  CB  . SER A 1 50  ? -6.871  -13.857 -0.571  1.00 15.07 ? 50   SER A CB  1 
ATOM   406  O  OG  . SER A 1 50  ? -7.735  -12.897 -1.161  1.00 15.81 ? 50   SER A OG  1 
ATOM   407  N  N   . THR A 1 51  ? -6.705  -12.598 2.182   1.00 11.76 ? 51   THR A N   1 
ATOM   408  C  CA  . THR A 1 51  ? -6.845  -11.447 3.104   1.00 10.04 ? 51   THR A CA  1 
ATOM   409  C  C   . THR A 1 51  ? -5.952  -10.325 2.598   1.00 11.12 ? 51   THR A C   1 
ATOM   410  O  O   . THR A 1 51  ? -4.847  -10.560 2.126   1.00 12.11 ? 51   THR A O   1 
ATOM   411  C  CB  . THR A 1 51  ? -6.474  -11.891 4.497   1.00 10.26 ? 51   THR A CB  1 
ATOM   412  O  OG1 . THR A 1 51  ? -7.408  -12.923 4.885   1.00 12.36 ? 51   THR A OG1 1 
ATOM   413  C  CG2 . THR A 1 51  ? -6.684  -10.728 5.535   1.00 14.36 ? 51   THR A CG2 1 
ATOM   414  N  N   . ASP A 1 52  ? -6.404  -9.062  2.821   1.00 11.97 ? 52   ASP A N   1 
ATOM   415  C  CA  . ASP A 1 52  ? -5.593  -7.885  2.513   1.00 11.46 ? 52   ASP A CA  1 
ATOM   416  C  C   . ASP A 1 52  ? -5.050  -7.309  3.835   1.00 10.87 ? 52   ASP A C   1 
ATOM   417  O  O   . ASP A 1 52  ? -5.739  -7.204  4.836   1.00 12.25 ? 52   ASP A O   1 
ATOM   418  C  CB  . ASP A 1 52  ? -6.425  -6.792  1.818   1.00 12.61 ? 52   ASP A CB  1 
ATOM   419  C  CG  . ASP A 1 52  ? -6.949  -7.206  0.487   1.00 18.48 ? 52   ASP A CG  1 
ATOM   420  O  OD1 . ASP A 1 52  ? -6.404  -8.107  -0.144  1.00 16.99 ? 52   ASP A OD1 1 
ATOM   421  O  OD2 . ASP A 1 52  ? -7.815  -6.473  -0.004  1.00 25.02 ? 52   ASP A OD2 1 
ATOM   422  N  N   . TYR A 1 53  ? -3.783  -6.915  3.788   1.00 11.15 ? 53   TYR A N   1 
ATOM   423  C  CA  . TYR A 1 53  ? -3.059  -6.479  5.031   1.00 10.96 ? 53   TYR A CA  1 
ATOM   424  C  C   . TYR A 1 53  ? -2.348  -5.145  4.908   1.00 11.81 ? 53   TYR A C   1 
ATOM   425  O  O   . TYR A 1 53  ? -1.709  -4.871  3.943   1.00 12.25 ? 53   TYR A O   1 
ATOM   426  C  CB  . TYR A 1 53  ? -1.971  -7.501  5.351   1.00 11.23 ? 53   TYR A CB  1 
ATOM   427  C  CG  . TYR A 1 53  ? -2.491  -8.874  5.623   1.00 12.59 ? 53   TYR A CG  1 
ATOM   428  C  CD1 . TYR A 1 53  ? -2.656  -9.829  4.576   1.00 11.79 ? 53   TYR A CD1 1 
ATOM   429  C  CD2 . TYR A 1 53  ? -2.663  -9.281  6.973   1.00 10.89 ? 53   TYR A CD2 1 
ATOM   430  C  CE1 . TYR A 1 53  ? -3.118  -11.051 4.861   1.00 10.62 ? 53   TYR A CE1 1 
ATOM   431  C  CE2 . TYR A 1 53  ? -3.131  -10.555 7.265   1.00 10.42 ? 53   TYR A CE2 1 
ATOM   432  C  CZ  . TYR A 1 53  ? -3.330  -11.457 6.208   1.00 11.31 ? 53   TYR A CZ  1 
ATOM   433  O  OH  . TYR A 1 53  ? -3.766  -12.727 6.525   1.00 11.83 ? 53   TYR A OH  1 
ATOM   434  N  N   . GLY A 1 54  ? -2.569  -4.304  5.913   1.00 11.73 ? 54   GLY A N   1 
ATOM   435  C  CA  . GLY A 1 54  ? -1.729  -3.116  6.147   1.00 11.45 ? 54   GLY A CA  1 
ATOM   436  C  C   . GLY A 1 54  ? -2.217  -1.863  5.420   1.00 12.93 ? 54   GLY A C   1 
ATOM   437  O  O   . GLY A 1 54  ? -3.292  -1.807  4.877   1.00 11.62 ? 54   GLY A O   1 
ATOM   438  N  N   . ILE A 1 55  ? -1.330  -0.885  5.408   1.00 12.87 ? 55   ILE A N   1 
ATOM   439  C  CA  A ILE A 1 55  ? -1.687  0.493   4.936   0.50 13.68 ? 55   ILE A CA  1 
ATOM   440  C  CA  B ILE A 1 55  ? -1.717  0.469   4.994   0.50 14.88 ? 55   ILE A CA  1 
ATOM   441  C  C   . ILE A 1 55  ? -2.066  0.519   3.474   1.00 14.34 ? 55   ILE A C   1 
ATOM   442  O  O   . ILE A 1 55  ? -2.874  1.333   3.058   1.00 16.41 ? 55   ILE A O   1 
ATOM   443  C  CB  A ILE A 1 55  ? -0.522  1.528   5.103   0.50 15.04 ? 55   ILE A CB  1 
ATOM   444  C  CB  B ILE A 1 55  ? -0.560  1.422   5.372   0.50 16.33 ? 55   ILE A CB  1 
ATOM   445  C  CG1 A ILE A 1 55  ? 0.797   1.022   4.497   0.50 9.85  ? 55   ILE A CG1 1 
ATOM   446  C  CG1 B ILE A 1 55  ? -1.087  2.655   6.151   0.50 17.18 ? 55   ILE A CG1 1 
ATOM   447  C  CG2 A ILE A 1 55  ? -0.317  1.833   6.516   0.50 15.03 ? 55   ILE A CG2 1 
ATOM   448  C  CG2 B ILE A 1 55  ? 0.350   1.634   4.110   0.50 18.38 ? 55   ILE A CG2 1 
ATOM   449  C  CD1 A ILE A 1 55  ? 1.746   2.226   4.190   0.50 12.54 ? 55   ILE A CD1 1 
ATOM   450  C  CD1 B ILE A 1 55  ? -0.055  3.516   6.629   0.50 15.84 ? 55   ILE A CD1 1 
ATOM   451  N  N   . LEU A 1 56  ? -1.517  -0.424  2.703   1.00 12.87 ? 56   LEU A N   1 
ATOM   452  C  CA  . LEU A 1 56  ? -1.862  -0.569  1.296   1.00 12.49 ? 56   LEU A CA  1 
ATOM   453  C  C   . LEU A 1 56  ? -2.636  -1.875  0.984   1.00 12.04 ? 56   LEU A C   1 
ATOM   454  O  O   . LEU A 1 56  ? -2.767  -2.225  -0.192  1.00 10.89 ? 56   LEU A O   1 
ATOM   455  C  CB  . LEU A 1 56  ? -0.610  -0.330  0.348   1.00 12.49 ? 56   LEU A CB  1 
ATOM   456  C  CG  . LEU A 1 56  ? -0.092  1.118   0.307   1.00 14.32 ? 56   LEU A CG  1 
ATOM   457  C  CD1 . LEU A 1 56  ? 1.364   1.068   -0.275  1.00 18.56 ? 56   LEU A CD1 1 
ATOM   458  C  CD2 . LEU A 1 56  ? -1.060  1.914   -0.608  1.00 14.61 ? 56   LEU A CD2 1 
ATOM   459  N  N   . GLN A 1 57  ? -3.159  -2.579  2.010   1.00 12.57 ? 57   GLN A N   1 
ATOM   460  C  CA  . GLN A 1 57  ? -4.091  -3.699  1.764   1.00 12.79 ? 57   GLN A CA  1 
ATOM   461  C  C   . GLN A 1 57  ? -3.598  -4.711  0.709   1.00 13.00 ? 57   GLN A C   1 
ATOM   462  O  O   . GLN A 1 57  ? -4.290  -5.071  -0.264  1.00 14.51 ? 57   GLN A O   1 
ATOM   463  C  CB  . GLN A 1 57  ? -5.504  -3.171  1.399   1.00 11.41 ? 57   GLN A CB  1 
ATOM   464  C  CG  . GLN A 1 57  ? -6.176  -2.457  2.648   1.00 10.64 ? 57   GLN A CG  1 
ATOM   465  C  CD  . GLN A 1 57  ? -6.508  -3.529  3.702   1.00 11.76 ? 57   GLN A CD  1 
ATOM   466  O  OE1 . GLN A 1 57  ? -7.565  -4.183  3.611   1.00 13.10 ? 57   GLN A OE1 1 
ATOM   467  N  NE2 . GLN A 1 57  ? -5.636  -3.682  4.725   1.00 12.69 ? 57   GLN A NE2 1 
ATOM   468  N  N   . ILE A 1 58  ? -2.353  -5.109  0.953   1.00 11.73 ? 58   ILE A N   1 
ATOM   469  C  CA  . ILE A 1 58  ? -1.695  -6.078  0.050   1.00 11.72 ? 58   ILE A CA  1 
ATOM   470  C  C   . ILE A 1 58  ? -2.241  -7.465  0.358   1.00 12.72 ? 58   ILE A C   1 
ATOM   471  O  O   . ILE A 1 58  ? -2.398  -7.906  1.486   1.00 12.54 ? 58   ILE A O   1 
ATOM   472  C  CB  . ILE A 1 58  ? -0.215  -5.937  0.289   1.00 11.99 ? 58   ILE A CB  1 
ATOM   473  C  CG1 . ILE A 1 58  ? 0.256   -4.610  -0.310  1.00 15.31 ? 58   ILE A CG1 1 
ATOM   474  C  CG2 . ILE A 1 58  ? 0.533   -7.116  -0.282  1.00 15.62 ? 58   ILE A CG2 1 
ATOM   475  C  CD1 . ILE A 1 58  ? 1.699   -4.274  0.004   1.00 15.48 ? 58   ILE A CD1 1 
ATOM   476  N  N   . ASN A 1 59  ? -2.481  -8.211  -0.721  1.00 13.38 ? 59   ASN A N   1 
ATOM   477  C  CA  . ASN A 1 59  ? -3.304  -9.423  -0.720  1.00 15.77 ? 59   ASN A CA  1 
ATOM   478  C  C   . ASN A 1 59  ? -2.463  -10.676 -0.622  1.00 14.23 ? 59   ASN A C   1 
ATOM   479  O  O   . ASN A 1 59  ? -1.437  -10.816 -1.297  1.00 17.45 ? 59   ASN A O   1 
ATOM   480  C  CB  . ASN A 1 59  ? -4.050  -9.446  -2.084  1.00 16.19 ? 59   ASN A CB  1 
ATOM   481  C  CG  A ASN A 1 59  ? -5.082  -10.525 -2.114  0.60 22.25 ? 59   ASN A CG  1 
ATOM   482  C  CG  B ASN A 1 59  ? -5.172  -10.409 -2.149  0.40 18.18 ? 59   ASN A CG  1 
ATOM   483  O  OD1 A ASN A 1 59  ? -4.832  -11.621 -2.622  0.60 25.49 ? 59   ASN A OD1 1 
ATOM   484  O  OD1 B ASN A 1 59  ? -5.232  -11.356 -1.377  0.40 18.14 ? 59   ASN A OD1 1 
ATOM   485  N  ND2 A ASN A 1 59  ? -6.241  -10.261 -1.496  0.60 27.32 ? 59   ASN A ND2 1 
ATOM   486  N  ND2 B ASN A 1 59  ? -6.077  -10.202 -3.127  0.40 15.03 ? 59   ASN A ND2 1 
ATOM   487  N  N   . SER A 1 60  ? -2.939  -11.627 0.187   1.00 13.98 ? 60   SER A N   1 
ATOM   488  C  CA  . SER A 1 60  ? -2.218  -12.900 0.431   1.00 11.94 ? 60   SER A CA  1 
ATOM   489  C  C   . SER A 1 60  ? -2.324  -13.860 -0.746  1.00 15.50 ? 60   SER A C   1 
ATOM   490  O  O   . SER A 1 60  ? -1.603  -14.833 -0.696  1.00 14.81 ? 60   SER A O   1 
ATOM   491  C  CB  . SER A 1 60  ? -2.789  -13.596 1.672   1.00 13.50 ? 60   SER A CB  1 
ATOM   492  O  OG  . SER A 1 60  ? -4.190  -13.917 1.511   1.00 13.22 ? 60   SER A OG  1 
ATOM   493  N  N   . ARG A 1 61  ? -3.185  -13.585 -1.728  1.00 16.02 ? 61   ARG A N   1 
ATOM   494  C  CA  . ARG A 1 61  ? -3.327  -14.472 -2.919  1.00 19.63 ? 61   ARG A CA  1 
ATOM   495  C  C   . ARG A 1 61  ? -2.018  -14.546 -3.626  1.00 17.31 ? 61   ARG A C   1 
ATOM   496  O  O   . ARG A 1 61  ? -1.643  -15.600 -4.138  1.00 18.37 ? 61   ARG A O   1 
ATOM   497  C  CB  . ARG A 1 61  ? -4.415  -13.962 -3.856  1.00 19.83 ? 61   ARG A CB  1 
ATOM   498  C  CG  . ARG A 1 61  ? -5.019  -15.057 -4.842  1.00 29.20 ? 61   ARG A CG  1 
ATOM   499  C  CD  . ARG A 1 61  ? -4.512  -14.925 -6.211  1.00 39.80 ? 61   ARG A CD  1 
ATOM   500  N  NE  . ARG A 1 61  ? -4.750  -16.140 -7.012  1.00 45.31 ? 61   ARG A NE  1 
ATOM   501  C  CZ  . ARG A 1 61  ? -3.858  -17.130 -7.179  1.00 47.88 ? 61   ARG A CZ  1 
ATOM   502  N  NH1 . ARG A 1 61  ? -2.644  -17.080 -6.610  1.00 42.99 ? 61   ARG A NH1 1 
ATOM   503  N  NH2 . ARG A 1 61  ? -4.184  -18.176 -7.935  1.00 46.80 ? 61   ARG A NH2 1 
ATOM   504  N  N   . TRP A 1 62  ? -1.308  -13.423 -3.706  1.00 16.45 ? 62   TRP A N   1 
ATOM   505  C  CA  . TRP A 1 62  ? -0.066  -13.326 -4.471  1.00 15.55 ? 62   TRP A CA  1 
ATOM   506  C  C   . TRP A 1 62  ? 1.175   -12.934 -3.732  1.00 14.00 ? 62   TRP A C   1 
ATOM   507  O  O   . TRP A 1 62  ? 2.322   -13.288 -4.000  1.00 15.99 ? 62   TRP A O   1 
ATOM   508  C  CB  . TRP A 1 62  ? -0.183  -12.343 -5.658  1.00 17.79 ? 62   TRP A CB  1 
ATOM   509  C  CG  . TRP A 1 62  ? -1.259  -12.743 -6.624  1.00 22.40 ? 62   TRP A CG  1 
ATOM   510  C  CD1 . TRP A 1 62  ? -2.507  -12.251 -6.684  1.00 25.58 ? 62   TRP A CD1 1 
ATOM   511  C  CD2 . TRP A 1 62  ? -1.181  -13.779 -7.606  1.00 30.71 ? 62   TRP A CD2 1 
ATOM   512  N  NE1 . TRP A 1 62  ? -3.224  -12.867 -7.680  1.00 31.97 ? 62   TRP A NE1 1 
ATOM   513  C  CE2 . TRP A 1 62  ? -2.428  -13.811 -8.268  1.00 33.59 ? 62   TRP A CE2 1 
ATOM   514  C  CE3 . TRP A 1 62  ? -0.178  -14.658 -8.001  1.00 32.84 ? 62   TRP A CE3 1 
ATOM   515  C  CZ2 . TRP A 1 62  ? -2.708  -14.699 -9.306  1.00 37.35 ? 62   TRP A CZ2 1 
ATOM   516  C  CZ3 . TRP A 1 62  ? -0.457  -15.560 -9.065  1.00 37.77 ? 62   TRP A CZ3 1 
ATOM   517  C  CH2 . TRP A 1 62  ? -1.705  -15.557 -9.694  1.00 37.31 ? 62   TRP A CH2 1 
ATOM   518  N  N   . TRP A 1 63  ? 0.995   -12.091 -2.711  1.00 13.66 ? 63   TRP A N   1 
ATOM   519  C  CA  . TRP A 1 63  ? 2.121   -11.285 -2.291  1.00 13.96 ? 63   TRP A CA  1 
ATOM   520  C  C   . TRP A 1 63  ? 2.765   -11.595 -0.960  1.00 12.71 ? 63   TRP A C   1 
ATOM   521  O  O   . TRP A 1 63  ? 3.944   -11.256 -0.778  1.00 14.13 ? 63   TRP A O   1 
ATOM   522  C  CB  . TRP A 1 63  ? 1.766   -9.769  -2.287  1.00 13.72 ? 63   TRP A CB  1 
ATOM   523  C  CG  . TRP A 1 63  ? 1.208   -9.356  -3.610  1.00 13.93 ? 63   TRP A CG  1 
ATOM   524  C  CD1 . TRP A 1 63  ? -0.091  -9.096  -3.940  1.00 16.09 ? 63   TRP A CD1 1 
ATOM   525  C  CD2 . TRP A 1 63  ? 1.959   -9.259  -4.849  1.00 14.52 ? 63   TRP A CD2 1 
ATOM   526  N  NE1 . TRP A 1 63  ? -0.199  -8.812  -5.318  1.00 15.71 ? 63   TRP A NE1 1 
ATOM   527  C  CE2 . TRP A 1 63  ? 1.040   -8.908  -5.868  1.00 13.80 ? 63   TRP A CE2 1 
ATOM   528  C  CE3 . TRP A 1 63  ? 3.322   -9.407  -5.161  1.00 16.10 ? 63   TRP A CE3 1 
ATOM   529  C  CZ2 . TRP A 1 63  ? 1.445   -8.738  -7.227  1.00 18.75 ? 63   TRP A CZ2 1 
ATOM   530  C  CZ3 . TRP A 1 63  ? 3.714   -9.243  -6.528  1.00 18.23 ? 63   TRP A CZ3 1 
ATOM   531  C  CH2 . TRP A 1 63  ? 2.773   -8.931  -7.505  1.00 18.31 ? 63   TRP A CH2 1 
ATOM   532  N  N   . CYS A 1 64  ? 2.022   -12.228 -0.057  1.00 13.52 ? 64   CYS A N   1 
ATOM   533  C  CA  . CYS A 1 64  ? 2.589   -12.529 1.245   1.00 14.04 ? 64   CYS A CA  1 
ATOM   534  C  C   . CYS A 1 64  ? 2.024   -13.872 1.716   1.00 11.06 ? 64   CYS A C   1 
ATOM   535  O  O   . CYS A 1 64  ? 0.988   -14.316 1.263   1.00 13.70 ? 64   CYS A O   1 
ATOM   536  C  CB  . CYS A 1 64  ? 2.243   -11.415 2.276   1.00 14.73 ? 64   CYS A CB  1 
ATOM   537  S  SG  . CYS A 1 64  ? 0.521   -11.044 2.605   1.00 12.72 ? 64   CYS A SG  1 
ATOM   538  N  N   . ASN A 1 65  ? 2.706   -14.449 2.704   1.00 12.89 ? 65   ASN A N   1 
ATOM   539  C  CA  . ASN A 1 65  ? 2.202   -15.688 3.287   1.00 14.06 ? 65   ASN A CA  1 
ATOM   540  C  C   . ASN A 1 65  ? 1.496   -15.520 4.603   1.00 11.82 ? 65   ASN A C   1 
ATOM   541  O  O   . ASN A 1 65  ? 2.054   -14.969 5.539   1.00 13.58 ? 65   ASN A O   1 
ATOM   542  C  CB  . ASN A 1 65  ? 3.352   -16.641 3.587   1.00 13.19 ? 65   ASN A CB  1 
ATOM   543  C  CG  . ASN A 1 65  ? 2.813   -17.959 4.124   1.00 15.73 ? 65   ASN A CG  1 
ATOM   544  O  OD1 . ASN A 1 65  ? 1.939   -18.552 3.528   1.00 17.45 ? 65   ASN A OD1 1 
ATOM   545  N  ND2 . ASN A 1 65  ? 3.267   -18.311 5.326   1.00 18.09 ? 65   ASN A ND2 1 
ATOM   546  N  N   . ASP A 1 66  ? 0.270   -16.018 4.620   1.00 12.83 ? 66   ASP A N   1 
ATOM   547  C  CA  . ASP A 1 66  ? -0.497  -16.062 5.869   1.00 14.70 ? 66   ASP A CA  1 
ATOM   548  C  C   . ASP A 1 66  ? -0.880  -17.466 6.316   1.00 13.95 ? 66   ASP A C   1 
ATOM   549  O  O   . ASP A 1 66  ? -1.497  -17.586 7.342   1.00 14.80 ? 66   ASP A O   1 
ATOM   550  C  CB  . ASP A 1 66  ? -1.701  -15.053 5.866   1.00 13.63 ? 66   ASP A CB  1 
ATOM   551  C  CG  . ASP A 1 66  ? -2.817  -15.424 4.895   1.00 12.40 ? 66   ASP A CG  1 
ATOM   552  O  OD1 . ASP A 1 66  ? -2.825  -16.564 4.252   1.00 11.00 ? 66   ASP A OD1 1 
ATOM   553  O  OD2 . ASP A 1 66  ? -3.752  -14.629 4.731   1.00 14.50 ? 66   ASP A OD2 1 
ATOM   554  N  N   . GLY A 1 67  ? -0.493  -18.478 5.547   1.00 14.38 ? 67   GLY A N   1 
ATOM   555  C  CA  . GLY A 1 67  ? -0.731  -19.859 5.938   1.00 15.51 ? 67   GLY A CA  1 
ATOM   556  C  C   . GLY A 1 67  ? -2.148  -20.305 5.738   1.00 15.55 ? 67   GLY A C   1 
ATOM   557  O  O   . GLY A 1 67  ? -2.477  -21.456 6.102   1.00 17.28 ? 67   GLY A O   1 
ATOM   558  N  N   . ARG A 1 68  ? -3.043  -19.451 5.210   1.00 13.95 ? 68   ARG A N   1 
ATOM   559  C  CA  A ARG A 1 68  ? -4.459  -19.797 5.129   0.50 13.95 ? 68   ARG A CA  1 
ATOM   560  C  CA  B ARG A 1 68  ? -4.447  -19.825 5.112   0.50 13.70 ? 68   ARG A CA  1 
ATOM   561  C  C   . ARG A 1 68  ? -5.097  -19.362 3.831   1.00 14.67 ? 68   ARG A C   1 
ATOM   562  O  O   . ARG A 1 68  ? -6.317  -19.136 3.778   1.00 16.96 ? 68   ARG A O   1 
ATOM   563  C  CB  A ARG A 1 68  ? -5.253  -19.244 6.367   0.50 12.96 ? 68   ARG A CB  1 
ATOM   564  C  CB  B ARG A 1 68  ? -5.228  -19.304 6.351   0.50 12.55 ? 68   ARG A CB  1 
ATOM   565  C  CG  A ARG A 1 68  ? -5.096  -17.711 6.585   0.50 15.90 ? 68   ARG A CG  1 
ATOM   566  C  CG  B ARG A 1 68  ? -5.330  -17.779 6.359   0.50 14.85 ? 68   ARG A CG  1 
ATOM   567  C  CD  A ARG A 1 68  ? -6.357  -17.013 7.130   0.50 17.99 ? 68   ARG A CD  1 
ATOM   568  C  CD  B ARG A 1 68  ? -6.399  -17.338 7.324   0.50 16.34 ? 68   ARG A CD  1 
ATOM   569  N  NE  A ARG A 1 68  ? -7.383  -16.879 6.088   0.50 12.28 ? 68   ARG A NE  1 
ATOM   570  N  NE  B ARG A 1 68  ? -7.018  -16.027 6.989   0.50 15.43 ? 68   ARG A NE  1 
ATOM   571  C  CZ  A ARG A 1 68  ? -8.651  -17.333 6.176   0.50 13.96 ? 68   ARG A CZ  1 
ATOM   572  C  CZ  B ARG A 1 68  ? -7.744  -15.283 7.840   0.50 14.21 ? 68   ARG A CZ  1 
ATOM   573  N  NH1 A ARG A 1 68  ? -9.119  -17.850 7.323   0.50 21.84 ? 68   ARG A NH1 1 
ATOM   574  N  NH1 B ARG A 1 68  ? -7.894  -15.741 9.075   0.50 15.12 ? 68   ARG A NH1 1 
ATOM   575  N  NH2 A ARG A 1 68  ? -9.471  -17.203 5.113   0.50 11.53 ? 68   ARG A NH2 1 
ATOM   576  N  NH2 B ARG A 1 68  ? -8.332  -14.091 7.460   0.50 10.16 ? 68   ARG A NH2 1 
ATOM   577  N  N   . THR A 1 69  ? -4.295  -19.234 2.759   1.00 14.32 ? 69   THR A N   1 
ATOM   578  C  CA  . THR A 1 69  ? -4.819  -18.865 1.425   1.00 14.36 ? 69   THR A CA  1 
ATOM   579  C  C   . THR A 1 69  ? -4.428  -19.961 0.400   1.00 15.50 ? 69   THR A C   1 
ATOM   580  O  O   . THR A 1 69  ? -3.396  -19.896 -0.208  1.00 16.98 ? 69   THR A O   1 
ATOM   581  C  CB  . THR A 1 69  ? -4.287  -17.531 1.002   1.00 15.02 ? 69   THR A CB  1 
ATOM   582  O  OG1 . THR A 1 69  ? -4.493  -16.579 2.091   1.00 15.33 ? 69   THR A OG1 1 
ATOM   583  C  CG2 . THR A 1 69  ? -5.116  -17.010 -0.182  1.00 17.69 ? 69   THR A CG2 1 
ATOM   584  N  N   . PRO A 1 70  ? -5.272  -20.957 0.289   1.00 17.15 ? 70   PRO A N   1 
ATOM   585  C  CA  . PRO A 1 70  ? -4.828  -22.093 -0.526  1.00 18.17 ? 70   PRO A CA  1 
ATOM   586  C  C   . PRO A 1 70  ? -4.556  -21.770 -1.952  1.00 19.52 ? 70   PRO A C   1 
ATOM   587  O  O   . PRO A 1 70  ? -5.351  -21.041 -2.627  1.00 22.06 ? 70   PRO A O   1 
ATOM   588  C  CB  . PRO A 1 70  ? -6.025  -23.037 -0.429  1.00 18.71 ? 70   PRO A CB  1 
ATOM   589  C  CG  . PRO A 1 70  ? -6.557  -22.862 0.906   1.00 20.29 ? 70   PRO A CG  1 
ATOM   590  C  CD  . PRO A 1 70  ? -6.462  -21.313 1.099   1.00 18.17 ? 70   PRO A CD  1 
ATOM   591  N  N   . GLY A 1 71  ? -3.400  -22.286 -2.409  1.00 19.23 ? 71   GLY A N   1 
ATOM   592  C  CA  . GLY A 1 71  ? -2.942  -22.170 -3.800  1.00 21.83 ? 71   GLY A CA  1 
ATOM   593  C  C   . GLY A 1 71  ? -2.255  -20.845 -4.030  1.00 23.34 ? 71   GLY A C   1 
ATOM   594  O  O   . GLY A 1 71  ? -1.924  -20.501 -5.167  1.00 25.69 ? 71   GLY A O   1 
ATOM   595  N  N   . SER A 1 72  ? -2.090  -20.052 -2.972  1.00 22.25 ? 72   SER A N   1 
ATOM   596  C  CA  . SER A 1 72  ? -1.530  -18.687 -3.124  1.00 20.75 ? 72   SER A CA  1 
ATOM   597  C  C   . SER A 1 72  ? -0.014  -18.699 -3.275  1.00 20.50 ? 72   SER A C   1 
ATOM   598  O  O   . SER A 1 72  ? 0.650   -19.708 -3.054  1.00 21.16 ? 72   SER A O   1 
ATOM   599  C  CB  . SER A 1 72  ? -1.909  -17.853 -1.891  1.00 19.18 ? 72   SER A CB  1 
ATOM   600  O  OG  . SER A 1 72  ? -1.188  -18.297 -0.729  1.00 18.70 ? 72   SER A OG  1 
ATOM   601  N  N   . ARG A 1 73  ? 0.525   -17.582 -3.713  1.00 18.12 ? 73   ARG A N   1 
ATOM   602  C  CA  . ARG A 1 73  ? 1.912   -17.306 -3.679  1.00 17.68 ? 73   ARG A CA  1 
ATOM   603  C  C   . ARG A 1 73  ? 2.329   -16.317 -2.608  1.00 17.25 ? 73   ARG A C   1 
ATOM   604  O  O   . ARG A 1 73  ? 1.481   -15.782 -1.887  1.00 17.62 ? 73   ARG A O   1 
ATOM   605  C  CB  . ARG A 1 73  ? 2.324   -16.717 -5.018  1.00 18.99 ? 73   ARG A CB  1 
ATOM   606  C  CG  . ARG A 1 73  ? 2.034   -17.656 -6.100  1.00 21.47 ? 73   ARG A CG  1 
ATOM   607  C  CD  . ARG A 1 73  ? 2.963   -18.861 -6.063  1.00 29.74 ? 73   ARG A CD  1 
ATOM   608  N  NE  . ARG A 1 73  ? 3.019   -19.196 -7.462  1.00 39.74 ? 73   ARG A NE  1 
ATOM   609  C  CZ  . ARG A 1 73  ? 4.015   -18.867 -8.281  1.00 37.52 ? 73   ARG A CZ  1 
ATOM   610  N  NH1 . ARG A 1 73  ? 5.122   -18.287 -7.826  1.00 36.95 ? 73   ARG A NH1 1 
ATOM   611  N  NH2 . ARG A 1 73  ? 3.913   -19.206 -9.545  1.00 43.55 ? 73   ARG A NH2 1 
ATOM   612  N  N   . ASN A 1 74  ? 3.628   -16.087 -2.517  1.00 16.10 ? 74   ASN A N   1 
ATOM   613  C  CA  . ASN A 1 74  ? 4.294   -15.164 -1.529  1.00 15.42 ? 74   ASN A CA  1 
ATOM   614  C  C   . ASN A 1 74  ? 5.429   -14.462 -2.230  1.00 15.74 ? 74   ASN A C   1 
ATOM   615  O  O   . ASN A 1 74  ? 6.578   -14.591 -1.891  1.00 16.50 ? 74   ASN A O   1 
ATOM   616  C  CB  . ASN A 1 74  ? 4.802   -15.963 -0.335  1.00 16.69 ? 74   ASN A CB  1 
ATOM   617  C  CG  . ASN A 1 74  ? 5.523   -15.093 0.714   1.00 16.57 ? 74   ASN A CG  1 
ATOM   618  O  OD1 . ASN A 1 74  ? 5.454   -13.886 0.665   1.00 16.37 ? 74   ASN A OD1 1 
ATOM   619  N  ND2 . ASN A 1 74  ? 6.230   -15.720 1.693   1.00 16.45 ? 74   ASN A ND2 1 
ATOM   620  N  N   . LEU A 1 75  ? 5.021   -13.650 -3.199  1.00 15.68 ? 75   LEU A N   1 
ATOM   621  C  CA  . LEU A 1 75  ? 6.014   -13.060 -4.108  1.00 18.12 ? 75   LEU A CA  1 
ATOM   622  C  C   . LEU A 1 75  ? 6.864   -11.967 -3.475  1.00 17.56 ? 75   LEU A C   1 
ATOM   623  O  O   . LEU A 1 75  ? 8.024   -11.721 -3.912  1.00 19.98 ? 75   LEU A O   1 
ATOM   624  C  CB  . LEU A 1 75  ? 5.375   -12.570 -5.403  1.00 17.86 ? 75   LEU A CB  1 
ATOM   625  C  CG  . LEU A 1 75  ? 4.694   -13.610 -6.278  1.00 19.52 ? 75   LEU A CG  1 
ATOM   626  C  CD1 . LEU A 1 75  ? 3.864   -12.984 -7.422  1.00 21.91 ? 75   LEU A CD1 1 
ATOM   627  C  CD2 . LEU A 1 75  ? 5.750   -14.603 -6.791  1.00 21.78 ? 75   LEU A CD2 1 
ATOM   628  N  N   . CYS A 1 76  ? 6.373   -11.350 -2.371  1.00 16.81 ? 76   CYS A N   1 
ATOM   629  C  CA  . CYS A 1 76  ? 7.201   -10.424 -1.617  1.00 16.49 ? 76   CYS A CA  1 
ATOM   630  C  C   . CYS A 1 76  ? 8.113   -11.115 -0.601  1.00 16.82 ? 76   CYS A C   1 
ATOM   631  O  O   . CYS A 1 76  ? 8.885   -10.450 0.102   1.00 18.37 ? 76   CYS A O   1 
ATOM   632  C  CB  . CYS A 1 76  ? 6.306   -9.334  -0.940  1.00 16.24 ? 76   CYS A CB  1 
ATOM   633  S  SG  . CYS A 1 76  ? 5.598   -8.275  -2.238  1.00 16.01 ? 76   CYS A SG  1 
ATOM   634  N  N   . ASN A 1 77  ? 7.923   -12.440 -0.439  1.00 18.12 ? 77   ASN A N   1 
ATOM   635  C  CA  . ASN A 1 77  ? 8.753   -13.239 0.503   1.00 18.72 ? 77   ASN A CA  1 
ATOM   636  C  C   . ASN A 1 77  ? 8.682   -12.715 1.929   1.00 18.49 ? 77   ASN A C   1 
ATOM   637  O  O   . ASN A 1 77  ? 9.677   -12.487 2.636   1.00 19.39 ? 77   ASN A O   1 
ATOM   638  C  CB  . ASN A 1 77  ? 10.199  -13.297 0.009   1.00 20.03 ? 77   ASN A CB  1 
ATOM   639  C  CG  . ASN A 1 77  ? 10.297  -13.872 -1.406  1.00 27.42 ? 77   ASN A CG  1 
ATOM   640  O  OD1 . ASN A 1 77  ? 10.018  -15.045 -1.623  1.00 35.33 ? 77   ASN A OD1 1 
ATOM   641  N  ND2 . ASN A 1 77  ? 10.694  -13.032 -2.382  1.00 35.74 ? 77   ASN A ND2 1 
ATOM   642  N  N   . ILE A 1 78  ? 7.439   -12.575 2.376   1.00 16.54 ? 78   ILE A N   1 
ATOM   643  C  CA  . ILE A 1 78  ? 7.219   -12.052 3.725   1.00 15.51 ? 78   ILE A CA  1 
ATOM   644  C  C   . ILE A 1 78  ? 5.982   -12.669 4.309   1.00 14.70 ? 78   ILE A C   1 
ATOM   645  O  O   . ILE A 1 78  ? 5.051   -12.984 3.577   1.00 15.58 ? 78   ILE A O   1 
ATOM   646  C  CB  . ILE A 1 78  ? 6.906   -10.500 3.764   1.00 16.71 ? 78   ILE A CB  1 
ATOM   647  C  CG1 . ILE A 1 78  ? 6.037   -10.115 2.640   1.00 17.70 ? 78   ILE A CG1 1 
ATOM   648  C  CG2 . ILE A 1 78  ? 8.232   -9.699  3.799   1.00 20.81 ? 78   ILE A CG2 1 
ATOM   649  C  CD1 . ILE A 1 78  ? 5.511   -8.581  2.813   1.00 19.67 ? 78   ILE A CD1 1 
ATOM   650  N  N   . PRO A 1 79  ? 5.978   -12.763 5.663   1.00 15.51 ? 79   PRO A N   1 
ATOM   651  C  CA  . PRO A 1 79  ? 4.722   -13.107 6.358   1.00 15.08 ? 79   PRO A CA  1 
ATOM   652  C  C   . PRO A 1 79  ? 3.784   -11.937 6.242   1.00 13.49 ? 79   PRO A C   1 
ATOM   653  O  O   . PRO A 1 79  ? 4.237   -10.774 6.328   1.00 12.74 ? 79   PRO A O   1 
ATOM   654  C  CB  . PRO A 1 79  ? 5.148   -13.296 7.827   1.00 14.75 ? 79   PRO A CB  1 
ATOM   655  C  CG  . PRO A 1 79  ? 6.477   -12.544 7.952   1.00 17.12 ? 79   PRO A CG  1 
ATOM   656  C  CD  . PRO A 1 79  ? 7.050   -12.371 6.598   1.00 15.97 ? 79   PRO A CD  1 
ATOM   657  N  N   . CYS A 1 80  ? 2.467   -12.203 6.012   1.00 13.30 ? 80   CYS A N   1 
ATOM   658  C  CA  . CYS A 1 80  ? 1.556   -11.051 5.880   1.00 11.60 ? 80   CYS A CA  1 
ATOM   659  C  C   . CYS A 1 80  ? 1.584   -10.175 7.122   1.00 11.91 ? 80   CYS A C   1 
ATOM   660  O  O   . CYS A 1 80  ? 1.335   -8.962  7.045   1.00 12.36 ? 80   CYS A O   1 
ATOM   661  C  CB  . CYS A 1 80  ? 0.082   -11.523 5.594   1.00 12.00 ? 80   CYS A CB  1 
ATOM   662  S  SG  . CYS A 1 80  ? 0.020   -12.467 4.012   1.00 12.57 ? 80   CYS A SG  1 
ATOM   663  N  N   . SER A 1 81  ? 1.900   -10.772 8.270   1.00 12.50 ? 81   SER A N   1 
ATOM   664  C  CA  . SER A 1 81  ? 1.962   -9.930  9.462   1.00 12.24 ? 81   SER A CA  1 
ATOM   665  C  C   . SER A 1 81  ? 2.947   -8.792  9.457   1.00 13.70 ? 81   SER A C   1 
ATOM   666  O  O   . SER A 1 81  ? 2.756   -7.794  10.166  1.00 14.68 ? 81   SER A O   1 
ATOM   667  C  CB  . SER A 1 81  ? 2.218   -10.792 10.700  1.00 15.26 ? 81   SER A CB  1 
ATOM   668  O  OG  . SER A 1 81  ? 3.484   -11.487 10.552  1.00 16.85 ? 81   SER A OG  1 
ATOM   669  N  N   . ALA A 1 82  ? 3.976   -8.915  8.650   1.00 15.14 ? 82   ALA A N   1 
ATOM   670  C  CA  . ALA A 1 82  ? 4.930   -7.886  8.552   1.00 15.22 ? 82   ALA A CA  1 
ATOM   671  C  C   . ALA A 1 82  ? 4.344   -6.648  7.962   1.00 15.92 ? 82   ALA A C   1 
ATOM   672  O  O   . ALA A 1 82  ? 4.933   -5.543  8.082   1.00 16.23 ? 82   ALA A O   1 
ATOM   673  C  CB  . ALA A 1 82  ? 6.102   -8.347  7.721   1.00 18.91 ? 82   ALA A CB  1 
ATOM   674  N  N   . LEU A 1 83  ? 3.301   -6.838  7.177   1.00 14.21 ? 83   LEU A N   1 
ATOM   675  C  CA  . LEU A 1 83  ? 2.542   -5.765  6.567   1.00 14.70 ? 83   LEU A CA  1 
ATOM   676  C  C   . LEU A 1 83  ? 1.701   -4.980  7.585   1.00 13.65 ? 83   LEU A C   1 
ATOM   677  O  O   . LEU A 1 83  ? 1.090   -3.975  7.220   1.00 12.86 ? 83   LEU A O   1 
ATOM   678  C  CB  . LEU A 1 83  ? 1.672   -6.301  5.433   1.00 14.24 ? 83   LEU A CB  1 
ATOM   679  C  CG  . LEU A 1 83  ? 2.464   -6.906  4.280   1.00 14.30 ? 83   LEU A CG  1 
ATOM   680  C  CD1 . LEU A 1 83  ? 1.487   -7.639  3.292   1.00 15.07 ? 83   LEU A CD1 1 
ATOM   681  C  CD2 . LEU A 1 83  ? 3.209   -5.827  3.483   1.00 18.84 ? 83   LEU A CD2 1 
ATOM   682  N  N   . LEU A 1 84  ? 1.674   -5.408  8.853   1.00 13.37 ? 84   LEU A N   1 
ATOM   683  C  CA  . LEU A 1 84  ? 0.863   -4.698  9.837   1.00 13.88 ? 84   LEU A CA  1 
ATOM   684  C  C   . LEU A 1 84  ? 1.733   -3.878  10.843  1.00 14.12 ? 84   LEU A C   1 
ATOM   685  O  O   . LEU A 1 84  ? 1.190   -3.167  11.749  1.00 15.85 ? 84   LEU A O   1 
ATOM   686  C  CB  . LEU A 1 84  ? 0.022   -5.704  10.660  1.00 14.47 ? 84   LEU A CB  1 
ATOM   687  C  CG  . LEU A 1 84  ? -0.870  -6.647  9.847   1.00 16.29 ? 84   LEU A CG  1 
ATOM   688  C  CD1 . LEU A 1 84  ? -1.706  -7.434  10.814  1.00 18.81 ? 84   LEU A CD1 1 
ATOM   689  C  CD2 . LEU A 1 84  ? -1.879  -5.840  8.954   1.00 14.76 ? 84   LEU A CD2 1 
ATOM   690  N  N   . SER A 1 85  ? 3.025   -3.895  10.609  1.00 15.62 ? 85   SER A N   1 
ATOM   691  C  CA  . SER A 1 85  ? 3.972   -3.227  11.487  1.00 13.93 ? 85   SER A CA  1 
ATOM   692  C  C   . SER A 1 85  ? 3.814   -1.696  11.513  1.00 16.10 ? 85   SER A C   1 
ATOM   693  O  O   . SER A 1 85  ? 3.364   -1.076  10.517  1.00 15.81 ? 85   SER A O   1 
ATOM   694  C  CB  . SER A 1 85  ? 5.360   -3.565  11.003  1.00 16.11 ? 85   SER A CB  1 
ATOM   695  O  OG  . SER A 1 85  ? 6.313   -2.876  11.801  1.00 19.66 ? 85   SER A OG  1 
ATOM   696  N  N   . SER A 1 86  ? 4.195   -1.085  12.621  1.00 17.54 ? 86   SER A N   1 
ATOM   697  C  CA  . SER A 1 86  ? 4.266   0.392   12.655  1.00 18.41 ? 86   SER A CA  1 
ATOM   698  C  C   . SER A 1 86  ? 5.304   0.926   11.651  1.00 18.54 ? 86   SER A C   1 
ATOM   699  O  O   . SER A 1 86  ? 5.184   2.046   11.199  1.00 21.44 ? 86   SER A O   1 
ATOM   700  C  CB  A SER A 1 86  ? 4.545   0.903   14.072  0.50 17.81 ? 86   SER A CB  1 
ATOM   701  C  CB  B SER A 1 86  ? 4.606   0.857   14.067  0.50 18.74 ? 86   SER A CB  1 
ATOM   702  O  OG  A SER A 1 86  ? 5.743   0.358   14.547  0.50 15.01 ? 86   SER A OG  1 
ATOM   703  O  OG  B SER A 1 86  ? 3.505   0.582   14.896  0.50 23.99 ? 86   SER A OG  1 
ATOM   704  N  N   . ASP A 1 87  ? 6.325   0.136   11.340  1.00 16.96 ? 87   ASP A N   1 
ATOM   705  C  CA  . ASP A 1 87  ? 7.365   0.507   10.388  1.00 18.11 ? 87   ASP A CA  1 
ATOM   706  C  C   . ASP A 1 87  ? 6.864   0.070   9.026   1.00 17.97 ? 87   ASP A C   1 
ATOM   707  O  O   . ASP A 1 87  ? 6.611   -1.169  8.822   1.00 17.35 ? 87   ASP A O   1 
ATOM   708  C  CB  . ASP A 1 87  ? 8.607   -0.333  10.776  1.00 21.48 ? 87   ASP A CB  1 
ATOM   709  C  CG  . ASP A 1 87  ? 9.794   -0.169  9.812   1.00 24.95 ? 87   ASP A CG  1 
ATOM   710  O  OD1 . ASP A 1 87  ? 9.633   0.121   8.611   1.00 20.93 ? 87   ASP A OD1 1 
ATOM   711  O  OD2 . ASP A 1 87  ? 10.937  -0.423  10.266  1.00 31.74 ? 87   ASP A OD2 1 
ATOM   712  N  N   . ILE A 1 88  ? 6.710   1.032   8.090   1.00 16.30 ? 88   ILE A N   1 
ATOM   713  C  CA  . ILE A 1 88  ? 6.092   0.669   6.777   1.00 15.92 ? 88   ILE A CA  1 
ATOM   714  C  C   . ILE A 1 88  ? 7.063   0.042   5.774   1.00 15.50 ? 88   ILE A C   1 
ATOM   715  O  O   . ILE A 1 88  ? 6.686   -0.150  4.632   1.00 13.78 ? 88   ILE A O   1 
ATOM   716  C  CB  . ILE A 1 88  ? 5.359   1.925   6.166   1.00 15.49 ? 88   ILE A CB  1 
ATOM   717  C  CG1 . ILE A 1 88  ? 6.347   3.058   5.723   1.00 16.58 ? 88   ILE A CG1 1 
ATOM   718  C  CG2 . ILE A 1 88  ? 4.271   2.429   7.139   1.00 17.96 ? 88   ILE A CG2 1 
ATOM   719  C  CD1 . ILE A 1 88  ? 5.675   4.048   4.776   1.00 17.58 ? 88   ILE A CD1 1 
ATOM   720  N  N   . THR A 1 89  ? 8.312   -0.284  6.162   1.00 15.50 ? 89   THR A N   1 
ATOM   721  C  CA  . THR A 1 89  ? 9.306   -0.713  5.182   1.00 15.46 ? 89   THR A CA  1 
ATOM   722  C  C   . THR A 1 89  ? 8.819   -1.979  4.398   1.00 15.82 ? 89   THR A C   1 
ATOM   723  O  O   . THR A 1 89  ? 8.866   -1.995  3.159   1.00 15.28 ? 89   THR A O   1 
ATOM   724  C  CB  . THR A 1 89  ? 10.621  -1.112  5.883   1.00 17.25 ? 89   THR A CB  1 
ATOM   725  O  OG1 . THR A 1 89  ? 11.173  0.009   6.538   1.00 20.27 ? 89   THR A OG1 1 
ATOM   726  C  CG2 . THR A 1 89  ? 11.602  -1.719  4.890   1.00 17.73 ? 89   THR A CG2 1 
ATOM   727  N  N   . ALA A 1 90  ? 8.228   -2.985  5.088   1.00 15.41 ? 90   ALA A N   1 
ATOM   728  C  CA  . ALA A 1 90  ? 7.862   -4.153  4.314   1.00 16.00 ? 90   ALA A CA  1 
ATOM   729  C  C   . ALA A 1 90  ? 6.704   -3.829  3.336   1.00 15.63 ? 90   ALA A C   1 
ATOM   730  O  O   . ALA A 1 90  ? 6.711   -4.348  2.209   1.00 15.76 ? 90   ALA A O   1 
ATOM   731  C  CB  . ALA A 1 90  ? 7.561   -5.370  5.242   1.00 16.22 ? 90   ALA A CB  1 
ATOM   732  N  N   . SER A 1 91  ? 5.740   -3.016  3.762   1.00 13.56 ? 91   SER A N   1 
ATOM   733  C  CA  . SER A 1 91  ? 4.598   -2.652  2.854   1.00 12.65 ? 91   SER A CA  1 
ATOM   734  C  C   . SER A 1 91  ? 5.140   -1.872  1.661   1.00 13.06 ? 91   SER A C   1 
ATOM   735  O  O   . SER A 1 91  ? 4.655   -2.079  0.533   1.00 14.76 ? 91   SER A O   1 
ATOM   736  C  CB  . SER A 1 91  ? 3.558   -1.780  3.593   1.00 14.02 ? 91   SER A CB  1 
ATOM   737  O  OG  . SER A 1 91  ? 2.700   -2.609  4.394   1.00 13.24 ? 91   SER A OG  1 
ATOM   738  N  N   . VAL A 1 92  ? 6.092   -0.957  1.887   1.00 14.72 ? 92   VAL A N   1 
ATOM   739  C  CA  . VAL A 1 92  ? 6.601   -0.167  0.759   1.00 15.19 ? 92   VAL A CA  1 
ATOM   740  C  C   . VAL A 1 92  ? 7.363   -1.058  -0.203  1.00 14.94 ? 92   VAL A C   1 
ATOM   741  O  O   . VAL A 1 92  ? 7.165   -0.951  -1.452  1.00 15.43 ? 92   VAL A O   1 
ATOM   742  C  CB  . VAL A 1 92  ? 7.534   0.945   1.239   1.00 14.98 ? 92   VAL A CB  1 
ATOM   743  C  CG1 . VAL A 1 92  ? 8.146   1.678   -0.039  1.00 15.57 ? 92   VAL A CG1 1 
ATOM   744  C  CG2 . VAL A 1 92  ? 6.740   1.967   1.963   1.00 16.13 ? 92   VAL A CG2 1 
ATOM   745  N  N   . ASN A 1 93  ? 8.258   -1.891  0.337   1.00 14.09 ? 93   ASN A N   1 
ATOM   746  C  CA  . ASN A 1 93  ? 9.025   -2.745  -0.548  1.00 15.35 ? 93   ASN A CA  1 
ATOM   747  C  C   . ASN A 1 93  ? 8.150   -3.670  -1.368  1.00 15.53 ? 93   ASN A C   1 
ATOM   748  O  O   . ASN A 1 93  ? 8.427   -3.926  -2.522  1.00 15.99 ? 93   ASN A O   1 
ATOM   749  C  CB  . ASN A 1 93  ? 10.088  -3.563  0.191   1.00 18.18 ? 93   ASN A CB  1 
ATOM   750  C  CG  . ASN A 1 93  ? 11.151  -2.686  0.780   1.00 26.16 ? 93   ASN A CG  1 
ATOM   751  O  OD1 . ASN A 1 93  ? 11.292  -1.506  0.380   1.00 27.92 ? 93   ASN A OD1 1 
ATOM   752  N  ND2 . ASN A 1 93  ? 11.830  -3.210  1.806   1.00 27.95 ? 93   ASN A ND2 1 
ATOM   753  N  N   . CYS A 1 94  ? 7.085   -4.217  -0.753  1.00 13.93 ? 94   CYS A N   1 
ATOM   754  C  CA  . CYS A 1 94  ? 6.213   -5.135  -1.503  1.00 15.66 ? 94   CYS A CA  1 
ATOM   755  C  C   . CYS A 1 94  ? 5.347   -4.336  -2.490  1.00 13.74 ? 94   CYS A C   1 
ATOM   756  O  O   . CYS A 1 94  ? 5.135   -4.780  -3.592  1.00 15.48 ? 94   CYS A O   1 
ATOM   757  C  CB  . CYS A 1 94  ? 5.359   -5.920  -0.424  1.00 14.32 ? 94   CYS A CB  1 
ATOM   758  S  SG  . CYS A 1 94  ? 4.285   -7.159  -1.196  1.00 14.81 ? 94   CYS A SG  1 
ATOM   759  N  N   . ALA A 1 95  ? 4.858   -3.128  -2.067  1.00 14.39 ? 95   ALA A N   1 
ATOM   760  C  CA  . ALA A 1 95  ? 4.183   -2.274  -3.045  1.00 13.04 ? 95   ALA A CA  1 
ATOM   761  C  C   . ALA A 1 95  ? 5.026   -1.962  -4.271  1.00 12.29 ? 95   ALA A C   1 
ATOM   762  O  O   . ALA A 1 95  ? 4.448   -1.833  -5.359  1.00 12.75 ? 95   ALA A O   1 
ATOM   763  C  CB  . ALA A 1 95  ? 3.689   -0.970  -2.373  1.00 14.55 ? 95   ALA A CB  1 
ATOM   764  N  N   . LYS A 1 96  ? 6.346   -1.732  -4.110  1.00 12.92 ? 96   LYS A N   1 
ATOM   765  C  CA  . LYS A 1 96  ? 7.148   -1.495  -5.306  1.00 13.40 ? 96   LYS A CA  1 
ATOM   766  C  C   . LYS A 1 96  ? 7.134   -2.674  -6.248  1.00 14.57 ? 96   LYS A C   1 
ATOM   767  O  O   . LYS A 1 96  ? 7.093   -2.481  -7.462  1.00 15.28 ? 96   LYS A O   1 
ATOM   768  C  CB  . LYS A 1 96  ? 8.604   -1.175  -4.883  1.00 13.39 ? 96   LYS A CB  1 
ATOM   769  C  CG  . LYS A 1 96  ? 8.783   0.151   -4.203  1.00 13.77 ? 96   LYS A CG  1 
ATOM   770  C  CD  . LYS A 1 96  ? 10.269  0.320   -3.663  1.00 15.31 ? 96   LYS A CD  1 
ATOM   771  C  CE  . LYS A 1 96  ? 10.390  1.715   -3.079  1.00 18.67 ? 96   LYS A CE  1 
ATOM   772  N  NZ  . LYS A 1 96  ? 11.700  1.889   -2.386  1.00 23.02 ? 96   LYS A NZ  1 
ATOM   773  N  N   . LYS A 1 97  ? 7.097   -3.906  -5.723  1.00 13.86 ? 97   LYS A N   1 
ATOM   774  C  CA  A LYS A 1 97  ? 7.036   -5.076  -6.608  0.50 12.74 ? 97   LYS A CA  1 
ATOM   775  C  CA  B LYS A 1 97  ? 6.974   -5.128  -6.495  0.50 14.64 ? 97   LYS A CA  1 
ATOM   776  C  C   . LYS A 1 97  ? 5.647   -5.137  -7.294  1.00 14.88 ? 97   LYS A C   1 
ATOM   777  O  O   . LYS A 1 97  ? 5.572   -5.371  -8.548  1.00 14.23 ? 97   LYS A O   1 
ATOM   778  C  CB  A LYS A 1 97  ? 7.369   -6.373  -5.842  0.50 12.34 ? 97   LYS A CB  1 
ATOM   779  C  CB  B LYS A 1 97  ? 6.895   -6.215  -5.429  0.50 16.16 ? 97   LYS A CB  1 
ATOM   780  C  CG  A LYS A 1 97  ? 8.690   -6.451  -5.157  0.50 14.21 ? 97   LYS A CG  1 
ATOM   781  C  CG  B LYS A 1 97  ? 7.828   -7.246  -5.565  0.50 20.68 ? 97   LYS A CG  1 
ATOM   782  C  CD  A LYS A 1 97  ? 8.576   -7.541  -4.100  0.50 19.30 ? 97   LYS A CD  1 
ATOM   783  C  CD  B LYS A 1 97  ? 7.465   -8.036  -6.729  0.50 22.00 ? 97   LYS A CD  1 
ATOM   784  C  CE  A LYS A 1 97  ? 9.889   -8.228  -3.808  0.50 20.32 ? 97   LYS A CE  1 
ATOM   785  C  CE  B LYS A 1 97  ? 8.085   -9.376  -6.451  0.50 25.41 ? 97   LYS A CE  1 
ATOM   786  N  NZ  A LYS A 1 97  ? 11.038  -7.307  -3.797  0.50 24.56 ? 97   LYS A NZ  1 
ATOM   787  N  NZ  B LYS A 1 97  ? 9.506   -9.141  -5.994  0.50 25.73 ? 97   LYS A NZ  1 
ATOM   788  N  N   . ILE A 1 98  ? 4.569   -4.826  -6.547  1.00 13.82 ? 98   ILE A N   1 
ATOM   789  C  CA  . ILE A 1 98  ? 3.216   -4.904  -7.130  1.00 14.48 ? 98   ILE A CA  1 
ATOM   790  C  C   . ILE A 1 98  ? 3.068   -3.896  -8.261  1.00 15.81 ? 98   ILE A C   1 
ATOM   791  O  O   . ILE A 1 98  ? 2.543   -4.224  -9.295  1.00 15.53 ? 98   ILE A O   1 
ATOM   792  C  CB  . ILE A 1 98  ? 2.187   -4.634  -6.051  1.00 15.24 ? 98   ILE A CB  1 
ATOM   793  C  CG1 . ILE A 1 98  ? 2.263   -5.735  -4.998  1.00 13.37 ? 98   ILE A CG1 1 
ATOM   794  C  CG2 . ILE A 1 98  ? 0.766   -4.639  -6.663  1.00 15.27 ? 98   ILE A CG2 1 
ATOM   795  C  CD1 . ILE A 1 98  ? 1.423   -5.485  -3.699  1.00 14.06 ? 98   ILE A CD1 1 
ATOM   796  N  N   . VAL A 1 99  ? 3.442   -2.647  -7.967  1.00 13.90 ? 99   VAL A N   1 
ATOM   797  C  CA  . VAL A 1 99  ? 3.263   -1.572  -8.988  1.00 13.84 ? 99   VAL A CA  1 
ATOM   798  C  C   . VAL A 1 99  ? 4.156   -1.728  -10.231 1.00 15.35 ? 99   VAL A C   1 
ATOM   799  O  O   . VAL A 1 99  ? 3.866   -1.130  -11.294 1.00 16.55 ? 99   VAL A O   1 
ATOM   800  C  CB  . VAL A 1 99  ? 3.373   -0.210  -8.331  1.00 13.63 ? 99   VAL A CB  1 
ATOM   801  C  CG1 . VAL A 1 99  ? 4.907   0.072   -8.011  1.00 15.19 ? 99   VAL A CG1 1 
ATOM   802  C  CG2 . VAL A 1 99  ? 2.758   0.868   -9.177  1.00 15.83 ? 99   VAL A CG2 1 
ATOM   803  N  N   . SER A 1 100 ? 5.199   -2.558  -10.111 1.00 15.81 ? 100  SER A N   1 
ATOM   804  C  CA  . SER A 1 100 ? 6.059   -2.938  -11.243 1.00 19.56 ? 100  SER A CA  1 
ATOM   805  C  C   . SER A 1 100 ? 5.525   -4.124  -12.023 1.00 20.83 ? 100  SER A C   1 
ATOM   806  O  O   . SER A 1 100 ? 6.195   -4.515  -12.976 1.00 23.58 ? 100  SER A O   1 
ATOM   807  C  CB  . SER A 1 100 ? 7.492   -3.246  -10.709 1.00 18.93 ? 100  SER A CB  1 
ATOM   808  O  OG  . SER A 1 100 ? 8.008   -2.103  -10.065 1.00 19.28 ? 100  SER A OG  1 
ATOM   809  N  N   . ASP A 1 101 ? 4.384   -4.730  -11.640 1.00 23.82 ? 101  ASP A N   1 
ATOM   810  C  CA  . ASP A 1 101 ? 3.929   -6.085  -12.128 1.00 25.43 ? 101  ASP A CA  1 
ATOM   811  C  C   . ASP A 1 101 ? 3.288   -5.983  -13.532 1.00 25.02 ? 101  ASP A C   1 
ATOM   812  O  O   . ASP A 1 101 ? 3.060   -7.018  -14.153 1.00 25.75 ? 101  ASP A O   1 
ATOM   813  C  CB  . ASP A 1 101 ? 2.918   -6.739  -11.118 1.00 27.53 ? 101  ASP A CB  1 
ATOM   814  C  CG  . ASP A 1 101 ? 2.539   -8.206  -11.448 1.00 33.71 ? 101  ASP A CG  1 
ATOM   815  O  OD1 . ASP A 1 101 ? 3.406   -9.117  -11.435 1.00 40.10 ? 101  ASP A OD1 1 
ATOM   816  O  OD2 . ASP A 1 101 ? 1.331   -8.433  -11.723 1.00 38.82 ? 101  ASP A OD2 1 
ATOM   817  N  N   . GLY A 1 102 ? 3.011   -4.775  -14.024 1.00 23.62 ? 102  GLY A N   1 
ATOM   818  C  CA  . GLY A 1 102 ? 2.384   -4.612  -15.378 1.00 23.65 ? 102  GLY A CA  1 
ATOM   819  C  C   . GLY A 1 102 ? 1.233   -3.603  -15.404 1.00 22.20 ? 102  GLY A C   1 
ATOM   820  O  O   . GLY A 1 102 ? 1.066   -2.887  -16.396 1.00 23.87 ? 102  GLY A O   1 
ATOM   821  N  N   . ASN A 1 103 ? 0.410   -3.561  -14.333 1.00 19.47 ? 103  ASN A N   1 
ATOM   822  C  CA  . ASN A 1 103 ? -0.814  -2.761  -14.378 1.00 19.18 ? 103  ASN A CA  1 
ATOM   823  C  C   . ASN A 1 103 ? -0.693  -1.499  -13.522 1.00 16.54 ? 103  ASN A C   1 
ATOM   824  O  O   . ASN A 1 103 ? -1.651  -0.790  -13.380 1.00 15.92 ? 103  ASN A O   1 
ATOM   825  C  CB  . ASN A 1 103 ? -2.073  -3.569  -14.046 1.00 21.53 ? 103  ASN A CB  1 
ATOM   826  C  CG  . ASN A 1 103 ? -2.278  -4.740  -15.037 1.00 24.22 ? 103  ASN A CG  1 
ATOM   827  O  OD1 . ASN A 1 103 ? -2.217  -4.548  -16.261 1.00 30.15 ? 103  ASN A OD1 1 
ATOM   828  N  ND2 . ASN A 1 103 ? -2.442  -5.946  -14.498 1.00 28.51 ? 103  ASN A ND2 1 
ATOM   829  N  N   . GLY A 1 104 ? 0.534   -1.216  -13.080 1.00 15.26 ? 104  GLY A N   1 
ATOM   830  C  CA  . GLY A 1 104 ? 0.752   0.007   -12.348 1.00 13.40 ? 104  GLY A CA  1 
ATOM   831  C  C   . GLY A 1 104 ? -0.134  -0.001  -11.128 1.00 15.30 ? 104  GLY A C   1 
ATOM   832  O  O   . GLY A 1 104 ? -0.374  -1.042  -10.470 1.00 14.22 ? 104  GLY A O   1 
ATOM   833  N  N   . MET A 1 105 ? -0.634  1.169   -10.788 1.00 12.66 ? 105  MET A N   1 
ATOM   834  C  CA  . MET A 1 105 ? -1.441  1.287   -9.526  1.00 12.53 ? 105  MET A CA  1 
ATOM   835  C  C   . MET A 1 105 ? -2.869  0.780   -9.673  1.00 12.45 ? 105  MET A C   1 
ATOM   836  O  O   . MET A 1 105 ? -3.587  0.656   -8.715  1.00 13.31 ? 105  MET A O   1 
ATOM   837  C  CB  . MET A 1 105 ? -1.428  2.719   -8.972  1.00 11.64 ? 105  MET A CB  1 
ATOM   838  C  CG  . MET A 1 105 ? -0.081  3.055   -8.274  1.00 12.05 ? 105  MET A CG  1 
ATOM   839  S  SD  . MET A 1 105 ? -0.148  4.546   -7.250  1.00 13.85 ? 105  MET A SD  1 
ATOM   840  C  CE  . MET A 1 105 ? -1.004  3.830   -5.800  1.00 15.19 ? 105  MET A CE  1 
ATOM   841  N  N   . ASN A 1 106 ? -3.278  0.357   -10.890 1.00 13.35 ? 106  ASN A N   1 
ATOM   842  C  CA  . ASN A 1 106 ? -4.554  -0.316  -11.055 1.00 12.88 ? 106  ASN A CA  1 
ATOM   843  C  C   . ASN A 1 106 ? -4.652  -1.582  -10.241 1.00 13.04 ? 106  ASN A C   1 
ATOM   844  O  O   . ASN A 1 106 ? -5.804  -2.050  -10.034 1.00 14.85 ? 106  ASN A O   1 
ATOM   845  C  CB  . ASN A 1 106 ? -4.840  -0.595  -12.517 1.00 13.87 ? 106  ASN A CB  1 
ATOM   846  C  CG  . ASN A 1 106 ? -4.941  0.697   -13.318 1.00 15.82 ? 106  ASN A CG  1 
ATOM   847  O  OD1 . ASN A 1 106 ? -5.870  1.504   -13.153 1.00 17.51 ? 106  ASN A OD1 1 
ATOM   848  N  ND2 . ASN A 1 106 ? -3.951  0.901   -14.199 1.00 14.67 ? 106  ASN A ND2 1 
ATOM   849  N  N   . ALA A 1 107 ? -3.511  -2.146  -9.801  1.00 13.31 ? 107  ALA A N   1 
ATOM   850  C  CA  . ALA A 1 107 ? -3.528  -3.289  -8.885  1.00 15.26 ? 107  ALA A CA  1 
ATOM   851  C  C   . ALA A 1 107 ? -4.413  -3.008  -7.664  1.00 15.96 ? 107  ALA A C   1 
ATOM   852  O  O   . ALA A 1 107 ? -4.989  -3.903  -7.039  1.00 18.78 ? 107  ALA A O   1 
ATOM   853  C  CB  . ALA A 1 107 ? -2.101  -3.657  -8.442  1.00 15.75 ? 107  ALA A CB  1 
ATOM   854  N  N   . TRP A 1 108 ? -4.426  -1.747  -7.224  1.00 14.41 ? 108  TRP A N   1 
ATOM   855  C  CA  . TRP A 1 108 ? -5.246  -1.378  -6.078  1.00 13.59 ? 108  TRP A CA  1 
ATOM   856  C  C   . TRP A 1 108 ? -6.564  -0.847  -6.633  1.00 16.01 ? 108  TRP A C   1 
ATOM   857  O  O   . TRP A 1 108 ? -6.637  0.274   -7.175  1.00 16.97 ? 108  TRP A O   1 
ATOM   858  C  CB  . TRP A 1 108 ? -4.526  -0.275  -5.321  1.00 13.18 ? 108  TRP A CB  1 
ATOM   859  C  CG  . TRP A 1 108 ? -3.337  -0.709  -4.504  1.00 12.88 ? 108  TRP A CG  1 
ATOM   860  C  CD1 . TRP A 1 108 ? -3.371  -1.303  -3.263  1.00 11.77 ? 108  TRP A CD1 1 
ATOM   861  C  CD2 . TRP A 1 108 ? -1.974  -0.756  -4.925  1.00 12.57 ? 108  TRP A CD2 1 
ATOM   862  N  NE1 . TRP A 1 108 ? -2.082  -1.649  -2.860  1.00 14.49 ? 108  TRP A NE1 1 
ATOM   863  C  CE2 . TRP A 1 108 ? -1.208  -1.335  -3.869  1.00 13.93 ? 108  TRP A CE2 1 
ATOM   864  C  CE3 . TRP A 1 108 ? -1.312  -0.415  -6.149  1.00 12.73 ? 108  TRP A CE3 1 
ATOM   865  C  CZ2 . TRP A 1 108 ? 0.136   -1.518  -3.943  1.00 11.97 ? 108  TRP A CZ2 1 
ATOM   866  C  CZ3 . TRP A 1 108 ? 0.104   -0.551  -6.223  1.00 13.70 ? 108  TRP A CZ3 1 
ATOM   867  C  CH2 . TRP A 1 108 ? 0.820   -1.106  -5.118  1.00 13.64 ? 108  TRP A CH2 1 
ATOM   868  N  N   . VAL A 1 109 ? -7.618  -1.642  -6.478  1.00 17.15 ? 109  VAL A N   1 
ATOM   869  C  CA  . VAL A 1 109 ? -8.925  -1.241  -7.006  1.00 18.81 ? 109  VAL A CA  1 
ATOM   870  C  C   . VAL A 1 109 ? -9.378  0.093   -6.363  1.00 16.62 ? 109  VAL A C   1 
ATOM   871  O  O   . VAL A 1 109 ? -9.950  0.864   -7.133  1.00 18.98 ? 109  VAL A O   1 
ATOM   872  C  CB  A VAL A 1 109 ? -9.888  -2.443  -6.752  0.52 19.95 ? 109  VAL A CB  1 
ATOM   873  C  CB  B VAL A 1 109 ? -10.026 -2.318  -6.854  0.48 19.50 ? 109  VAL A CB  1 
ATOM   874  C  CG1 A VAL A 1 109 ? -11.355 -2.028  -6.626  0.52 18.48 ? 109  VAL A CG1 1 
ATOM   875  C  CG1 B VAL A 1 109 ? -10.321 -2.498  -5.397  0.48 19.46 ? 109  VAL A CG1 1 
ATOM   876  C  CG2 A VAL A 1 109 ? -9.590  -3.541  -7.804  0.52 18.60 ? 109  VAL A CG2 1 
ATOM   877  C  CG2 B VAL A 1 109 ? -11.286 -1.929  -7.632  0.48 18.15 ? 109  VAL A CG2 1 
ATOM   878  N  N   . ALA A 1 110 ? -9.159  0.334   -5.095  1.00 17.65 ? 110  ALA A N   1 
ATOM   879  C  CA  . ALA A 1 110 ? -9.597  1.623   -4.455  1.00 15.40 ? 110  ALA A CA  1 
ATOM   880  C  C   . ALA A 1 110 ? -8.795  2.792   -5.091  1.00 17.09 ? 110  ALA A C   1 
ATOM   881  O  O   . ALA A 1 110 ? -9.350  3.868   -5.269  1.00 17.53 ? 110  ALA A O   1 
ATOM   882  C  CB  . ALA A 1 110 ? -9.454  1.621   -2.960  1.00 18.31 ? 110  ALA A CB  1 
ATOM   883  N  N   . TRP A 1 111 ? -7.543  2.569   -5.505  1.00 15.65 ? 111  TRP A N   1 
ATOM   884  C  CA  . TRP A 1 111 ? -6.836  3.673   -6.239  1.00 13.60 ? 111  TRP A CA  1 
ATOM   885  C  C   . TRP A 1 111 ? -7.506  3.927   -7.593  1.00 14.37 ? 111  TRP A C   1 
ATOM   886  O  O   . TRP A 1 111 ? -7.821  5.086   -7.922  1.00 13.99 ? 111  TRP A O   1 
ATOM   887  C  CB  . TRP A 1 111 ? -5.307  3.336   -6.481  1.00 14.99 ? 111  TRP A CB  1 
ATOM   888  C  CG  . TRP A 1 111 ? -4.624  4.365   -7.305  1.00 11.50 ? 111  TRP A CG  1 
ATOM   889  C  CD1 . TRP A 1 111 ? -4.139  5.541   -6.813  1.00 14.03 ? 111  TRP A CD1 1 
ATOM   890  C  CD2 . TRP A 1 111 ? -4.517  4.436   -8.740  1.00 10.30 ? 111  TRP A CD2 1 
ATOM   891  N  NE1 . TRP A 1 111 ? -3.672  6.323   -7.880  1.00 13.52 ? 111  TRP A NE1 1 
ATOM   892  C  CE2 . TRP A 1 111 ? -3.825  5.635   -9.043  1.00 12.46 ? 111  TRP A CE2 1 
ATOM   893  C  CE3 . TRP A 1 111 ? -4.755  3.513   -9.761  1.00 13.65 ? 111  TRP A CE3 1 
ATOM   894  C  CZ2 . TRP A 1 111 ? -3.492  6.002   -10.370 1.00 13.92 ? 111  TRP A CZ2 1 
ATOM   895  C  CZ3 . TRP A 1 111 ? -4.439  3.866   -11.068 1.00 14.50 ? 111  TRP A CZ3 1 
ATOM   896  C  CH2 . TRP A 1 111 ? -3.795  5.077   -11.359 1.00 13.36 ? 111  TRP A CH2 1 
ATOM   897  N  N   . ARG A 1 112 ? -7.742  2.886   -8.393  1.00 15.70 ? 112  ARG A N   1 
ATOM   898  C  CA  . ARG A 1 112 ? -8.395  3.081   -9.672  1.00 15.53 ? 112  ARG A CA  1 
ATOM   899  C  C   . ARG A 1 112 ? -9.780  3.769   -9.494  1.00 14.57 ? 112  ARG A C   1 
ATOM   900  O  O   . ARG A 1 112 ? -10.145 4.637   -10.245 1.00 16.33 ? 112  ARG A O   1 
ATOM   901  C  CB  . ARG A 1 112 ? -8.575  1.698   -10.418 1.00 17.39 ? 112  ARG A CB  1 
ATOM   902  C  CG  . ARG A 1 112 ? -9.369  1.902   -11.674 1.00 21.34 ? 112  ARG A CG  1 
ATOM   903  C  CD  . ARG A 1 112 ? -9.388  0.636   -12.598 1.00 28.41 ? 112  ARG A CD  1 
ATOM   904  N  NE  . ARG A 1 112 ? -9.958  -0.520  -11.900 1.00 32.63 ? 112  ARG A NE  1 
ATOM   905  C  CZ  . ARG A 1 112 ? -11.258 -0.718  -11.611 1.00 33.15 ? 112  ARG A CZ  1 
ATOM   906  N  NH1 . ARG A 1 112 ? -12.223 0.173   -11.937 1.00 33.63 ? 112  ARG A NH1 1 
ATOM   907  N  NH2 . ARG A 1 112 ? -11.586 -1.828  -10.970 1.00 36.24 ? 112  ARG A NH2 1 
ATOM   908  N  N   . ASN A 1 113 ? -10.546 3.356   -8.496  1.00 14.98 ? 113  ASN A N   1 
ATOM   909  C  CA  . ASN A 1 113 ? -11.918 3.873   -8.394  1.00 14.67 ? 113  ASN A CA  1 
ATOM   910  C  C   . ASN A 1 113 ? -11.987 5.207   -7.641  1.00 16.18 ? 113  ASN A C   1 
ATOM   911  O  O   . ASN A 1 113 ? -12.975 5.899   -7.836  1.00 16.01 ? 113  ASN A O   1 
ATOM   912  C  CB  . ASN A 1 113 ? -12.807 2.814   -7.710  1.00 15.68 ? 113  ASN A CB  1 
ATOM   913  C  CG  . ASN A 1 113 ? -13.101 1.656   -8.600  1.00 14.86 ? 113  ASN A CG  1 
ATOM   914  O  OD1 . ASN A 1 113 ? -13.223 1.781   -9.822  1.00 19.46 ? 113  ASN A OD1 1 
ATOM   915  N  ND2 . ASN A 1 113 ? -13.351 0.506   -7.936  1.00 16.40 ? 113  ASN A ND2 1 
ATOM   916  N  N   . ARG A 1 114 ? -10.983 5.600   -6.837  1.00 16.62 ? 114  ARG A N   1 
ATOM   917  C  CA  . ARG A 1 114 ? -11.156 6.802   -5.976  1.00 15.18 ? 114  ARG A CA  1 
ATOM   918  C  C   . ARG A 1 114 ? -10.051 7.776   -6.091  1.00 16.36 ? 114  ARG A C   1 
ATOM   919  O  O   . ARG A 1 114 ? -10.220 8.913   -5.624  1.00 17.81 ? 114  ARG A O   1 
ATOM   920  C  CB  . ARG A 1 114 ? -11.344 6.390   -4.516  1.00 17.34 ? 114  ARG A CB  1 
ATOM   921  C  CG  . ARG A 1 114 ? -12.447 5.288   -4.430  1.00 15.91 ? 114  ARG A CG  1 
ATOM   922  C  CD  . ARG A 1 114 ? -12.680 4.856   -3.060  1.00 16.61 ? 114  ARG A CD  1 
ATOM   923  N  NE  . ARG A 1 114 ? -13.268 5.903   -2.211  1.00 14.36 ? 114  ARG A NE  1 
ATOM   924  C  CZ  . ARG A 1 114 ? -13.598 5.657   -0.952  1.00 12.49 ? 114  ARG A CZ  1 
ATOM   925  N  NH1 . ARG A 1 114 ? -13.430 4.448   -0.371  1.00 13.49 ? 114  ARG A NH1 1 
ATOM   926  N  NH2 . ARG A 1 114 ? -14.134 6.609   -0.215  1.00 16.73 ? 114  ARG A NH2 1 
ATOM   927  N  N   . CYS A 1 115 ? -8.928  7.368   -6.693  1.00 14.65 ? 115  CYS A N   1 
ATOM   928  C  CA  . CYS A 1 115 ? -7.783  8.263   -6.771  1.00 15.86 ? 115  CYS A CA  1 
ATOM   929  C  C   . CYS A 1 115 ? -7.429  8.605   -8.201  1.00 15.01 ? 115  CYS A C   1 
ATOM   930  O  O   . CYS A 1 115 ? -7.064  9.762   -8.492  1.00 14.55 ? 115  CYS A O   1 
ATOM   931  C  CB  . CYS A 1 115 ? -6.553  7.597   -6.099  1.00 14.42 ? 115  CYS A CB  1 
ATOM   932  S  SG  . CYS A 1 115 ? -6.824  7.326   -4.336  1.00 14.16 ? 115  CYS A SG  1 
ATOM   933  N  N   . LYS A 1 116 ? -7.345  7.573   -9.067  1.00 14.55 ? 116  LYS A N   1 
ATOM   934  C  CA  . LYS A 1 116 ? -7.006  7.766   -10.478 1.00 14.28 ? 116  LYS A CA  1 
ATOM   935  C  C   . LYS A 1 116 ? -7.727  8.910   -11.120 1.00 15.15 ? 116  LYS A C   1 
ATOM   936  O  O   . LYS A 1 116 ? -8.950  8.990   -10.998 1.00 16.72 ? 116  LYS A O   1 
ATOM   937  C  CB  . LYS A 1 116 ? -7.295  6.435   -11.203 1.00 14.68 ? 116  LYS A CB  1 
ATOM   938  C  CG  . LYS A 1 116 ? -6.769  6.427   -12.638 1.00 13.25 ? 116  LYS A CG  1 
ATOM   939  C  CD  . LYS A 1 116 ? -7.138  5.092   -13.306 1.00 15.18 ? 116  LYS A CD  1 
ATOM   940  C  CE  . LYS A 1 116 ? -6.358  4.884   -14.590 1.00 15.59 ? 116  LYS A CE  1 
ATOM   941  N  NZ  . LYS A 1 116 ? -6.741  3.501   -15.161 1.00 16.09 ? 116  LYS A NZ  1 
ATOM   942  N  N   . GLY A 1 117 ? -6.944  9.812   -11.708 1.00 16.73 ? 117  GLY A N   1 
ATOM   943  C  CA  . GLY A 1 117 ? -7.601  10.891  -12.477 1.00 17.87 ? 117  GLY A CA  1 
ATOM   944  C  C   . GLY A 1 117 ? -7.938  12.133  -11.651 1.00 19.53 ? 117  GLY A C   1 
ATOM   945  O  O   . GLY A 1 117 ? -8.222  13.185  -12.237 1.00 22.16 ? 117  GLY A O   1 
ATOM   946  N  N   . THR A 1 118 ? -7.898  12.002  -10.338 1.00 16.85 ? 118  THR A N   1 
ATOM   947  C  CA  . THR A 1 118 ? -8.325  13.080  -9.416  1.00 14.25 ? 118  THR A CA  1 
ATOM   948  C  C   . THR A 1 118 ? -7.116  13.962  -9.085  1.00 15.57 ? 118  THR A C   1 
ATOM   949  O  O   . THR A 1 118 ? -5.945  13.655  -9.449  1.00 17.75 ? 118  THR A O   1 
ATOM   950  C  CB  . THR A 1 118 ? -8.957  12.513  -8.088  1.00 15.31 ? 118  THR A CB  1 
ATOM   951  O  OG1 . THR A 1 118 ? -7.900  11.948  -7.292  1.00 15.05 ? 118  THR A OG1 1 
ATOM   952  C  CG2 . THR A 1 118 ? -10.013 11.433  -8.394  1.00 16.46 ? 118  THR A CG2 1 
ATOM   953  N  N   . ASP A 1 119 ? -7.374  15.060  -8.349  1.00 17.52 ? 119  ASP A N   1 
ATOM   954  C  CA  . ASP A 1 119 ? -6.337  15.961  -7.920  1.00 20.53 ? 119  ASP A CA  1 
ATOM   955  C  C   . ASP A 1 119 ? -5.600  15.418  -6.701  1.00 19.74 ? 119  ASP A C   1 
ATOM   956  O  O   . ASP A 1 119 ? -5.734  15.873  -5.574  1.00 20.08 ? 119  ASP A O   1 
ATOM   957  C  CB  . ASP A 1 119 ? -6.949  17.345  -7.567  1.00 20.76 ? 119  ASP A CB  1 
ATOM   958  C  CG  . ASP A 1 119 ? -5.859  18.429  -7.338  1.00 27.40 ? 119  ASP A CG  1 
ATOM   959  O  OD1 . ASP A 1 119 ? -4.656  18.169  -7.594  1.00 28.74 ? 119  ASP A OD1 1 
ATOM   960  O  OD2 . ASP A 1 119 ? -6.217  19.556  -6.898  1.00 31.10 ? 119  ASP A OD2 1 
ATOM   961  N  N   . VAL A 1 120 ? -4.797  14.391  -6.967  1.00 18.76 ? 120  VAL A N   1 
ATOM   962  C  CA  . VAL A 1 120 ? -4.096  13.663  -5.909  1.00 17.63 ? 120  VAL A CA  1 
ATOM   963  C  C   . VAL A 1 120 ? -3.056  14.498  -5.154  1.00 16.13 ? 120  VAL A C   1 
ATOM   964  O  O   . VAL A 1 120 ? -2.723  14.166  -4.025  1.00 16.91 ? 120  VAL A O   1 
ATOM   965  C  CB  . VAL A 1 120 ? -3.447  12.346  -6.402  1.00 17.43 ? 120  VAL A CB  1 
ATOM   966  C  CG1 . VAL A 1 120 ? -4.505  11.333  -6.892  1.00 17.29 ? 120  VAL A CG1 1 
ATOM   967  C  CG2 . VAL A 1 120 ? -2.427  12.595  -7.440  1.00 18.91 ? 120  VAL A CG2 1 
ATOM   968  N  N   . GLN A 1 121 ? -2.557  15.607  -5.746  1.00 17.25 ? 121  GLN A N   1 
ATOM   969  C  CA  . GLN A 1 121 ? -1.599  16.428  -5.010  1.00 18.94 ? 121  GLN A CA  1 
ATOM   970  C  C   . GLN A 1 121 ? -2.223  17.005  -3.744  1.00 17.02 ? 121  GLN A C   1 
ATOM   971  O  O   . GLN A 1 121 ? -1.526  17.299  -2.783  1.00 18.56 ? 121  GLN A O   1 
ATOM   972  C  CB  . GLN A 1 121 ? -1.049  17.530  -5.931  1.00 20.87 ? 121  GLN A CB  1 
ATOM   973  C  CG  . GLN A 1 121 ? 0.063   18.378  -5.303  1.00 25.62 ? 121  GLN A CG  1 
ATOM   974  C  CD  . GLN A 1 121 ? -0.402  19.512  -4.413  1.00 31.50 ? 121  GLN A CD  1 
ATOM   975  O  OE1 . GLN A 1 121 ? -1.552  19.972  -4.501  1.00 33.58 ? 121  GLN A OE1 1 
ATOM   976  N  NE2 . GLN A 1 121 ? 0.498   19.978  -3.541  1.00 35.72 ? 121  GLN A NE2 1 
ATOM   977  N  N   . ALA A 1 122 ? -3.552  17.044  -3.696  1.00 14.77 ? 122  ALA A N   1 
ATOM   978  C  CA  . ALA A 1 122 ? -4.290  17.658  -2.500  1.00 16.27 ? 122  ALA A CA  1 
ATOM   979  C  C   . ALA A 1 122 ? -3.870  16.820  -1.259  1.00 15.41 ? 122  ALA A C   1 
ATOM   980  O  O   . ALA A 1 122 ? -3.806  17.279  -0.106  1.00 17.68 ? 122  ALA A O   1 
ATOM   981  C  CB  . ALA A 1 122 ? -5.809  17.592  -2.688  1.00 18.00 ? 122  ALA A CB  1 
ATOM   982  N  N   . TRP A 1 123 ? -3.550  15.538  -1.513  1.00 15.46 ? 123  TRP A N   1 
ATOM   983  C  CA  . TRP A 1 123 ? -3.236  14.632  -0.375  1.00 15.68 ? 123  TRP A CA  1 
ATOM   984  C  C   . TRP A 1 123 ? -1.902  14.961  0.329   1.00 16.10 ? 123  TRP A C   1 
ATOM   985  O  O   . TRP A 1 123 ? -1.665  14.583  1.491   1.00 18.06 ? 123  TRP A O   1 
ATOM   986  C  CB  . TRP A 1 123 ? -3.214  13.132  -0.812  1.00 15.53 ? 123  TRP A CB  1 
ATOM   987  C  CG  . TRP A 1 123 ? -4.578  12.715  -1.117  1.00 15.14 ? 123  TRP A CG  1 
ATOM   988  C  CD1 . TRP A 1 123 ? -5.149  12.661  -2.310  1.00 16.13 ? 123  TRP A CD1 1 
ATOM   989  C  CD2 . TRP A 1 123 ? -5.595  12.398  -0.149  1.00 17.68 ? 123  TRP A CD2 1 
ATOM   990  N  NE1 . TRP A 1 123 ? -6.490  12.346  -2.188  1.00 17.38 ? 123  TRP A NE1 1 
ATOM   991  C  CE2 . TRP A 1 123 ? -6.791  12.167  -0.871  1.00 19.45 ? 123  TRP A CE2 1 
ATOM   992  C  CE3 . TRP A 1 123 ? -5.591  12.265  1.248   1.00 16.64 ? 123  TRP A CE3 1 
ATOM   993  C  CZ2 . TRP A 1 123 ? -7.985  11.785  -0.235  1.00 21.83 ? 123  TRP A CZ2 1 
ATOM   994  C  CZ3 . TRP A 1 123 ? -6.776  11.971  1.904   1.00 21.39 ? 123  TRP A CZ3 1 
ATOM   995  C  CH2 . TRP A 1 123 ? -7.967  11.735  1.144   1.00 20.28 ? 123  TRP A CH2 1 
ATOM   996  N  N   . ILE A 1 124 ? -1.007  15.711  -0.375  1.00 16.78 ? 124  ILE A N   1 
ATOM   997  C  CA  . ILE A 1 124 ? 0.293   16.081  0.240   1.00 18.61 ? 124  ILE A CA  1 
ATOM   998  C  C   . ILE A 1 124 ? 0.396   17.601  0.434   1.00 20.51 ? 124  ILE A C   1 
ATOM   999  O  O   . ILE A 1 124 ? 1.445   18.114  0.854   1.00 21.49 ? 124  ILE A O   1 
ATOM   1000 C  CB  . ILE A 1 124 ? 1.528   15.537  -0.525  1.00 17.46 ? 124  ILE A CB  1 
ATOM   1001 C  CG1 . ILE A 1 124 ? 1.609   16.210  -1.917  1.00 21.13 ? 124  ILE A CG1 1 
ATOM   1002 C  CG2 . ILE A 1 124 ? 1.484   13.989  -0.543  1.00 20.50 ? 124  ILE A CG2 1 
ATOM   1003 C  CD1 . ILE A 1 124 ? 2.931   15.875  -2.682  1.00 28.53 ? 124  ILE A CD1 1 
ATOM   1004 N  N   . ARG A 1 125 ? -0.711  18.244  0.140   1.00 19.78 ? 125  ARG A N   1 
ATOM   1005 C  CA  . ARG A 1 125 ? -0.801  19.754  0.199   1.00 23.23 ? 125  ARG A CA  1 
ATOM   1006 C  C   . ARG A 1 125 ? -0.560  20.223  1.604   1.00 22.79 ? 125  ARG A C   1 
ATOM   1007 O  O   . ARG A 1 125 ? -1.144  19.698  2.557   1.00 25.66 ? 125  ARG A O   1 
ATOM   1008 C  CB  . ARG A 1 125 ? -2.139  20.235  -0.413  1.00 23.85 ? 125  ARG A CB  1 
ATOM   1009 C  CG  . ARG A 1 125 ? -2.205  21.733  -0.731  1.00 31.02 ? 125  ARG A CG  1 
ATOM   1010 C  CD  . ARG A 1 125 ? -2.684  21.881  -2.201  1.00 39.49 ? 125  ARG A CD  1 
ATOM   1011 N  NE  . ARG A 1 125 ? -4.105  21.607  -2.364  1.00 43.92 ? 125  ARG A NE  1 
ATOM   1012 C  CZ  . ARG A 1 125 ? -4.689  21.109  -3.460  1.00 46.18 ? 125  ARG A CZ  1 
ATOM   1013 N  NH1 . ARG A 1 125 ? -3.989  20.757  -4.542  1.00 45.97 ? 125  ARG A NH1 1 
ATOM   1014 N  NH2 . ARG A 1 125 ? -6.004  20.940  -3.461  1.00 48.08 ? 125  ARG A NH2 1 
ATOM   1015 N  N   . GLY A 1 126 ? 0.423   21.126  1.754   1.00 24.57 ? 126  GLY A N   1 
ATOM   1016 C  CA  . GLY A 1 126 ? 0.727   21.640  3.091   1.00 25.55 ? 126  GLY A CA  1 
ATOM   1017 C  C   . GLY A 1 126 ? 1.726   20.841  3.918   1.00 26.30 ? 126  GLY A C   1 
ATOM   1018 O  O   . GLY A 1 126 ? 2.098   21.235  5.033   1.00 29.07 ? 126  GLY A O   1 
ATOM   1019 N  N   . CYS A 1 127 ? 2.120   19.678  3.424   1.00 24.16 ? 127  CYS A N   1 
ATOM   1020 C  CA  . CYS A 1 127 ? 3.058   18.842  4.162   1.00 23.61 ? 127  CYS A CA  1 
ATOM   1021 C  C   . CYS A 1 127 ? 4.480   19.294  3.960   1.00 23.91 ? 127  CYS A C   1 
ATOM   1022 O  O   . CYS A 1 127 ? 4.876   19.588  2.831   1.00 23.59 ? 127  CYS A O   1 
ATOM   1023 C  CB  . CYS A 1 127 ? 2.993   17.397  3.690   1.00 22.56 ? 127  CYS A CB  1 
ATOM   1024 S  SG  . CYS A 1 127 ? 1.331   16.649  3.832   1.00 22.64 ? 127  CYS A SG  1 
ATOM   1025 N  N   . ARG A 1 128 ? 5.272   19.250  5.038   1.00 26.36 ? 128  ARG A N   1 
ATOM   1026 C  CA  A ARG A 1 128 ? 6.687   19.567  4.936   0.50 28.12 ? 128  ARG A CA  1 
ATOM   1027 C  CA  B ARG A 1 128 ? 6.683   19.557  4.924   0.50 27.61 ? 128  ARG A CA  1 
ATOM   1028 C  C   . ARG A 1 128 ? 7.377   18.313  4.409   1.00 28.94 ? 128  ARG A C   1 
ATOM   1029 O  O   . ARG A 1 128 ? 7.371   17.294  5.075   1.00 30.56 ? 128  ARG A O   1 
ATOM   1030 C  CB  A ARG A 1 128 ? 7.225   20.029  6.297   0.50 28.15 ? 128  ARG A CB  1 
ATOM   1031 C  CB  B ARG A 1 128 ? 7.230   19.979  6.276   0.50 27.23 ? 128  ARG A CB  1 
ATOM   1032 C  CG  A ARG A 1 128 ? 8.481   20.878  6.228   0.50 29.88 ? 128  ARG A CG  1 
ATOM   1033 C  CG  B ARG A 1 128 ? 8.563   20.646  6.198   0.50 26.79 ? 128  ARG A CG  1 
ATOM   1034 C  CD  A ARG A 1 128 ? 8.474   22.005  7.289   0.50 30.93 ? 128  ARG A CD  1 
ATOM   1035 C  CD  B ARG A 1 128 ? 8.854   21.265  7.539   0.50 21.43 ? 128  ARG A CD  1 
ATOM   1036 N  NE  A ARG A 1 128 ? 7.834   21.627  8.548   0.50 30.60 ? 128  ARG A NE  1 
ATOM   1037 N  NE  B ARG A 1 128 ? 10.084  22.057  7.519   0.50 18.71 ? 128  ARG A NE  1 
ATOM   1038 C  CZ  A ARG A 1 128 ? 7.248   22.479  9.382   0.50 29.02 ? 128  ARG A CZ  1 
ATOM   1039 C  CZ  B ARG A 1 128 ? 10.166  23.341  7.200   0.50 20.85 ? 128  ARG A CZ  1 
ATOM   1040 N  NH1 A ARG A 1 128 ? 7.193   23.792  9.116   0.50 30.02 ? 128  ARG A NH1 1 
ATOM   1041 N  NH1 B ARG A 1 128 ? 9.080   24.010  6.804   0.50 23.55 ? 128  ARG A NH1 1 
ATOM   1042 N  NH2 A ARG A 1 128 ? 6.714   22.022  10.499  0.50 28.38 ? 128  ARG A NH2 1 
ATOM   1043 N  NH2 B ARG A 1 128 ? 11.356  23.945  7.233   0.50 25.01 ? 128  ARG A NH2 1 
ATOM   1044 N  N   . LEU A 1 129 ? 7.910   18.381  3.188   1.00 30.37 ? 129  LEU A N   1 
ATOM   1045 C  CA  . LEU A 1 129 ? 8.415   17.177  2.501   1.00 33.61 ? 129  LEU A CA  1 
ATOM   1046 C  C   . LEU A 1 129 ? 9.734   17.410  1.801   1.00 35.30 ? 129  LEU A C   1 
ATOM   1047 O  O   . LEU A 1 129 ? 10.512  16.447  1.692   1.00 35.15 ? 129  LEU A O   1 
ATOM   1048 C  CB  . LEU A 1 129 ? 7.400   16.673  1.453   1.00 33.60 ? 129  LEU A CB  1 
ATOM   1049 C  CG  . LEU A 1 129 ? 6.278   15.637  1.687   1.00 36.80 ? 129  LEU A CG  1 
ATOM   1050 C  CD1 . LEU A 1 129 ? 5.818   15.337  3.113   1.00 41.51 ? 129  LEU A CD1 1 
ATOM   1051 C  CD2 . LEU A 1 129 ? 5.086   15.920  0.782   1.00 37.30 ? 129  LEU A CD2 1 
ATOM   1052 O  OXT . LEU A 1 129 ? 10.005  18.523  1.303   1.00 37.41 ? 129  LEU A OXT 1 
HETATM 1053 CL CL  . CL  B 2 .   ? 1.998   2.859   -15.104 1.00 18.25 ? 130  CL  A CL  1 
HETATM 1054 NA NA  . NA  C 3 .   ? 0.121   -16.184 0.043   1.00 16.70 ? 131  NA  A NA  1 
HETATM 1055 C  C4  . CHT D 4 .   ? -5.294  -4.187  -3.130  1.00 40.37 ? 1130 CHT A C4  1 
HETATM 1056 C  C5  . CHT D 4 .   ? -4.510  -5.428  -3.600  1.00 36.12 ? 1130 CHT A C5  1 
HETATM 1057 C  C6  . CHT D 4 .   ? -2.371  -4.344  -3.377  1.00 35.98 ? 1130 CHT A C6  1 
HETATM 1058 C  C7  . CHT D 4 .   ? -2.812  -5.519  -5.326  1.00 30.80 ? 1130 CHT A C7  1 
HETATM 1059 C  C8  . CHT D 4 .   ? -2.475  -6.672  -3.402  1.00 17.33 ? 1130 CHT A C8  1 
HETATM 1060 O  O6  . CHT D 4 .   ? -6.068  -4.203  -2.125  1.00 37.77 ? 1130 CHT A O6  1 
HETATM 1061 N  N1  . CHT D 4 .   ? -3.071  -5.463  -3.923  1.00 36.34 ? 1130 CHT A N1  1 
HETATM 1062 C  C   . ACT E 5 .   ? -7.484  -7.628  -4.093  0.50 33.94 ? 1131 ACT A C   1 
HETATM 1063 O  O   . ACT E 5 .   ? -6.277  -7.749  -4.430  0.50 32.52 ? 1131 ACT A O   1 
HETATM 1064 O  OXT . ACT E 5 .   ? -7.764  -7.258  -2.906  0.50 33.05 ? 1131 ACT A OXT 1 
HETATM 1065 C  CH3 . ACT E 5 .   ? -8.563  -7.928  -5.091  0.50 33.58 ? 1131 ACT A CH3 1 
HETATM 1066 O  O   . HOH F 6 .   ? 1.300   -0.456  15.437  1.00 19.65 ? 2001 HOH A O   1 
HETATM 1067 O  O   . HOH F 6 .   ? -1.007  1.231   17.071  1.00 34.19 ? 2002 HOH A O   1 
HETATM 1068 O  O   . HOH F 6 .   ? -3.192  0.741   14.566  1.00 14.34 ? 2003 HOH A O   1 
HETATM 1069 O  O   . HOH F 6 .   ? 6.806   8.314   11.504  1.00 32.17 ? 2004 HOH A O   1 
HETATM 1070 O  O   . HOH F 6 .   ? 4.727   6.615   15.963  1.00 41.60 ? 2005 HOH A O   1 
HETATM 1071 O  O   . HOH F 6 .   ? 6.393   4.353   12.001  1.00 29.18 ? 2006 HOH A O   1 
HETATM 1072 O  O   . HOH F 6 .   ? 0.678   8.669   14.029  1.00 25.10 ? 2007 HOH A O   1 
HETATM 1073 O  O   . HOH F 6 .   ? 1.216   6.981   16.370  1.00 39.23 ? 2008 HOH A O   1 
HETATM 1074 O  O   . HOH F 6 .   ? 0.996   3.453   17.412  1.00 40.87 ? 2009 HOH A O   1 
HETATM 1075 O  O   . HOH F 6 .   ? 7.535   8.435   16.228  1.00 40.78 ? 2010 HOH A O   1 
HETATM 1076 O  O   . HOH F 6 .   ? -3.635  6.796   17.123  1.00 37.31 ? 2011 HOH A O   1 
HETATM 1077 O  O   . HOH F 6 .   ? -1.380  5.157   16.393  1.00 26.58 ? 2012 HOH A O   1 
HETATM 1078 O  O   . HOH F 6 .   ? -6.882  12.644  5.932   1.00 18.86 ? 2013 HOH A O   1 
HETATM 1079 O  O   . HOH F 6 .   ? -4.106  14.634  9.455   1.00 46.78 ? 2014 HOH A O   1 
HETATM 1080 O  O   . HOH F 6 .   ? -4.845  9.868   10.295  1.00 21.08 ? 2015 HOH A O   1 
HETATM 1081 O  O   . HOH F 6 .   ? 9.945   9.649   7.868   1.00 26.85 ? 2016 HOH A O   1 
HETATM 1082 O  O   . HOH F 6 .   ? -4.885  12.363  8.854   1.00 38.18 ? 2017 HOH A O   1 
HETATM 1083 O  O   . HOH F 6 .   ? -4.801  18.373  7.228   1.00 45.38 ? 2018 HOH A O   1 
HETATM 1084 O  O   . HOH F 6 .   ? 13.288  1.579   1.807   1.00 42.24 ? 2019 HOH A O   1 
HETATM 1085 O  O   . HOH F 6 .   ? 0.641   14.184  9.917   1.00 23.21 ? 2020 HOH A O   1 
HETATM 1086 O  O   . HOH F 6 .   ? -1.222  15.708  8.496   1.00 24.37 ? 2021 HOH A O   1 
HETATM 1087 O  O   . HOH F 6 .   ? 6.964   9.890   9.119   1.00 25.61 ? 2022 HOH A O   1 
HETATM 1088 O  O   . HOH F 6 .   ? 4.505   15.149  -5.471  1.00 45.35 ? 2023 HOH A O   1 
HETATM 1089 O  O   . HOH F 6 .   ? 10.645  12.048  4.219   1.00 34.80 ? 2024 HOH A O   1 
HETATM 1090 O  O   . HOH F 6 .   ? 8.217   15.630  -2.113  1.00 42.96 ? 2025 HOH A O   1 
HETATM 1091 O  O   . HOH F 6 .   ? -11.239 -2.103  1.911   1.00 45.53 ? 2026 HOH A O   1 
HETATM 1092 O  O   . HOH F 6 .   ? -10.688 2.497   9.868   1.00 50.64 ? 2027 HOH A O   1 
HETATM 1093 O  O   . HOH F 6 .   ? 12.964  11.446  3.237   1.00 32.77 ? 2028 HOH A O   1 
HETATM 1094 O  O   . HOH F 6 .   ? 9.841   6.671   8.353   1.00 40.98 ? 2029 HOH A O   1 
HETATM 1095 O  O   . HOH F 6 .   ? 11.073  3.057   8.505   1.00 42.60 ? 2030 HOH A O   1 
HETATM 1096 O  O   . HOH F 6 .   ? 15.969  10.484  4.299   1.00 30.64 ? 2031 HOH A O   1 
HETATM 1097 O  O   . HOH F 6 .   ? 14.233  2.379   -0.623  1.00 39.51 ? 2032 HOH A O   1 
HETATM 1098 O  O   . HOH F 6 .   ? -15.178 -11.303 6.750   0.50 29.75 ? 2033 HOH A O   1 
HETATM 1099 O  O   . HOH F 6 .   ? -9.768  -10.819 -3.970  1.00 49.06 ? 2034 HOH A O   1 
HETATM 1100 O  O   . HOH F 6 .   ? 12.568  5.731   -5.594  1.00 29.91 ? 2035 HOH A O   1 
HETATM 1101 O  O   . HOH F 6 .   ? 11.067  6.809   -6.982  1.00 39.42 ? 2036 HOH A O   1 
HETATM 1102 O  O   . HOH F 6 .   ? 10.518  8.170   -11.372 1.00 32.62 ? 2037 HOH A O   1 
HETATM 1103 O  O   . HOH F 6 .   ? 5.086   10.588  -13.702 1.00 26.97 ? 2038 HOH A O   1 
HETATM 1104 O  O   . HOH F 6 .   ? 7.473   12.090  -13.774 1.00 39.27 ? 2039 HOH A O   1 
HETATM 1105 O  O   . HOH F 6 .   ? 12.910  -1.087  -6.668  1.00 29.24 ? 2040 HOH A O   1 
HETATM 1106 O  O   . HOH F 6 .   ? 10.285  -3.703  -7.424  1.00 45.03 ? 2041 HOH A O   1 
HETATM 1107 O  O   . HOH F 6 .   ? 1.601   -22.721 6.124   1.00 30.34 ? 2042 HOH A O   1 
HETATM 1108 O  O   . HOH F 6 .   ? 10.868  3.958   -10.501 1.00 26.10 ? 2043 HOH A O   1 
HETATM 1109 O  O   . HOH F 6 .   ? 3.144   5.657   -14.250 1.00 15.69 ? 2044 HOH A O   1 
HETATM 1110 O  O   . HOH F 6 .   ? 9.937   5.599   -12.980 1.00 41.77 ? 2045 HOH A O   1 
HETATM 1111 O  O   . HOH F 6 .   ? 9.467   -15.720 -7.758  1.00 38.97 ? 2046 HOH A O   1 
HETATM 1112 O  O   . HOH F 6 .   ? 1.265   14.977  -8.620  1.00 38.20 ? 2047 HOH A O   1 
HETATM 1113 O  O   . HOH F 6 .   ? 1.191   14.354  -5.763  1.00 9.93  ? 2048 HOH A O   1 
HETATM 1114 O  O   . HOH F 6 .   ? 0.639   13.505  -10.784 1.00 37.50 ? 2049 HOH A O   1 
HETATM 1115 O  O   . HOH F 6 .   ? 5.097   -5.579  14.138  1.00 21.44 ? 2050 HOH A O   1 
HETATM 1116 O  O   . HOH F 6 .   ? 6.680   -7.572  11.778  1.00 43.82 ? 2051 HOH A O   1 
HETATM 1117 O  O   . HOH F 6 .   ? 8.381   -10.406 10.344  1.00 38.98 ? 2052 HOH A O   1 
HETATM 1118 O  O   . HOH F 6 .   ? 8.723   -6.003  11.496  1.00 40.86 ? 2053 HOH A O   1 
HETATM 1119 O  O   . HOH F 6 .   ? -3.819  9.554   -10.677 1.00 21.84 ? 2054 HOH A O   1 
HETATM 1120 O  O   . HOH F 6 .   ? -1.390  11.804  -10.732 1.00 20.91 ? 2055 HOH A O   1 
HETATM 1121 O  O   . HOH F 6 .   ? 5.105   -2.597  17.585  1.00 46.05 ? 2056 HOH A O   1 
HETATM 1122 O  O   . HOH F 6 .   ? 9.368   -0.567  14.530  1.00 45.89 ? 2057 HOH A O   1 
HETATM 1123 O  O   . HOH F 6 .   ? 10.682  -6.339  3.351   1.00 24.71 ? 2058 HOH A O   1 
HETATM 1124 O  O   . HOH F 6 .   ? 6.535   -9.717  -8.835  1.00 46.30 ? 2059 HOH A O   1 
HETATM 1125 O  O   . HOH F 6 .   ? -10.876 5.906   4.411   1.00 32.67 ? 2060 HOH A O   1 
HETATM 1126 O  O   . HOH F 6 .   ? -8.717  10.682  8.646   1.00 38.97 ? 2061 HOH A O   1 
HETATM 1127 O  O   . HOH F 6 .   ? -10.882 0.298   -0.027  1.00 20.30 ? 2062 HOH A O   1 
HETATM 1128 O  O   . HOH F 6 .   ? -9.783  -0.780  5.536   1.00 40.83 ? 2063 HOH A O   1 
HETATM 1129 O  O   . HOH F 6 .   ? -8.492  -1.892  -3.548  1.00 23.99 ? 2064 HOH A O   1 
HETATM 1130 O  O   . HOH F 6 .   ? -10.559 -1.988  -1.717  1.00 33.03 ? 2065 HOH A O   1 
HETATM 1131 O  O   . HOH F 6 .   ? -8.546  -3.465  -1.008  1.00 24.86 ? 2066 HOH A O   1 
HETATM 1132 O  O   . HOH F 6 .   ? -8.422  0.850   9.158   1.00 25.55 ? 2067 HOH A O   1 
HETATM 1133 O  O   . HOH F 6 .   ? -6.927  8.437   9.309   1.00 23.76 ? 2068 HOH A O   1 
HETATM 1134 O  O   . HOH F 6 .   ? -7.658  4.556   10.633  1.00 28.03 ? 2069 HOH A O   1 
HETATM 1135 O  O   . HOH F 6 .   ? -11.532 9.224   9.416   1.00 33.43 ? 2070 HOH A O   1 
HETATM 1136 O  O   . HOH F 6 .   ? -10.196 6.557   -14.816 1.00 23.59 ? 2071 HOH A O   1 
HETATM 1137 O  O   . HOH F 6 .   ? -8.800  2.626   11.078  1.00 26.68 ? 2072 HOH A O   1 
HETATM 1138 O  O   . HOH F 6 .   ? -4.709  13.452  -13.540 1.00 27.77 ? 2073 HOH A O   1 
HETATM 1139 O  O   . HOH F 6 .   ? -7.275  15.630  -16.672 1.00 41.23 ? 2074 HOH A O   1 
HETATM 1140 O  O   . HOH F 6 .   ? -5.633  11.663  -15.723 1.00 24.70 ? 2075 HOH A O   1 
HETATM 1141 O  O   . HOH F 6 .   ? -11.511 14.718  -10.285 1.00 37.01 ? 2076 HOH A O   1 
HETATM 1142 O  O   . HOH F 6 .   ? -10.764 -8.742  8.350   1.00 30.65 ? 2077 HOH A O   1 
HETATM 1143 O  O   . HOH F 6 .   ? -9.052  -9.819  9.030   0.50 20.65 ? 2078 HOH A O   1 
HETATM 1144 O  O   . HOH F 6 .   ? -9.726  -1.472  7.922   1.00 22.72 ? 2079 HOH A O   1 
HETATM 1145 O  O   . HOH F 6 .   ? -12.061 -1.343  4.427   1.00 43.85 ? 2080 HOH A O   1 
HETATM 1146 O  O   . HOH F 6 .   ? -12.583 -6.406  3.461   1.00 37.51 ? 2081 HOH A O   1 
HETATM 1147 O  O   . HOH F 6 .   ? -13.067 -8.679  6.689   1.00 29.92 ? 2082 HOH A O   1 
HETATM 1148 O  O   . HOH F 6 .   ? -11.785 -18.718 7.278   1.00 43.75 ? 2083 HOH A O   1 
HETATM 1149 O  O   . HOH F 6 .   ? -12.856 -17.547 4.457   1.00 30.05 ? 2084 HOH A O   1 
HETATM 1150 O  O   . HOH F 6 .   ? -14.401 -15.265 2.843   1.00 37.16 ? 2085 HOH A O   1 
HETATM 1151 O  O   . HOH F 6 .   ? -10.752 -6.693  0.787   1.00 34.69 ? 2086 HOH A O   1 
HETATM 1152 O  O   . HOH F 6 .   ? -13.652 -9.597  -1.983  1.00 34.22 ? 2087 HOH A O   1 
HETATM 1153 O  O   . HOH F 6 .   ? -12.170 -12.385 -3.556  1.00 32.17 ? 2088 HOH A O   1 
HETATM 1154 O  O   . HOH F 6 .   ? -8.335  -12.289 -4.395  1.00 32.30 ? 2089 HOH A O   1 
HETATM 1155 O  O   . HOH F 6 .   ? -6.370  -15.276 4.127   1.00 14.66 ? 2090 HOH A O   1 
HETATM 1156 O  O   . HOH F 6 .   ? -8.693  -19.385 2.688   1.00 29.86 ? 2091 HOH A O   1 
HETATM 1157 O  O   . HOH F 6 .   ? -9.225  -4.141  1.386   1.00 19.50 ? 2092 HOH A O   1 
HETATM 1158 O  O   . HOH F 6 .   ? 0.091   -2.830  3.068   1.00 13.06 ? 2093 HOH A O   1 
HETATM 1159 O  O   . HOH F 6 .   ? -5.402  -13.520 8.635   1.00 13.98 ? 2094 HOH A O   1 
HETATM 1160 O  O   . HOH F 6 .   ? 1.135   -1.411  6.556   1.00 19.23 ? 2095 HOH A O   1 
HETATM 1161 O  O   . HOH F 6 .   ? -0.868  -16.919 2.171   1.00 14.64 ? 2096 HOH A O   1 
HETATM 1162 O  O   . HOH F 6 .   ? -2.855  -8.465  -6.803  1.00 27.41 ? 2097 HOH A O   1 
HETATM 1163 O  O   . HOH F 6 .   ? 1.675   -17.911 0.721   1.00 19.65 ? 2098 HOH A O   1 
HETATM 1164 O  O   . HOH F 6 .   ? 1.800   -21.296 3.328   1.00 31.56 ? 2099 HOH A O   1 
HETATM 1165 O  O   . HOH F 6 .   ? 5.878   -16.670 6.496   1.00 13.95 ? 2100 HOH A O   1 
HETATM 1166 O  O   . HOH F 6 .   ? 6.745   -19.180 5.064   1.00 47.77 ? 2101 HOH A O   1 
HETATM 1167 O  O   . HOH F 6 .   ? 2.468   -20.349 7.481   1.00 13.45 ? 2102 HOH A O   1 
HETATM 1168 O  O   . HOH F 6 .   ? -1.127  -23.842 6.092   1.00 33.40 ? 2103 HOH A O   1 
HETATM 1169 O  O   . HOH F 6 .   ? -1.205  -20.062 2.318   1.00 8.70  ? 2104 HOH A O   1 
HETATM 1170 O  O   . HOH F 6 .   ? -2.697  -22.738 2.111   1.00 24.17 ? 2105 HOH A O   1 
HETATM 1171 O  O   . HOH F 6 .   ? -1.290  -23.907 -0.892  0.50 21.77 ? 2106 HOH A O   1 
HETATM 1172 O  O   . HOH F 6 .   ? 0.132   -21.240 -0.367  1.00 28.61 ? 2107 HOH A O   1 
HETATM 1173 O  O   . HOH F 6 .   ? 2.900   -19.575 -0.881  1.00 37.48 ? 2108 HOH A O   1 
HETATM 1174 O  O   . HOH F 6 .   ? 1.491   -22.276 -3.760  1.00 32.69 ? 2109 HOH A O   1 
HETATM 1175 O  O   . HOH F 6 .   ? 2.597   -21.784 -8.623  1.00 38.76 ? 2110 HOH A O   1 
HETATM 1176 O  O   . HOH F 6 .   ? 5.991   -17.638 -3.928  1.00 21.88 ? 2111 HOH A O   1 
HETATM 1177 O  O   . HOH F 6 .   ? 8.728   -15.950 -4.283  1.00 42.67 ? 2112 HOH A O   1 
HETATM 1178 O  O   . HOH F 6 .   ? 7.821   -15.404 4.403   1.00 21.82 ? 2113 HOH A O   1 
HETATM 1179 O  O   . HOH F 6 .   ? 5.867   -18.892 1.749   1.00 22.71 ? 2114 HOH A O   1 
HETATM 1180 O  O   . HOH F 6 .   ? 9.218   -7.658  -0.635  1.00 24.59 ? 2115 HOH A O   1 
HETATM 1181 O  O   . HOH F 6 .   ? 11.431  -10.299 1.453   1.00 37.38 ? 2116 HOH A O   1 
HETATM 1182 O  O   . HOH F 6 .   ? 9.602   -16.992 0.216   1.00 45.74 ? 2117 HOH A O   1 
HETATM 1183 O  O   . HOH F 6 .   ? 10.803  -11.608 6.869   1.00 41.25 ? 2118 HOH A O   1 
HETATM 1184 O  O   . HOH F 6 .   ? 9.260   -10.178 7.707   1.00 32.91 ? 2119 HOH A O   1 
HETATM 1185 O  O   . HOH F 6 .   ? 3.103   -7.071  12.730  1.00 23.88 ? 2120 HOH A O   1 
HETATM 1186 O  O   . HOH F 6 .   ? 5.838   -9.938  11.403  1.00 22.56 ? 2121 HOH A O   1 
HETATM 1187 O  O   . HOH F 6 .   ? 3.808   -13.748 12.029  1.00 21.87 ? 2122 HOH A O   1 
HETATM 1188 O  O   . HOH F 6 .   ? 7.727   -5.530  9.053   1.00 25.71 ? 2123 HOH A O   1 
HETATM 1189 O  O   . HOH F 6 .   ? 5.154   -2.852  6.851   1.00 14.92 ? 2124 HOH A O   1 
HETATM 1190 O  O   . HOH F 6 .   ? 3.274   -0.967  7.827   1.00 16.66 ? 2125 HOH A O   1 
HETATM 1191 O  O   . HOH F 6 .   ? 4.496   -2.699  15.014  1.00 25.79 ? 2126 HOH A O   1 
HETATM 1192 O  O   . HOH F 6 .   ? 7.816   2.238   14.025  1.00 33.21 ? 2127 HOH A O   1 
HETATM 1193 O  O   . HOH F 6 .   ? 3.990   3.125   16.893  1.00 35.84 ? 2128 HOH A O   1 
HETATM 1194 O  O   . HOH F 6 .   ? 8.501   -3.231  7.975   1.00 18.88 ? 2129 HOH A O   1 
HETATM 1195 O  O   . HOH F 6 .   ? 11.085  -3.439  8.822   1.00 35.44 ? 2130 HOH A O   1 
HETATM 1196 O  O   . HOH F 6 .   ? 7.920   3.951   8.919   1.00 12.89 ? 2131 HOH A O   1 
HETATM 1197 O  O   . HOH F 6 .   ? 13.790  0.664   6.829   1.00 32.64 ? 2132 HOH A O   1 
HETATM 1198 O  O   . HOH F 6 .   ? 8.250   -6.531  1.785   1.00 24.66 ? 2133 HOH A O   1 
HETATM 1199 O  O   . HOH F 6 .   ? 10.896  -4.260  -3.542  1.00 30.54 ? 2134 HOH A O   1 
HETATM 1200 O  O   . HOH F 6 .   ? 12.973  -0.573  -1.518  1.00 38.15 ? 2135 HOH A O   1 
HETATM 1201 O  O   . HOH F 6 .   ? 11.400  0.534   1.887   1.00 36.86 ? 2136 HOH A O   1 
HETATM 1202 O  O   . HOH F 6 .   ? 14.469  -1.722  2.620   1.00 39.09 ? 2137 HOH A O   1 
HETATM 1203 O  O   . HOH F 6 .   ? 13.636  2.120   -4.561  1.00 31.16 ? 2138 HOH A O   1 
HETATM 1204 O  O   . HOH F 6 .   ? 6.753   -7.058  -10.139 1.00 33.62 ? 2139 HOH A O   1 
HETATM 1205 O  O   . HOH F 6 .   ? 8.861   -11.123 -8.264  1.00 44.12 ? 2140 HOH A O   1 
HETATM 1206 O  O   . HOH F 6 .   ? 0.466   -3.747  -11.136 1.00 21.07 ? 2141 HOH A O   1 
HETATM 1207 O  O   . HOH F 6 .   ? 3.293   -1.881  -13.746 1.00 20.00 ? 2142 HOH A O   1 
HETATM 1208 O  O   . HOH F 6 .   ? -1.191  -5.920  -11.520 1.00 37.10 ? 2143 HOH A O   1 
HETATM 1209 O  O   . HOH F 6 .   ? -3.302  -6.307  -11.404 1.00 42.14 ? 2144 HOH A O   1 
HETATM 1210 O  O   . HOH F 6 .   ? -7.090  0.525   -16.322 1.00 33.00 ? 2145 HOH A O   1 
HETATM 1211 O  O   . HOH F 6 .   ? -7.492  -4.140  -4.975  1.00 28.10 ? 2146 HOH A O   1 
HETATM 1212 O  O   . HOH F 6 .   ? -10.986 7.522   -9.728  1.00 20.62 ? 2147 HOH A O   1 
HETATM 1213 O  O   . HOH F 6 .   ? -11.239 5.184   -12.650 1.00 35.72 ? 2148 HOH A O   1 
HETATM 1214 O  O   . HOH F 6 .   ? -11.702 2.615   -14.052 1.00 38.52 ? 2149 HOH A O   1 
HETATM 1215 O  O   . HOH F 6 .   ? -13.424 3.287   -12.048 1.00 43.31 ? 2150 HOH A O   1 
HETATM 1216 O  O   . HOH F 6 .   ? -13.767 8.652   -3.060  1.00 16.14 ? 2151 HOH A O   1 
HETATM 1217 O  O   . HOH F 6 .   ? -14.459 6.067   2.710   1.00 17.03 ? 2152 HOH A O   1 
HETATM 1218 O  O   . HOH F 6 .   ? -12.009 10.370  -4.449  1.00 23.00 ? 2153 HOH A O   1 
HETATM 1219 O  O   . HOH F 6 .   ? -11.241 10.028  -12.325 1.00 35.83 ? 2154 HOH A O   1 
HETATM 1220 O  O   . HOH F 6 .   ? -9.611  3.852   -15.538 1.00 24.34 ? 2155 HOH A O   1 
HETATM 1221 O  O   . HOH F 6 .   ? -4.401  12.097  -11.149 1.00 23.67 ? 2156 HOH A O   1 
HETATM 1222 O  O   . HOH F 6 .   ? -8.387  8.986   -14.888 1.00 23.50 ? 2157 HOH A O   1 
HETATM 1223 O  O   . HOH F 6 .   ? -6.770  13.744  -14.629 1.00 33.84 ? 2158 HOH A O   1 
HETATM 1224 O  O   . HOH F 6 .   ? -10.890 12.495  -13.704 1.00 39.67 ? 2159 HOH A O   1 
HETATM 1225 O  O   . HOH F 6 .   ? -8.080  12.628  -4.571  1.00 17.52 ? 2160 HOH A O   1 
HETATM 1226 O  O   . HOH F 6 .   ? -10.095 15.979  -7.989  1.00 21.60 ? 2161 HOH A O   1 
HETATM 1227 O  O   . HOH F 6 .   ? -8.122  15.423  -4.288  1.00 27.53 ? 2162 HOH A O   1 
HETATM 1228 O  O   . HOH F 6 .   ? -2.795  16.222  -8.747  1.00 24.57 ? 2163 HOH A O   1 
HETATM 1229 O  O   . HOH F 6 .   ? 0.029   23.381  -2.796  1.00 41.48 ? 2164 HOH A O   1 
HETATM 1230 O  O   . HOH F 6 .   ? -7.321  15.897  1.127   1.00 42.67 ? 2165 HOH A O   1 
HETATM 1231 O  O   . HOH F 6 .   ? 3.646   19.276  0.302   1.00 31.49 ? 2166 HOH A O   1 
HETATM 1232 O  O   . HOH F 6 .   ? -6.264  24.024  -0.726  1.00 59.57 ? 2167 HOH A O   1 
HETATM 1233 O  O   . HOH F 6 .   ? 2.114   21.993  -0.653  1.00 34.05 ? 2168 HOH A O   1 
HETATM 1234 O  O   . HOH F 6 .   ? 3.683   18.654  7.749   1.00 37.30 ? 2169 HOH A O   1 
HETATM 1235 O  O   . HOH F 6 .   ? 3.424   22.491  11.557  1.00 46.43 ? 2170 HOH A O   1 
HETATM 1236 O  O   . HOH F 6 .   ? 11.921  20.997  1.087   1.00 46.83 ? 2171 HOH A O   1 
# 
